data_6LCR
#
_entry.id   6LCR
#
_cell.length_a   1.00
_cell.length_b   1.00
_cell.length_c   1.00
_cell.angle_alpha   90.00
_cell.angle_beta   90.00
_cell.angle_gamma   90.00
#
_symmetry.space_group_name_H-M   'P 1'
#
loop_
_entity.id
_entity.type
_entity.pdbx_description
1 polymer 'Phospholipid-transporting ATPase'
2 polymer Cdc50
3 branched 2-acetamido-2-deoxy-beta-D-glucopyranose-(1-4)-2-acetamido-2-deoxy-beta-D-glucopyranose
4 branched beta-D-mannopyranose-(1-4)-2-acetamido-2-deoxy-beta-D-glucopyranose-(1-4)-2-acetamido-2-deoxy-beta-D-glucopyranose
5 non-polymer 'MAGNESIUM ION'
6 non-polymer 'PHOSPHOMETHYLPHOSPHONIC ACID ADENYLATE ESTER'
7 non-polymer O-[(R)-{[(2R)-2,3-bis(octadecanoyloxy)propyl]oxy}(hydroxy)phosphoryl]-L-serine
8 non-polymer 2-acetamido-2-deoxy-beta-D-glucopyranose
#
loop_
_entity_poly.entity_id
_entity_poly.type
_entity_poly.pdbx_seq_one_letter_code
_entity_poly.pdbx_strand_id
1 'polypeptide(L)'
;MAPPQEEGGGNGTELSMQRSRWATRRLTVKSGARKRLSLMTRAQAKNSATEKRQSGVTDDGSPAADGDQKEGSISSSNNG
GSAPRKLYFNLPLPPELKDEEGHPIQQFPRNKIRTAKYTPLSFIPKNLWFQFHNIANIFFLFLVILVIFPIFGGVNPGLN
SVPLIVIITVTAIKDAIEDYRRTILDIELNNAPVHRLQGWENVNVEKDNVSLWRRFKKANSRFFGSIWHLIERLWKEDAQ
SMRQRFASADPRMSIETRTAPWDPSHRRSVASHTEEIQMTPVPSPVPHDPDVPTVSSAIENEATLLQNLKGDLINHEIPV
SGKARFHKDAWKNLVVGDFVRIYNDDELPADIIILATSDPDGACYVETKNLDGETNLKVRQALRCGRTLKHARDCERAQF
VIESEPPQPNLYKYNGAIRWKQRVPWDPHGEPREMSEPIGIDNLLLRGCHLRNTEWALGVVVFTGHDTKIMMNAGITPSK
RARIARELNFNVICNFGILLIMCLIAAIANGIAWGKTDASLAWFEYGSIGGTPALTGFITFWAAVIVFQNLVPISLYISL
EIVRTLQAFFIYSDVGMYYEKIDQPCIPKSWNISDDVGQIEYIFSDKTGTLTQNVMEFKKATINGQPYGEAYTEAQAGMD
RRRGINVEEEAKVIREEIAAAKVRAIRGLRELHDNPYLHDEDMTFIAPDFVEDLAGKNGPEQQQATEHFMLALALCHTVV
AEKQPGDPPKMIFKAQSPDEAALVATARDMGFTVLGMSDGGINVNVMGKDMHFPVLSIIEFNSSRKRMSTIVRMPDGRIL
LFCKGADSVIYSRLKKGEQADMRRETAQHLEMFAVEGLRTLCIAERELSEEEYREWRREHDLAATALENREEKLEEVADK
IERDLTLLGGTAIEDRLQDGVPDTIALLADAGIKLWVLTGDKVETAINIGFSCNLLNNDMDLLRLQVNESDASTEDDYLQ
LAEEQLKTNLERFNMTGDDEELKRARKDHNAPSPTYALVIDGFTLRWVLSDSLKQKFLLLCKQCKSVLCCRVSPAQKAAV
VSMVKNGLDVMTLSIGDGANDVAMIQEADVGVGIAGEEGRQAVMSSDFAIGQFRFLQRLVLVHGRWSYRRLAETISNFFY
KNMIWTWSIFWYQCYCNFDIAYIFEYTYILMFNLFFTSVPVILMGVLDQDVSDTVSLAVPQLYRRGIERKEWTQTKFWLY
MIDGVYQSVMSFFIPFIFVVLTPTAAGNGLDVSERTRLGAYIAHPAVITINGYILINTYRWDWLMLLSIVLSDVFIFFWT
GVYTATTYSAGFYQAAPQVYQELTFWMCLIVTPALCLLPRLVVKCIQKQRFPYDVDIIREQANRGDFAAADAAAVAALGG
PERVEGESLGSLSSSGKGSGRSKKSKHQQYASVDEDRRPIYPPSIATHNTRAQNGSDGTTYIMQSRTSTELQQEMPFDRD
REEETPAVRPSIERTRPSYDRIRRSIDRVRPSFEASNDFTSAARLSRIESTHSSLGHTYSHQRESYAGESSGAQQGQEPG
QRRFNLATVRKRGLSAFSKKSIDTTEGEPPREPPM
;
A
2 'polypeptide(L)'
;MAPRRRRGAGQDGSDDGRSDSDAPKNRPPNTAFRQQRMRAWQCVLTPKLIVTVFSILAAIYLGFGAWLTYLAHTVRDLKI
DYTDCLTSAPKDDFETIPQNHITAHFSAKDSTFDPYKAQWKTTEREVQVANYTDNRQFCIVRFNIPEDLQPTISFFYYLE
NFYQNHRRYVNSFNAKQLLGDAVDGKTINDSTCDPITHDPKGTGKIVYPCGLVANSIFNDTFSSPLALAVRNSSDSSRPY
NMTTKGIAWPGLKDLYGKTSYSLDQIVPPPNWERRYKYGYQENNPPPDLKTDELFQNWMMLAAAPNFYKLYQKNDTHPML
AGQYEIEIESNFDVTVYKGRKAFVITTLSTMGSRNIWPGIIFLIVGGICLVLDIYFILSFFIWRPRKLGDPSYLSWNQPS
APGGHSS
;
B
#
loop_
_chem_comp.id
_chem_comp.type
_chem_comp.name
_chem_comp.formula
ACP non-polymer 'PHOSPHOMETHYLPHOSPHONIC ACID ADENYLATE ESTER' 'C11 H18 N5 O12 P3'
BMA D-saccharide, beta linking beta-D-mannopyranose 'C6 H12 O6'
MG non-polymer 'MAGNESIUM ION' 'Mg 2'
NAG D-saccharide, beta linking 2-acetamido-2-deoxy-beta-D-glucopyranose 'C8 H15 N O6'
P5S non-polymer O-[(R)-{[(2R)-2,3-bis(octadecanoyloxy)propyl]oxy}(hydroxy)phosphoryl]-L-serine 'C42 H82 N O10 P'
#
# COMPACT_ATOMS: atom_id res chain seq x y z
N GLY A 158 -3.14 25.18 15.82
CA GLY A 158 -2.74 24.76 14.49
C GLY A 158 -2.08 23.40 14.49
N LEU A 159 -1.58 23.01 15.66
CA LEU A 159 -0.80 21.77 15.78
C LEU A 159 -1.56 20.56 15.26
N ASN A 160 -2.89 20.55 15.40
CA ASN A 160 -3.69 19.46 14.87
C ASN A 160 -4.53 19.87 13.67
N SER A 161 -4.93 21.13 13.58
CA SER A 161 -5.77 21.55 12.46
C SER A 161 -5.01 21.58 11.15
N VAL A 162 -3.72 21.95 11.18
CA VAL A 162 -2.94 22.05 9.96
C VAL A 162 -2.58 20.67 9.42
N PRO A 163 -2.27 19.66 10.26
CA PRO A 163 -2.18 18.29 9.73
C PRO A 163 -3.49 17.78 9.16
N LEU A 164 -4.60 18.07 9.85
CA LEU A 164 -5.89 17.55 9.44
C LEU A 164 -6.46 18.22 8.19
N ILE A 165 -5.81 19.25 7.67
CA ILE A 165 -6.17 19.80 6.37
C ILE A 165 -5.20 19.38 5.28
N VAL A 166 -3.91 19.24 5.63
CA VAL A 166 -2.97 18.74 4.62
C VAL A 166 -3.26 17.28 4.32
N ILE A 167 -3.86 16.55 5.25
CA ILE A 167 -4.23 15.16 4.97
C ILE A 167 -5.28 15.11 3.86
N ILE A 168 -6.35 15.91 3.97
CA ILE A 168 -7.36 15.87 2.92
C ILE A 168 -6.81 16.49 1.64
N THR A 169 -5.88 17.44 1.74
CA THR A 169 -5.27 17.98 0.54
C THR A 169 -4.48 16.92 -0.20
N VAL A 170 -3.62 16.19 0.50
CA VAL A 170 -2.79 15.19 -0.17
C VAL A 170 -3.64 14.01 -0.62
N THR A 171 -4.76 13.72 0.07
CA THR A 171 -5.65 12.67 -0.42
C THR A 171 -6.29 13.07 -1.74
N ALA A 172 -6.78 14.32 -1.82
CA ALA A 172 -7.32 14.80 -3.09
C ALA A 172 -6.27 14.78 -4.18
N ILE A 173 -5.03 15.17 -3.85
CA ILE A 173 -3.97 15.22 -4.85
C ILE A 173 -3.62 13.81 -5.33
N LYS A 174 -3.63 12.84 -4.42
CA LYS A 174 -3.31 11.47 -4.81
C LYS A 174 -4.41 10.88 -5.69
N ASP A 175 -5.66 11.12 -5.34
CA ASP A 175 -6.76 10.74 -6.23
C ASP A 175 -6.57 11.36 -7.61
N ALA A 176 -6.18 12.65 -7.64
CA ALA A 176 -6.01 13.33 -8.92
C ALA A 176 -4.89 12.70 -9.75
N ILE A 177 -3.73 12.47 -9.13
CA ILE A 177 -2.58 11.96 -9.89
C ILE A 177 -2.81 10.50 -10.28
N GLU A 178 -3.60 9.77 -9.49
CA GLU A 178 -3.95 8.40 -9.86
C GLU A 178 -4.88 8.40 -11.06
N ASP A 179 -5.89 9.26 -11.07
CA ASP A 179 -6.71 9.43 -12.26
C ASP A 179 -5.85 9.82 -13.45
N TYR A 180 -4.85 10.67 -13.22
CA TYR A 180 -3.93 11.07 -14.29
C TYR A 180 -3.23 9.87 -14.89
N ARG A 181 -2.48 9.13 -14.09
CA ARG A 181 -1.71 7.98 -14.54
C ARG A 181 -2.58 6.75 -14.79
N ARG A 182 -3.91 6.87 -14.70
CA ARG A 182 -4.82 5.83 -15.15
C ARG A 182 -5.42 6.14 -16.51
N THR A 183 -6.09 7.29 -16.65
CA THR A 183 -6.76 7.61 -17.92
C THR A 183 -5.75 8.12 -18.95
N ILE A 184 -4.80 8.95 -18.53
CA ILE A 184 -3.76 9.51 -19.39
C ILE A 184 -4.36 10.16 -20.63
N ASN A 191 -12.12 16.29 -20.09
CA ASN A 191 -12.87 17.54 -20.00
C ASN A 191 -13.80 17.71 -21.19
N ALA A 192 -14.77 16.80 -21.30
CA ALA A 192 -15.73 16.85 -22.38
C ALA A 192 -16.53 18.15 -22.32
N PRO A 193 -17.08 18.59 -23.45
CA PRO A 193 -17.84 19.85 -23.49
C PRO A 193 -19.32 19.67 -23.22
N VAL A 194 -19.86 20.54 -22.37
CA VAL A 194 -21.29 20.59 -22.07
C VAL A 194 -21.69 22.05 -21.90
N HIS A 195 -22.75 22.48 -22.60
CA HIS A 195 -23.24 23.84 -22.41
C HIS A 195 -24.07 23.94 -21.13
N ARG A 196 -23.87 25.02 -20.38
CA ARG A 196 -24.42 25.17 -19.04
C ARG A 196 -24.64 26.65 -18.74
N LEU A 197 -25.39 26.90 -17.67
CA LEU A 197 -25.55 28.26 -17.11
C LEU A 197 -25.29 28.23 -15.61
N SER A 321 -26.85 28.57 -12.74
CA SER A 321 -27.66 29.42 -11.87
C SER A 321 -27.02 30.79 -11.64
N GLY A 322 -26.78 31.55 -12.71
CA GLY A 322 -26.21 32.86 -12.54
C GLY A 322 -25.25 33.33 -13.61
N LYS A 323 -24.82 32.43 -14.50
CA LYS A 323 -23.94 32.84 -15.59
C LYS A 323 -24.67 33.59 -16.70
N ALA A 324 -26.01 33.65 -16.63
CA ALA A 324 -26.85 34.42 -17.54
C ALA A 324 -26.75 33.95 -18.99
N ARG A 325 -26.14 32.79 -19.24
CA ARG A 325 -25.93 32.30 -20.60
C ARG A 325 -25.50 30.85 -20.54
N PHE A 326 -25.97 30.06 -21.50
CA PHE A 326 -25.51 28.69 -21.62
C PHE A 326 -24.12 28.65 -22.23
N HIS A 327 -23.13 29.20 -21.54
CA HIS A 327 -21.75 29.09 -21.99
C HIS A 327 -21.29 27.64 -21.89
N LYS A 328 -20.31 27.29 -22.72
CA LYS A 328 -19.72 25.96 -22.66
C LYS A 328 -18.85 25.82 -21.42
N ASP A 329 -18.87 24.62 -20.81
CA ASP A 329 -18.00 24.32 -19.69
C ASP A 329 -17.57 22.86 -19.77
N ALA A 330 -16.63 22.51 -18.90
CA ALA A 330 -15.97 21.21 -18.92
C ALA A 330 -16.36 20.39 -17.70
N TRP A 331 -16.09 19.08 -17.79
CA TRP A 331 -16.59 18.13 -16.80
C TRP A 331 -16.06 18.41 -15.40
N LYS A 332 -14.92 19.07 -15.27
CA LYS A 332 -14.43 19.39 -13.94
C LYS A 332 -15.10 20.62 -13.34
N ASN A 333 -16.19 21.10 -13.93
CA ASN A 333 -16.92 22.26 -13.46
C ASN A 333 -18.33 21.87 -12.99
N LEU A 334 -18.50 20.64 -12.54
CA LEU A 334 -19.81 20.03 -12.35
C LEU A 334 -20.30 20.22 -10.92
N VAL A 335 -21.52 20.73 -10.78
CA VAL A 335 -22.19 20.85 -9.49
C VAL A 335 -23.59 20.27 -9.60
N VAL A 336 -24.34 20.27 -8.49
CA VAL A 336 -25.66 19.65 -8.44
C VAL A 336 -26.75 20.70 -8.62
N GLY A 337 -27.66 20.44 -9.56
CA GLY A 337 -28.79 21.33 -9.79
C GLY A 337 -28.48 22.56 -10.62
N ASP A 338 -27.46 22.51 -11.48
CA ASP A 338 -27.07 23.65 -12.29
C ASP A 338 -27.51 23.48 -13.73
N PHE A 339 -27.86 24.61 -14.37
CA PHE A 339 -28.43 24.60 -15.70
C PHE A 339 -27.43 24.09 -16.74
N VAL A 340 -27.97 23.52 -17.81
CA VAL A 340 -27.17 22.82 -18.83
C VAL A 340 -27.88 22.98 -20.18
N ARG A 341 -27.09 23.03 -21.25
CA ARG A 341 -27.59 22.90 -22.62
C ARG A 341 -26.81 21.79 -23.31
N ILE A 342 -27.52 20.97 -24.10
CA ILE A 342 -26.91 19.80 -24.72
C ILE A 342 -27.34 19.72 -26.18
N TYR A 343 -26.38 19.84 -27.09
CA TYR A 343 -26.61 19.90 -28.53
C TYR A 343 -26.80 18.50 -29.10
N ASN A 344 -26.75 18.40 -30.43
CA ASN A 344 -26.93 17.11 -31.09
C ASN A 344 -25.78 16.16 -30.78
N ASP A 345 -26.13 14.89 -30.58
CA ASP A 345 -25.18 13.78 -30.43
C ASP A 345 -24.14 14.04 -29.35
N ASP A 346 -24.40 14.94 -28.42
CA ASP A 346 -23.43 15.20 -27.37
C ASP A 346 -23.26 13.97 -26.48
N GLU A 347 -22.07 13.86 -25.88
CA GLU A 347 -21.91 12.97 -24.74
C GLU A 347 -22.44 13.68 -23.50
N LEU A 348 -22.99 12.90 -22.56
CA LEU A 348 -23.58 13.57 -21.43
C LEU A 348 -22.67 13.50 -20.20
N PRO A 349 -22.67 14.53 -19.36
CA PRO A 349 -21.69 14.58 -18.27
C PRO A 349 -21.98 13.63 -17.12
N ALA A 350 -23.24 13.51 -16.72
CA ALA A 350 -23.60 12.74 -15.53
C ALA A 350 -25.09 12.42 -15.59
N ASP A 351 -25.65 11.95 -14.48
CA ASP A 351 -27.07 11.65 -14.44
C ASP A 351 -27.83 12.96 -14.45
N ILE A 352 -28.65 13.18 -15.49
CA ILE A 352 -29.25 14.48 -15.77
C ILE A 352 -30.77 14.36 -15.70
N ILE A 353 -31.45 15.43 -15.24
CA ILE A 353 -32.86 15.63 -15.58
C ILE A 353 -32.94 16.82 -16.53
N ILE A 354 -33.92 16.78 -17.43
CA ILE A 354 -34.22 17.86 -18.36
C ILE A 354 -35.59 18.43 -17.98
N LEU A 355 -35.87 19.65 -18.48
CA LEU A 355 -37.20 20.23 -18.34
C LEU A 355 -37.82 20.68 -19.66
N ALA A 356 -37.04 20.90 -20.72
CA ALA A 356 -37.62 21.34 -21.98
C ALA A 356 -36.58 21.17 -23.08
N THR A 357 -37.03 21.38 -24.31
CA THR A 357 -36.18 21.42 -25.49
C THR A 357 -36.97 22.06 -26.63
N SER A 358 -36.38 22.09 -27.82
CA SER A 358 -36.98 22.80 -28.94
C SER A 358 -38.09 21.98 -29.59
N ASP A 359 -37.79 20.71 -29.90
CA ASP A 359 -38.79 19.88 -30.56
C ASP A 359 -40.00 19.70 -29.68
N PRO A 360 -41.21 19.65 -30.24
CA PRO A 360 -42.41 19.43 -29.43
C PRO A 360 -42.32 18.11 -28.67
N ASP A 361 -43.16 18.00 -27.64
CA ASP A 361 -43.26 16.86 -26.72
C ASP A 361 -42.02 16.76 -25.82
N GLY A 362 -41.01 17.60 -26.02
CA GLY A 362 -39.82 17.52 -25.19
C GLY A 362 -39.02 16.25 -25.35
N ALA A 363 -39.09 15.62 -26.53
CA ALA A 363 -38.45 14.34 -26.73
C ALA A 363 -36.94 14.50 -26.96
N CYS A 364 -36.20 13.43 -26.64
CA CYS A 364 -34.77 13.37 -26.84
C CYS A 364 -34.38 11.93 -27.11
N TYR A 365 -33.46 11.71 -28.05
CA TYR A 365 -33.05 10.36 -28.43
C TYR A 365 -31.70 10.06 -27.79
N VAL A 366 -31.43 8.79 -27.50
CA VAL A 366 -30.14 8.41 -26.95
C VAL A 366 -29.65 7.13 -27.61
N GLU A 367 -28.37 7.15 -27.98
CA GLU A 367 -27.62 5.92 -28.28
C GLU A 367 -26.93 5.42 -27.01
N THR A 368 -27.02 4.11 -26.80
CA THR A 368 -26.62 3.48 -25.55
C THR A 368 -25.82 2.19 -25.76
N LYS A 369 -25.34 1.93 -26.98
CA LYS A 369 -24.54 0.74 -27.25
C LYS A 369 -23.32 0.64 -26.35
N ASN A 370 -22.76 1.76 -25.92
CA ASN A 370 -21.62 1.71 -25.04
C ASN A 370 -22.02 1.27 -23.63
N LEU A 371 -23.27 1.54 -23.23
CA LEU A 371 -23.73 1.30 -21.87
C LEU A 371 -24.65 0.09 -21.77
N ASP A 372 -25.77 0.09 -22.50
CA ASP A 372 -26.71 -1.01 -22.49
C ASP A 372 -26.65 -1.78 -23.81
N GLY A 373 -26.69 -3.11 -23.71
CA GLY A 373 -26.51 -3.97 -24.85
C GLY A 373 -27.58 -3.85 -25.92
N GLU A 374 -28.72 -3.24 -25.62
CA GLU A 374 -29.75 -3.02 -26.63
C GLU A 374 -29.40 -1.79 -27.46
N THR A 375 -29.67 -1.87 -28.76
CA THR A 375 -29.19 -0.89 -29.71
C THR A 375 -30.15 0.26 -29.98
N ASN A 376 -31.42 0.09 -29.67
CA ASN A 376 -32.44 1.05 -30.09
C ASN A 376 -32.16 2.44 -29.56
N LEU A 377 -32.48 3.45 -30.36
CA LEU A 377 -32.39 4.84 -29.93
C LEU A 377 -33.52 5.11 -28.94
N LYS A 378 -33.17 5.12 -27.65
CA LYS A 378 -34.19 5.23 -26.61
C LYS A 378 -34.64 6.67 -26.45
N VAL A 379 -35.95 6.85 -26.31
CA VAL A 379 -36.56 8.18 -26.33
C VAL A 379 -37.00 8.55 -24.93
N ARG A 380 -36.46 9.66 -24.42
CA ARG A 380 -36.97 10.30 -23.22
C ARG A 380 -37.85 11.47 -23.62
N GLN A 381 -38.63 11.95 -22.66
CA GLN A 381 -39.40 13.17 -22.83
C GLN A 381 -38.95 14.19 -21.79
N ALA A 382 -38.74 15.43 -22.23
CA ALA A 382 -38.50 16.51 -21.28
C ALA A 382 -39.75 16.76 -20.46
N LEU A 383 -39.56 17.01 -19.16
CA LEU A 383 -40.68 17.07 -18.25
C LEU A 383 -41.71 18.10 -18.71
N ARG A 384 -42.98 17.84 -18.39
CA ARG A 384 -44.10 18.55 -18.98
C ARG A 384 -44.20 20.00 -18.50
N CYS A 385 -44.38 20.19 -17.20
CA CYS A 385 -44.53 21.53 -16.63
C CYS A 385 -43.18 22.22 -16.63
N GLY A 386 -42.97 23.13 -17.57
CA GLY A 386 -41.66 23.73 -17.77
C GLY A 386 -41.18 23.54 -19.20
N ARG A 387 -42.12 23.39 -20.12
CA ARG A 387 -41.80 23.19 -21.53
C ARG A 387 -41.66 24.50 -22.31
N THR A 388 -41.65 25.64 -21.64
CA THR A 388 -41.64 26.94 -22.31
C THR A 388 -40.30 27.65 -22.24
N LEU A 389 -39.37 27.20 -21.38
CA LEU A 389 -38.07 27.85 -21.24
C LEU A 389 -37.25 27.55 -22.49
N LYS A 390 -36.94 28.59 -23.26
CA LYS A 390 -36.32 28.43 -24.57
C LYS A 390 -35.14 29.36 -24.85
N HIS A 391 -34.69 30.14 -23.87
CA HIS A 391 -33.84 31.29 -24.19
C HIS A 391 -32.48 31.16 -23.48
N ALA A 392 -31.67 32.22 -23.66
CA ALA A 392 -30.29 32.30 -23.21
C ALA A 392 -30.14 32.83 -21.78
N ARG A 393 -31.06 33.68 -21.33
CA ARG A 393 -31.13 34.09 -19.94
C ARG A 393 -32.48 33.79 -19.29
N ASP A 394 -33.48 33.37 -20.05
CA ASP A 394 -34.83 33.10 -19.54
C ASP A 394 -34.91 31.82 -18.73
N CYS A 395 -33.77 31.23 -18.40
CA CYS A 395 -33.75 29.99 -17.64
C CYS A 395 -33.84 30.22 -16.13
N GLU A 396 -33.56 31.43 -15.66
CA GLU A 396 -33.27 31.65 -14.24
C GLU A 396 -34.52 31.67 -13.36
N ARG A 397 -35.53 32.46 -13.73
CA ARG A 397 -36.59 32.79 -12.78
C ARG A 397 -37.44 31.59 -12.41
N ALA A 398 -37.73 30.72 -13.37
CA ALA A 398 -38.63 29.59 -13.12
C ALA A 398 -37.89 28.56 -12.27
N GLN A 399 -37.83 28.83 -10.97
CA GLN A 399 -37.25 27.87 -10.04
C GLN A 399 -38.21 26.71 -9.85
N PHE A 400 -37.68 25.49 -9.91
CA PHE A 400 -38.46 24.29 -9.72
C PHE A 400 -37.73 23.36 -8.75
N VAL A 401 -38.47 22.83 -7.79
CA VAL A 401 -37.86 22.01 -6.74
C VAL A 401 -37.63 20.60 -7.30
N ILE A 402 -36.51 20.01 -6.93
CA ILE A 402 -36.14 18.68 -7.40
C ILE A 402 -35.85 17.84 -6.16
N GLU A 403 -36.88 17.15 -5.67
CA GLU A 403 -36.75 16.25 -4.53
C GLU A 403 -36.48 14.86 -5.09
N SER A 404 -35.22 14.60 -5.43
CA SER A 404 -34.84 13.36 -6.08
C SER A 404 -34.52 12.31 -5.03
N GLU A 405 -34.21 11.10 -5.49
CA GLU A 405 -33.97 9.97 -4.64
C GLU A 405 -32.49 9.58 -4.63
N PRO A 406 -32.04 8.86 -3.62
CA PRO A 406 -30.61 8.48 -3.53
C PRO A 406 -30.23 7.54 -4.67
N PRO A 407 -28.96 7.08 -4.73
CA PRO A 407 -28.57 6.14 -5.78
C PRO A 407 -29.56 5.01 -5.99
N GLN A 408 -30.14 4.97 -7.18
CA GLN A 408 -31.09 3.94 -7.56
C GLN A 408 -30.45 3.11 -8.67
N PRO A 409 -29.29 2.50 -8.36
CA PRO A 409 -28.44 1.67 -9.23
C PRO A 409 -29.24 0.83 -10.23
N ASN A 410 -30.39 0.32 -9.82
CA ASN A 410 -31.22 -0.49 -10.70
C ASN A 410 -31.43 0.24 -12.02
N LEU A 411 -30.94 -0.36 -13.11
CA LEU A 411 -30.79 0.32 -14.39
C LEU A 411 -32.10 0.87 -14.94
N TYR A 412 -33.24 0.35 -14.50
CA TYR A 412 -34.54 0.82 -14.96
C TYR A 412 -35.39 1.29 -13.79
N LYS A 413 -34.79 2.08 -12.90
CA LYS A 413 -35.52 2.66 -11.78
C LYS A 413 -34.97 4.05 -11.47
N TYR A 414 -35.89 5.00 -11.34
CA TYR A 414 -35.59 6.36 -10.89
C TYR A 414 -36.92 7.07 -10.64
N ASN A 415 -36.97 7.89 -9.61
CA ASN A 415 -38.17 8.66 -9.29
C ASN A 415 -37.76 9.75 -8.29
N GLY A 416 -38.74 10.44 -7.74
CA GLY A 416 -38.49 11.50 -6.77
C GLY A 416 -39.70 12.34 -6.47
N GLY A 440 -39.66 6.47 -12.76
CA GLY A 440 -39.41 5.72 -13.97
C GLY A 440 -38.13 6.10 -14.70
N ILE A 441 -38.16 5.99 -16.03
CA ILE A 441 -36.99 6.28 -16.86
C ILE A 441 -37.25 7.41 -17.84
N ASP A 442 -38.45 7.99 -17.87
CA ASP A 442 -38.78 9.06 -18.79
C ASP A 442 -37.92 10.30 -18.60
N ASN A 443 -37.25 10.45 -17.45
CA ASN A 443 -36.38 11.58 -17.19
C ASN A 443 -34.91 11.19 -17.04
N LEU A 444 -34.60 9.89 -17.06
CA LEU A 444 -33.23 9.40 -16.84
C LEU A 444 -32.43 9.60 -18.12
N LEU A 445 -31.51 10.57 -18.11
CA LEU A 445 -30.52 10.70 -19.17
C LEU A 445 -29.22 10.06 -18.72
N LEU A 446 -28.75 9.10 -19.50
CA LEU A 446 -27.54 8.37 -19.18
C LEU A 446 -26.32 9.26 -19.41
N ARG A 447 -25.15 8.78 -18.99
CA ARG A 447 -23.93 9.56 -19.13
C ARG A 447 -23.22 9.27 -20.44
N GLY A 448 -22.81 8.02 -20.65
CA GLY A 448 -22.15 7.66 -21.89
C GLY A 448 -23.05 7.67 -23.11
N CYS A 449 -24.36 7.81 -22.92
CA CYS A 449 -25.28 7.85 -24.05
C CYS A 449 -25.07 9.11 -24.87
N HIS A 450 -25.56 9.09 -26.10
CA HIS A 450 -25.47 10.26 -26.98
C HIS A 450 -26.88 10.78 -27.27
N LEU A 451 -27.07 12.08 -27.01
CA LEU A 451 -28.38 12.74 -27.09
C LEU A 451 -28.59 13.32 -28.48
N ARG A 452 -29.66 12.89 -29.13
CA ARG A 452 -29.80 13.03 -30.57
C ARG A 452 -31.18 13.53 -30.98
N ASN A 453 -31.21 14.05 -32.21
CA ASN A 453 -32.40 14.54 -32.90
C ASN A 453 -33.04 15.68 -32.12
N THR A 454 -32.20 16.56 -31.58
CA THR A 454 -32.62 17.61 -30.68
C THR A 454 -31.73 18.82 -30.88
N GLU A 455 -32.35 19.94 -31.29
CA GLU A 455 -31.62 21.20 -31.46
C GLU A 455 -30.80 21.52 -30.22
N TRP A 456 -31.45 21.49 -29.06
CA TRP A 456 -30.78 21.70 -27.79
C TRP A 456 -31.54 20.96 -26.70
N ALA A 457 -31.05 21.04 -25.48
CA ALA A 457 -31.66 20.36 -24.35
C ALA A 457 -31.44 21.21 -23.10
N LEU A 458 -32.51 21.72 -22.52
CA LEU A 458 -32.43 22.57 -21.33
C LEU A 458 -32.06 21.69 -20.14
N GLY A 459 -30.78 21.33 -20.08
CA GLY A 459 -30.29 20.46 -19.04
C GLY A 459 -30.43 21.03 -17.66
N VAL A 460 -31.31 20.44 -16.86
CA VAL A 460 -31.31 20.63 -15.41
C VAL A 460 -31.19 19.24 -14.82
N VAL A 461 -29.95 18.79 -14.65
CA VAL A 461 -29.68 17.47 -14.10
C VAL A 461 -30.11 17.37 -12.64
N VAL A 462 -29.68 16.31 -11.97
CA VAL A 462 -30.01 16.10 -10.58
C VAL A 462 -28.82 15.53 -9.81
N PHE A 463 -27.87 14.97 -10.55
CA PHE A 463 -26.69 14.39 -9.93
C PHE A 463 -25.43 14.58 -10.79
N THR A 464 -24.28 14.34 -10.18
CA THR A 464 -22.99 14.46 -10.84
C THR A 464 -21.90 13.79 -10.02
N GLY A 465 -20.69 13.82 -10.55
CA GLY A 465 -19.59 13.14 -9.89
C GLY A 465 -19.79 11.64 -10.00
N HIS A 466 -19.58 10.94 -8.88
CA HIS A 466 -19.73 9.49 -8.84
C HIS A 466 -21.16 9.05 -8.54
N ASP A 467 -22.08 9.98 -8.30
CA ASP A 467 -23.43 9.59 -7.89
C ASP A 467 -24.27 9.16 -9.09
N THR A 468 -23.62 8.86 -10.21
CA THR A 468 -24.27 8.30 -11.38
C THR A 468 -23.99 6.81 -11.45
N LYS A 469 -24.99 6.04 -11.89
CA LYS A 469 -24.82 4.60 -12.02
C LYS A 469 -23.75 4.25 -13.05
N ILE A 470 -23.52 5.14 -14.01
CA ILE A 470 -22.58 4.86 -15.11
C ILE A 470 -21.18 4.65 -14.57
N MET A 471 -20.88 5.17 -13.39
CA MET A 471 -19.65 4.87 -12.68
C MET A 471 -19.86 4.00 -11.44
N MET A 472 -21.07 4.04 -10.86
CA MET A 472 -21.32 3.31 -9.61
C MET A 472 -21.33 1.80 -9.82
N ASN A 473 -21.86 1.32 -10.95
CA ASN A 473 -21.93 -0.11 -11.19
C ASN A 473 -20.58 -0.65 -11.64
N ALA A 474 -19.55 -0.42 -10.84
CA ALA A 474 -18.21 -0.87 -11.17
C ALA A 474 -17.37 -1.07 -9.90
N PRO A 478 -18.83 -2.48 -6.54
CA PRO A 478 -18.24 -3.64 -5.88
C PRO A 478 -16.81 -3.41 -5.43
N SER A 479 -16.57 -2.36 -4.66
CA SER A 479 -15.24 -2.05 -4.19
C SER A 479 -14.78 -3.10 -3.19
N LYS A 480 -13.74 -3.84 -3.53
CA LYS A 480 -13.16 -4.85 -2.65
C LYS A 480 -11.97 -4.27 -1.90
N ARG A 481 -11.61 -4.92 -0.82
CA ARG A 481 -10.51 -4.46 0.02
C ARG A 481 -9.64 -5.64 0.39
N ALA A 482 -8.33 -5.41 0.47
CA ALA A 482 -7.37 -6.48 0.69
C ALA A 482 -7.64 -7.20 1.99
N ARG A 483 -6.98 -8.34 2.17
CA ARG A 483 -7.22 -9.14 3.36
C ARG A 483 -6.63 -8.52 4.60
N ILE A 484 -5.47 -7.87 4.48
CA ILE A 484 -4.86 -7.22 5.64
C ILE A 484 -5.37 -5.80 5.85
N ALA A 485 -5.84 -5.14 4.80
CA ALA A 485 -6.56 -3.88 5.00
C ALA A 485 -7.86 -4.08 5.76
N ARG A 486 -8.22 -5.31 6.07
CA ARG A 486 -9.38 -5.61 6.92
C ARG A 486 -8.98 -6.15 8.28
N GLU A 487 -7.78 -6.72 8.40
CA GLU A 487 -7.26 -7.16 9.67
C GLU A 487 -6.34 -6.13 10.31
N LEU A 488 -6.29 -4.93 9.74
CA LEU A 488 -5.53 -3.82 10.33
C LEU A 488 -6.25 -3.19 11.50
N ASN A 489 -7.55 -3.43 11.65
CA ASN A 489 -8.29 -2.80 12.73
C ASN A 489 -7.77 -3.25 14.08
N PHE A 490 -7.34 -4.51 14.19
CA PHE A 490 -6.78 -4.98 15.45
C PHE A 490 -5.53 -4.19 15.83
N ASN A 491 -4.68 -3.91 14.86
CA ASN A 491 -3.45 -3.16 15.14
C ASN A 491 -3.75 -1.72 15.50
N VAL A 492 -4.65 -1.07 14.75
CA VAL A 492 -4.96 0.32 15.07
C VAL A 492 -5.63 0.43 16.43
N ILE A 493 -6.52 -0.51 16.75
CA ILE A 493 -7.20 -0.49 18.04
C ILE A 493 -6.23 -0.75 19.17
N CYS A 494 -5.23 -1.61 18.94
CA CYS A 494 -4.23 -1.81 19.98
C CYS A 494 -3.34 -0.58 20.14
N ASN A 495 -3.11 0.16 19.06
CA ASN A 495 -2.40 1.43 19.18
C ASN A 495 -3.17 2.40 20.06
N PHE A 496 -4.47 2.57 19.79
CA PHE A 496 -5.28 3.43 20.64
C PHE A 496 -5.31 2.92 22.07
N GLY A 497 -5.27 1.60 22.26
CA GLY A 497 -5.23 1.06 23.60
C GLY A 497 -3.98 1.48 24.35
N ILE A 498 -2.83 1.39 23.70
CA ILE A 498 -1.61 1.78 24.39
C ILE A 498 -1.56 3.29 24.58
N LEU A 499 -2.16 4.05 23.65
CA LEU A 499 -2.22 5.50 23.82
C LEU A 499 -3.06 5.89 25.03
N LEU A 500 -4.21 5.24 25.21
CA LEU A 500 -5.05 5.54 26.35
C LEU A 500 -4.43 5.04 27.64
N ILE A 501 -3.65 3.97 27.61
CA ILE A 501 -2.95 3.55 28.82
C ILE A 501 -1.92 4.59 29.24
N MET A 502 -1.14 5.11 28.27
CA MET A 502 -0.20 6.18 28.58
C MET A 502 -0.92 7.41 29.12
N CYS A 503 -2.04 7.79 28.49
CA CYS A 503 -2.75 8.99 28.93
C CYS A 503 -3.35 8.81 30.32
N LEU A 504 -3.80 7.60 30.67
CA LEU A 504 -4.31 7.38 32.01
C LEU A 504 -3.20 7.38 33.05
N ILE A 505 -2.03 6.85 32.70
CA ILE A 505 -0.89 6.98 33.61
C ILE A 505 -0.59 8.45 33.84
N ALA A 506 -0.59 9.25 32.77
CA ALA A 506 -0.33 10.67 32.91
C ALA A 506 -1.34 11.34 33.82
N ALA A 507 -2.63 11.03 33.64
CA ALA A 507 -3.66 11.66 34.47
C ALA A 507 -3.52 11.28 35.93
N ILE A 508 -3.49 9.98 36.22
CA ILE A 508 -3.43 9.53 37.61
C ILE A 508 -2.10 9.85 38.28
N ALA A 509 -1.07 10.20 37.53
CA ALA A 509 0.19 10.60 38.14
C ALA A 509 0.34 12.10 38.29
N ASN A 510 -0.18 12.88 37.34
CA ASN A 510 -0.17 14.32 37.49
C ASN A 510 -1.11 14.76 38.60
N GLY A 511 -2.29 14.14 38.69
CA GLY A 511 -3.20 14.48 39.77
C GLY A 511 -2.60 14.23 41.15
N ILE A 512 -1.80 13.18 41.29
CA ILE A 512 -1.13 12.94 42.56
C ILE A 512 -0.03 13.96 42.78
N ALA A 513 0.95 14.01 41.86
CA ALA A 513 2.09 14.90 42.02
C ALA A 513 1.70 16.37 42.11
N TRP A 514 0.46 16.70 41.77
CA TRP A 514 -0.06 18.05 41.95
C TRP A 514 -0.71 18.25 43.30
N GLY A 515 -0.96 17.19 44.05
CA GLY A 515 -1.59 17.31 45.35
C GLY A 515 -0.60 17.20 46.48
N LYS A 516 0.65 17.61 46.24
CA LYS A 516 1.68 17.48 47.26
C LYS A 516 1.81 18.71 48.15
N THR A 517 1.49 19.89 47.64
CA THR A 517 1.29 21.12 48.41
C THR A 517 2.51 21.54 49.23
N ASP A 518 3.62 20.81 49.12
CA ASP A 518 4.88 21.28 49.67
C ASP A 518 5.95 21.48 48.61
N ALA A 519 5.95 20.68 47.56
CA ALA A 519 7.00 20.75 46.55
C ALA A 519 6.99 22.10 45.86
N SER A 520 8.02 22.34 45.06
CA SER A 520 8.23 23.63 44.41
C SER A 520 7.08 24.05 43.53
N LEU A 521 6.07 23.20 43.38
CA LEU A 521 4.90 23.55 42.58
C LEU A 521 4.01 24.52 43.32
N ALA A 522 3.86 24.33 44.63
CA ALA A 522 2.92 25.14 45.41
C ALA A 522 3.37 26.58 45.49
N TRP A 523 4.66 26.82 45.71
CA TRP A 523 5.14 28.16 46.01
C TRP A 523 5.20 29.04 44.77
N PHE A 524 5.73 28.51 43.67
CA PHE A 524 6.05 29.34 42.52
C PHE A 524 5.03 29.26 41.40
N GLU A 525 4.11 28.29 41.44
CA GLU A 525 3.09 28.14 40.41
C GLU A 525 1.72 28.31 41.06
N TYR A 526 1.00 29.34 40.63
CA TYR A 526 -0.18 29.82 41.34
C TYR A 526 -1.40 28.97 40.96
N GLY A 527 -1.48 27.80 41.58
CA GLY A 527 -2.62 26.93 41.38
C GLY A 527 -2.42 25.91 40.26
N SER A 528 -3.49 25.58 39.56
CA SER A 528 -3.45 24.69 38.41
C SER A 528 -4.28 25.27 37.27
N ILE A 529 -4.43 24.49 36.20
CA ILE A 529 -5.31 24.88 35.11
C ILE A 529 -6.74 25.00 35.59
N GLY A 530 -7.24 23.98 36.30
CA GLY A 530 -8.50 24.06 36.99
C GLY A 530 -8.31 23.55 38.40
N GLY A 531 -8.55 24.39 39.41
CA GLY A 531 -8.15 24.02 40.74
C GLY A 531 -8.90 22.83 41.27
N THR A 532 -8.23 21.68 41.25
CA THR A 532 -8.60 20.42 41.89
C THR A 532 -7.48 19.44 41.57
N PRO A 533 -7.12 18.54 42.46
CA PRO A 533 -6.17 17.49 42.06
C PRO A 533 -6.77 16.57 41.01
N ALA A 534 -7.97 16.06 41.28
CA ALA A 534 -8.63 15.12 40.39
C ALA A 534 -9.24 15.77 39.16
N LEU A 535 -9.18 17.09 39.06
CA LEU A 535 -9.49 17.75 37.79
C LEU A 535 -8.24 18.17 37.04
N THR A 536 -7.17 18.50 37.76
CA THR A 536 -5.87 18.63 37.12
C THR A 536 -5.51 17.34 36.40
N GLY A 537 -5.78 16.21 37.03
CA GLY A 537 -5.56 14.93 36.36
C GLY A 537 -6.34 14.80 35.06
N PHE A 538 -7.59 15.26 35.05
CA PHE A 538 -8.44 15.10 33.87
C PHE A 538 -7.97 16.01 32.74
N ILE A 539 -7.61 17.25 33.05
CA ILE A 539 -7.06 18.11 32.02
C ILE A 539 -5.75 17.57 31.50
N THR A 540 -4.92 16.98 32.38
CA THR A 540 -3.69 16.34 31.91
C THR A 540 -4.00 15.18 30.99
N PHE A 541 -5.02 14.39 31.29
CA PHE A 541 -5.38 13.28 30.42
C PHE A 541 -5.70 13.78 29.02
N TRP A 542 -6.56 14.79 28.91
CA TRP A 542 -6.94 15.19 27.56
C TRP A 542 -5.80 15.90 26.84
N ALA A 543 -4.97 16.67 27.57
CA ALA A 543 -3.81 17.27 26.91
C ALA A 543 -2.80 16.22 26.48
N ALA A 544 -2.72 15.10 27.20
CA ALA A 544 -1.83 14.03 26.78
C ALA A 544 -2.36 13.35 25.52
N VAL A 545 -3.66 13.08 25.47
CA VAL A 545 -4.26 12.62 24.21
C VAL A 545 -3.90 13.56 23.07
N ILE A 546 -3.82 14.86 23.35
CA ILE A 546 -3.42 15.79 22.29
C ILE A 546 -1.94 15.66 21.97
N VAL A 547 -1.09 15.38 22.96
CA VAL A 547 0.36 15.44 22.78
C VAL A 547 0.91 14.13 22.23
N PHE A 548 0.30 13.00 22.56
CA PHE A 548 0.71 11.74 21.98
C PHE A 548 -0.07 11.54 20.69
N GLN A 549 -0.39 12.65 20.03
CA GLN A 549 -1.12 12.62 18.77
C GLN A 549 -0.43 11.75 17.73
N ASN A 550 0.90 11.75 17.71
CA ASN A 550 1.63 11.04 16.67
C ASN A 550 1.26 9.56 16.61
N LEU A 551 0.76 9.00 17.71
CA LEU A 551 0.24 7.64 17.72
C LEU A 551 -1.18 7.55 17.18
N VAL A 552 -1.66 8.56 16.48
CA VAL A 552 -2.89 8.47 15.71
C VAL A 552 -2.51 8.01 14.30
N PRO A 553 -2.98 6.87 13.84
CA PRO A 553 -2.62 6.36 12.51
C PRO A 553 -3.30 7.12 11.38
N ILE A 554 -3.79 8.32 11.64
CA ILE A 554 -4.33 9.22 10.61
C ILE A 554 -3.44 9.23 9.38
N SER A 555 -2.14 9.14 9.59
CA SER A 555 -1.18 9.14 8.50
C SER A 555 -0.81 7.74 8.02
N LEU A 556 -1.34 6.70 8.66
CA LEU A 556 -1.11 5.35 8.15
C LEU A 556 -1.89 5.11 6.88
N TYR A 557 -3.16 5.51 6.87
CA TYR A 557 -4.00 5.21 5.71
C TYR A 557 -3.61 6.03 4.49
N ILE A 558 -3.18 7.29 4.68
CA ILE A 558 -2.72 8.07 3.54
C ILE A 558 -1.34 7.63 3.07
N SER A 559 -0.61 6.87 3.88
CA SER A 559 0.64 6.29 3.42
C SER A 559 0.39 4.98 2.67
N LEU A 560 -0.52 4.15 3.18
CA LEU A 560 -0.85 2.90 2.50
C LEU A 560 -1.58 3.16 1.19
N GLU A 561 -2.43 4.16 1.14
CA GLU A 561 -3.07 4.51 -0.13
C GLU A 561 -2.02 4.85 -1.18
N ILE A 562 -0.98 5.58 -0.78
CA ILE A 562 0.06 5.98 -1.72
C ILE A 562 0.87 4.77 -2.17
N VAL A 563 1.30 3.93 -1.22
CA VAL A 563 2.10 2.78 -1.60
C VAL A 563 1.30 1.82 -2.48
N ARG A 564 -0.01 1.71 -2.25
CA ARG A 564 -0.84 0.81 -3.05
C ARG A 564 -1.07 1.35 -4.44
N THR A 565 -1.43 2.63 -4.56
CA THR A 565 -1.62 3.18 -5.90
C THR A 565 -0.32 3.18 -6.68
N LEU A 566 0.81 3.28 -6.00
CA LEU A 566 2.06 3.32 -6.75
C LEU A 566 2.51 1.91 -7.16
N GLN A 567 2.24 0.89 -6.35
CA GLN A 567 2.44 -0.49 -6.81
C GLN A 567 1.53 -0.82 -7.98
N ALA A 568 0.27 -0.39 -7.93
CA ALA A 568 -0.62 -0.65 -9.04
C ALA A 568 -0.16 0.06 -10.30
N PHE A 569 0.40 1.26 -10.17
CA PHE A 569 0.99 1.89 -11.35
C PHE A 569 2.19 1.10 -11.85
N PHE A 570 2.97 0.52 -10.93
CA PHE A 570 4.12 -0.28 -11.37
C PHE A 570 3.71 -1.53 -12.12
N ILE A 571 2.53 -2.08 -11.85
CA ILE A 571 2.11 -3.23 -12.66
C ILE A 571 1.34 -2.80 -13.91
N TYR A 572 0.76 -1.61 -13.92
CA TYR A 572 0.14 -1.15 -15.15
C TYR A 572 1.17 -0.83 -16.21
N SER A 573 2.33 -0.33 -15.82
CA SER A 573 3.35 0.11 -16.74
C SER A 573 4.35 -0.98 -17.10
N ASP A 574 4.09 -2.22 -16.71
CA ASP A 574 5.00 -3.30 -17.04
C ASP A 574 4.91 -3.61 -18.52
N VAL A 575 6.07 -3.74 -19.17
CA VAL A 575 6.10 -4.08 -20.58
C VAL A 575 6.17 -5.59 -20.79
N GLY A 576 6.57 -6.35 -19.78
CA GLY A 576 6.51 -7.80 -19.88
C GLY A 576 5.11 -8.37 -19.88
N MET A 577 4.11 -7.52 -19.65
CA MET A 577 2.70 -7.92 -19.64
C MET A 577 1.91 -7.10 -20.65
N TYR A 578 2.55 -6.72 -21.74
CA TYR A 578 1.91 -5.98 -22.82
C TYR A 578 1.71 -6.95 -23.98
N TYR A 579 0.46 -7.29 -24.24
CA TYR A 579 0.10 -8.19 -25.34
C TYR A 579 -0.09 -7.35 -26.59
N GLU A 580 0.81 -7.52 -27.56
CA GLU A 580 0.94 -6.56 -28.64
C GLU A 580 -0.27 -6.51 -29.56
N LYS A 581 -1.05 -7.58 -29.64
CA LYS A 581 -2.15 -7.63 -30.59
C LYS A 581 -3.32 -6.77 -30.14
N ILE A 582 -3.90 -7.11 -28.99
CA ILE A 582 -5.02 -6.36 -28.46
C ILE A 582 -4.63 -4.95 -28.02
N ASP A 583 -3.34 -4.67 -27.91
CA ASP A 583 -2.81 -3.34 -27.57
C ASP A 583 -3.37 -2.85 -26.23
N GLN A 584 -3.07 -3.60 -25.19
CA GLN A 584 -3.60 -3.27 -23.87
C GLN A 584 -2.72 -3.82 -22.77
N PRO A 585 -1.99 -2.97 -22.05
CA PRO A 585 -1.22 -3.45 -20.89
C PRO A 585 -2.14 -3.82 -19.74
N CYS A 586 -1.54 -4.41 -18.71
CA CYS A 586 -2.34 -4.99 -17.63
C CYS A 586 -2.98 -3.94 -16.75
N ILE A 587 -4.03 -3.28 -17.26
CA ILE A 587 -4.67 -2.17 -16.58
C ILE A 587 -5.33 -2.64 -15.28
N PRO A 588 -4.78 -2.32 -14.11
CA PRO A 588 -5.39 -2.78 -12.87
C PRO A 588 -6.57 -1.93 -12.47
N LYS A 589 -7.78 -2.44 -12.63
CA LYS A 589 -8.96 -1.68 -12.31
C LYS A 589 -9.27 -1.66 -10.81
N SER A 590 -8.53 -2.42 -10.01
CA SER A 590 -8.68 -2.43 -8.56
C SER A 590 -7.29 -2.28 -7.97
N TRP A 591 -6.91 -1.04 -7.64
CA TRP A 591 -5.56 -0.79 -7.18
C TRP A 591 -5.39 -1.14 -5.71
N ASN A 592 -6.46 -1.15 -4.93
CA ASN A 592 -6.38 -1.41 -3.50
C ASN A 592 -6.37 -2.89 -3.17
N ILE A 593 -6.00 -3.75 -4.11
CA ILE A 593 -6.04 -5.18 -3.88
C ILE A 593 -4.72 -5.80 -4.34
N SER A 594 -3.71 -4.95 -4.55
CA SER A 594 -2.45 -5.40 -5.12
C SER A 594 -1.69 -6.38 -4.23
N ASP A 595 -1.93 -6.37 -2.92
CA ASP A 595 -1.25 -7.32 -2.05
C ASP A 595 -2.03 -8.60 -1.86
N ASP A 596 -3.34 -8.56 -2.09
CA ASP A 596 -4.13 -9.79 -2.12
C ASP A 596 -3.57 -10.79 -3.12
N VAL A 597 -2.99 -10.30 -4.21
CA VAL A 597 -2.42 -11.18 -5.23
C VAL A 597 -1.27 -11.99 -4.68
N GLY A 598 -0.69 -11.57 -3.56
CA GLY A 598 0.43 -12.29 -2.99
C GLY A 598 0.06 -13.37 -2.00
N GLN A 599 -1.23 -13.64 -1.80
CA GLN A 599 -1.70 -14.61 -0.83
C GLN A 599 -2.62 -15.65 -1.44
N ILE A 600 -2.75 -15.70 -2.75
CA ILE A 600 -3.71 -16.58 -3.42
C ILE A 600 -3.37 -18.03 -3.14
N GLU A 601 -4.39 -18.85 -2.91
CA GLU A 601 -4.23 -20.30 -2.83
C GLU A 601 -4.99 -21.04 -3.91
N TYR A 602 -6.15 -20.55 -4.31
CA TYR A 602 -6.97 -21.22 -5.30
C TYR A 602 -7.07 -20.34 -6.54
N ILE A 603 -6.92 -20.95 -7.70
CA ILE A 603 -7.19 -20.29 -8.98
C ILE A 603 -8.29 -21.05 -9.68
N PHE A 604 -9.36 -20.36 -10.03
CA PHE A 604 -10.49 -20.94 -10.73
C PHE A 604 -10.43 -20.42 -12.15
N SER A 605 -10.05 -21.28 -13.08
CA SER A 605 -9.79 -20.86 -14.44
C SER A 605 -10.96 -21.19 -15.34
N ASP A 606 -10.76 -21.00 -16.63
CA ASP A 606 -11.75 -21.31 -17.64
C ASP A 606 -11.11 -22.30 -18.62
N LYS A 607 -11.83 -22.66 -19.66
CA LYS A 607 -11.28 -23.54 -20.67
C LYS A 607 -11.66 -23.09 -22.07
N THR A 608 -11.74 -21.78 -22.27
CA THR A 608 -11.90 -21.21 -23.60
C THR A 608 -11.67 -19.71 -23.52
N GLY A 609 -10.78 -19.18 -24.33
CA GLY A 609 -10.39 -17.80 -24.21
C GLY A 609 -9.34 -17.63 -23.14
N THR A 610 -9.41 -18.47 -22.09
CA THR A 610 -8.46 -18.41 -21.01
C THR A 610 -7.30 -19.37 -21.18
N LEU A 611 -7.59 -20.67 -21.16
CA LEU A 611 -6.54 -21.66 -21.31
C LEU A 611 -6.20 -21.88 -22.78
N THR A 612 -7.18 -21.75 -23.66
CA THR A 612 -7.02 -22.01 -25.08
C THR A 612 -7.13 -20.70 -25.87
N GLN A 613 -6.68 -20.76 -27.12
CA GLN A 613 -6.61 -19.55 -27.93
C GLN A 613 -7.97 -19.06 -28.39
N ASN A 614 -8.98 -19.91 -28.37
CA ASN A 614 -10.33 -19.58 -28.82
C ASN A 614 -10.37 -19.17 -30.29
N VAL A 615 -9.34 -19.51 -31.05
CA VAL A 615 -9.35 -19.39 -32.50
C VAL A 615 -9.36 -20.80 -33.07
N MET A 616 -10.50 -21.21 -33.60
CA MET A 616 -10.77 -22.61 -33.87
C MET A 616 -10.45 -22.96 -35.31
N GLU A 617 -9.71 -24.03 -35.49
CA GLU A 617 -9.36 -24.55 -36.81
C GLU A 617 -10.19 -25.78 -37.13
N PHE A 618 -10.48 -25.93 -38.41
CA PHE A 618 -11.25 -27.06 -38.94
C PHE A 618 -10.29 -28.22 -39.12
N LYS A 619 -10.39 -29.24 -38.27
CA LYS A 619 -9.37 -30.27 -38.21
C LYS A 619 -9.74 -31.53 -38.98
N LYS A 620 -10.94 -32.06 -38.77
CA LYS A 620 -11.34 -33.30 -39.41
C LYS A 620 -12.76 -33.17 -39.96
N ALA A 621 -13.05 -33.96 -40.99
CA ALA A 621 -14.38 -34.05 -41.55
C ALA A 621 -14.56 -35.41 -42.20
N THR A 622 -15.77 -35.95 -42.11
CA THR A 622 -16.09 -37.23 -42.71
C THR A 622 -17.40 -37.09 -43.46
N ILE A 623 -17.38 -37.44 -44.75
CA ILE A 623 -18.55 -37.31 -45.60
C ILE A 623 -18.74 -38.60 -46.39
N ASN A 624 -19.99 -39.05 -46.47
CA ASN A 624 -20.33 -40.33 -47.09
C ASN A 624 -19.49 -41.46 -46.49
N GLY A 625 -19.30 -41.41 -45.18
CA GLY A 625 -18.50 -42.39 -44.48
C GLY A 625 -17.01 -42.34 -44.77
N GLN A 626 -16.58 -41.52 -45.74
CA GLN A 626 -15.16 -41.38 -46.02
C GLN A 626 -14.59 -40.30 -45.13
N PRO A 627 -13.64 -40.62 -44.25
CA PRO A 627 -13.05 -39.59 -43.39
C PRO A 627 -11.76 -39.04 -43.95
N TYR A 628 -11.57 -37.72 -43.79
CA TYR A 628 -10.34 -37.04 -44.13
C TYR A 628 -9.81 -36.46 -42.83
N GLY A 629 -9.14 -37.28 -42.03
CA GLY A 629 -8.63 -36.77 -40.78
C GLY A 629 -7.28 -36.10 -40.94
N GLU A 630 -6.28 -36.91 -41.27
CA GLU A 630 -4.92 -36.47 -41.60
C GLU A 630 -4.48 -35.30 -40.72
N ALA A 631 -4.49 -35.54 -39.42
CA ALA A 631 -4.12 -34.48 -38.48
C ALA A 631 -3.87 -35.08 -37.11
N TYR A 632 -3.23 -34.28 -36.26
CA TYR A 632 -2.86 -34.72 -34.92
C TYR A 632 -3.03 -33.58 -33.95
N THR A 633 -3.48 -33.91 -32.74
CA THR A 633 -3.66 -32.95 -31.66
C THR A 633 -2.75 -33.31 -30.51
N GLU A 634 -2.55 -32.37 -29.59
CA GLU A 634 -1.62 -32.58 -28.51
C GLU A 634 -2.16 -33.52 -27.43
N ALA A 635 -3.49 -33.62 -27.28
CA ALA A 635 -4.08 -34.51 -26.30
C ALA A 635 -3.64 -35.94 -26.57
N GLN A 636 -3.97 -36.45 -27.75
CA GLN A 636 -3.54 -37.79 -28.12
C GLN A 636 -2.02 -37.91 -28.13
N ALA A 637 -1.30 -36.82 -28.42
CA ALA A 637 0.15 -36.84 -28.35
C ALA A 637 0.60 -37.30 -26.96
N GLY A 638 0.16 -36.58 -25.93
CA GLY A 638 0.47 -37.02 -24.58
C GLY A 638 -0.02 -38.43 -24.29
N MET A 639 -1.26 -38.72 -24.68
CA MET A 639 -1.86 -40.00 -24.31
C MET A 639 -1.03 -41.17 -24.82
N ASP A 640 -0.58 -41.11 -26.07
CA ASP A 640 0.16 -42.23 -26.62
C ASP A 640 1.62 -42.20 -26.19
N ARG A 641 2.25 -41.02 -26.24
CA ARG A 641 3.69 -40.98 -25.99
C ARG A 641 4.04 -41.24 -24.54
N ARG A 642 3.08 -41.09 -23.62
CA ARG A 642 3.42 -41.26 -22.21
C ARG A 642 3.69 -42.72 -21.83
N ARG A 643 3.37 -43.66 -22.72
CA ARG A 643 3.78 -45.04 -22.56
C ARG A 643 4.92 -45.34 -23.54
N GLY A 644 5.31 -46.62 -23.62
CA GLY A 644 6.48 -47.00 -24.40
C GLY A 644 6.30 -46.94 -25.90
N ILE A 645 5.06 -46.92 -26.39
CA ILE A 645 4.79 -46.88 -27.82
C ILE A 645 4.57 -45.43 -28.26
N ASN A 646 5.14 -45.07 -29.42
CA ASN A 646 4.98 -43.75 -30.01
C ASN A 646 5.45 -42.65 -29.06
N VAL A 647 6.57 -42.90 -28.37
CA VAL A 647 6.96 -42.02 -27.28
C VAL A 647 7.67 -40.76 -27.78
N GLU A 648 8.85 -40.91 -28.39
CA GLU A 648 9.63 -39.75 -28.80
C GLU A 648 9.92 -39.71 -30.29
N GLU A 649 10.46 -40.78 -30.86
CA GLU A 649 10.81 -40.77 -32.28
C GLU A 649 9.56 -40.67 -33.14
N GLU A 650 8.51 -41.40 -32.78
CA GLU A 650 7.25 -41.28 -33.50
C GLU A 650 6.59 -39.95 -33.19
N ALA A 651 6.82 -39.40 -31.99
CA ALA A 651 6.23 -38.10 -31.65
C ALA A 651 6.68 -37.03 -32.63
N LYS A 652 7.85 -37.17 -33.22
CA LYS A 652 8.35 -36.20 -34.21
C LYS A 652 8.07 -36.65 -35.63
N VAL A 653 8.25 -37.94 -35.94
CA VAL A 653 8.00 -38.36 -37.31
C VAL A 653 6.52 -38.31 -37.65
N ILE A 654 5.63 -38.26 -36.66
CA ILE A 654 4.21 -38.14 -36.99
C ILE A 654 3.93 -36.76 -37.55
N ARG A 655 4.45 -35.70 -36.90
CA ARG A 655 4.30 -34.37 -37.46
C ARG A 655 5.11 -34.21 -38.74
N GLU A 656 6.18 -34.99 -38.89
CA GLU A 656 6.90 -35.00 -40.16
C GLU A 656 6.01 -35.48 -41.30
N GLU A 657 5.35 -36.62 -41.10
CA GLU A 657 4.40 -37.12 -42.09
C GLU A 657 3.25 -36.14 -42.29
N ILE A 658 2.82 -35.48 -41.20
CA ILE A 658 1.77 -34.48 -41.32
C ILE A 658 2.21 -33.35 -42.24
N ALA A 659 3.43 -32.85 -42.06
CA ALA A 659 3.92 -31.77 -42.92
C ALA A 659 4.09 -32.24 -44.36
N ALA A 660 4.50 -33.49 -44.55
CA ALA A 660 4.56 -34.03 -45.90
C ALA A 660 3.18 -34.02 -46.56
N ALA A 661 2.16 -34.45 -45.82
CA ALA A 661 0.80 -34.41 -46.35
C ALA A 661 0.33 -32.98 -46.57
N LYS A 662 0.79 -32.04 -45.75
CA LYS A 662 0.51 -30.63 -45.99
C LYS A 662 1.05 -30.19 -47.34
N VAL A 663 2.30 -30.56 -47.63
CA VAL A 663 2.89 -30.18 -48.91
C VAL A 663 2.15 -30.84 -50.07
N ARG A 664 1.80 -32.12 -49.92
CA ARG A 664 1.10 -32.83 -50.98
C ARG A 664 -0.28 -32.22 -51.22
N ALA A 665 -0.97 -31.82 -50.14
CA ALA A 665 -2.28 -31.19 -50.29
C ALA A 665 -2.15 -29.78 -50.85
N ILE A 666 -1.05 -29.08 -50.56
CA ILE A 666 -0.79 -27.79 -51.20
C ILE A 666 -0.66 -27.99 -52.71
N ARG A 667 0.10 -29.00 -53.12
CA ARG A 667 0.20 -29.35 -54.53
C ARG A 667 -1.18 -29.61 -55.12
N GLY A 668 -1.95 -30.49 -54.47
CA GLY A 668 -3.27 -30.83 -54.98
C GLY A 668 -4.19 -29.63 -55.10
N LEU A 669 -4.11 -28.71 -54.13
CA LEU A 669 -4.94 -27.51 -54.18
C LEU A 669 -4.52 -26.61 -55.33
N ARG A 670 -3.21 -26.48 -55.54
CA ARG A 670 -2.73 -25.64 -56.64
C ARG A 670 -2.86 -26.32 -58.00
N GLU A 671 -3.28 -27.59 -58.04
CA GLU A 671 -3.72 -28.16 -59.31
C GLU A 671 -5.07 -27.60 -59.76
N LEU A 672 -5.77 -26.86 -58.89
CA LEU A 672 -7.10 -26.41 -59.21
C LEU A 672 -7.08 -25.04 -59.90
N HIS A 673 -8.26 -24.56 -60.27
CA HIS A 673 -8.41 -23.24 -60.85
C HIS A 673 -7.97 -22.17 -59.85
N ASP A 674 -7.59 -21.01 -60.39
CA ASP A 674 -7.00 -19.97 -59.57
C ASP A 674 -8.00 -19.45 -58.55
N ASN A 675 -7.67 -19.62 -57.27
CA ASN A 675 -8.37 -18.96 -56.17
C ASN A 675 -7.33 -18.16 -55.40
N PRO A 676 -7.27 -16.84 -55.59
CA PRO A 676 -6.18 -16.08 -54.98
C PRO A 676 -6.25 -16.05 -53.46
N TYR A 677 -7.43 -16.29 -52.88
CA TYR A 677 -7.58 -16.24 -51.44
C TYR A 677 -6.97 -17.44 -50.74
N LEU A 678 -6.45 -18.41 -51.48
CA LEU A 678 -5.76 -19.54 -50.89
C LEU A 678 -4.30 -19.20 -50.66
N HIS A 679 -3.88 -19.27 -49.40
CA HIS A 679 -2.52 -18.93 -48.99
C HIS A 679 -1.93 -20.09 -48.21
N ASP A 680 -0.64 -20.32 -48.42
CA ASP A 680 0.06 -21.38 -47.69
C ASP A 680 0.16 -21.03 -46.21
N GLU A 681 0.24 -22.07 -45.38
CA GLU A 681 0.33 -21.93 -43.93
C GLU A 681 -0.89 -21.21 -43.34
N ASP A 682 -2.01 -21.25 -44.06
CA ASP A 682 -3.28 -20.76 -43.53
C ASP A 682 -4.41 -21.75 -43.78
N MET A 683 -4.08 -23.02 -43.95
CA MET A 683 -5.05 -24.08 -44.21
C MET A 683 -4.87 -25.14 -43.13
N THR A 684 -5.97 -25.51 -42.47
CA THR A 684 -5.90 -26.40 -41.32
C THR A 684 -6.71 -27.67 -41.50
N PHE A 685 -7.41 -27.83 -42.61
CA PHE A 685 -8.10 -29.09 -42.93
C PHE A 685 -7.29 -29.92 -43.90
N ILE A 686 -5.97 -29.94 -43.72
CA ILE A 686 -5.05 -30.63 -44.63
C ILE A 686 -5.50 -32.06 -44.86
N ALA A 687 -5.77 -32.39 -46.11
CA ALA A 687 -6.20 -33.72 -46.49
C ALA A 687 -5.92 -33.93 -47.98
N PRO A 688 -4.78 -34.50 -48.34
CA PRO A 688 -4.57 -34.87 -49.75
C PRO A 688 -5.62 -35.83 -50.25
N ASP A 689 -6.28 -36.58 -49.35
CA ASP A 689 -7.42 -37.39 -49.75
C ASP A 689 -8.59 -36.52 -50.19
N PHE A 690 -8.86 -35.45 -49.45
CA PHE A 690 -9.92 -34.52 -49.84
C PHE A 690 -9.68 -33.97 -51.24
N VAL A 691 -8.50 -33.41 -51.48
CA VAL A 691 -8.27 -32.73 -52.76
C VAL A 691 -8.13 -33.76 -53.88
N GLU A 692 -7.59 -34.95 -53.57
CA GLU A 692 -7.50 -35.98 -54.59
C GLU A 692 -8.89 -36.49 -54.97
N ASP A 693 -9.84 -36.47 -54.04
CA ASP A 693 -11.19 -36.87 -54.39
C ASP A 693 -11.95 -35.78 -55.10
N LEU A 694 -11.76 -34.51 -54.72
CA LEU A 694 -12.48 -33.43 -55.39
C LEU A 694 -11.94 -33.18 -56.79
N ALA A 695 -10.66 -33.47 -57.02
CA ALA A 695 -10.09 -33.25 -58.35
C ALA A 695 -10.74 -34.15 -59.40
N GLY A 696 -11.22 -35.32 -59.00
CA GLY A 696 -11.84 -36.25 -59.92
C GLY A 696 -11.49 -37.69 -59.61
N LYS A 697 -10.42 -37.89 -58.85
CA LYS A 697 -9.89 -39.23 -58.63
C LYS A 697 -10.67 -39.95 -57.54
N ASN A 698 -10.88 -41.26 -57.75
CA ASN A 698 -11.43 -42.21 -56.79
C ASN A 698 -12.91 -42.03 -56.50
N GLY A 699 -13.65 -41.28 -57.32
CA GLY A 699 -15.08 -41.22 -57.14
C GLY A 699 -15.81 -40.37 -58.17
N PRO A 700 -16.84 -40.95 -58.80
CA PRO A 700 -17.71 -40.16 -59.67
C PRO A 700 -18.70 -39.30 -58.89
N GLU A 701 -19.33 -39.89 -57.87
CA GLU A 701 -20.30 -39.18 -57.06
C GLU A 701 -19.71 -38.74 -55.73
N GLN A 702 -18.67 -39.41 -55.25
CA GLN A 702 -17.97 -38.90 -54.08
C GLN A 702 -17.26 -37.60 -54.38
N GLN A 703 -16.80 -37.42 -55.62
CA GLN A 703 -16.41 -36.08 -56.04
C GLN A 703 -17.58 -35.12 -55.95
N GLN A 704 -18.76 -35.55 -56.40
CA GLN A 704 -19.94 -34.71 -56.29
C GLN A 704 -20.32 -34.49 -54.83
N ALA A 705 -20.14 -35.51 -53.99
CA ALA A 705 -20.37 -35.33 -52.56
C ALA A 705 -19.44 -34.27 -51.98
N THR A 706 -18.15 -34.33 -52.34
CA THR A 706 -17.20 -33.36 -51.83
C THR A 706 -17.47 -31.96 -52.37
N GLU A 707 -17.87 -31.84 -53.65
CA GLU A 707 -18.22 -30.53 -54.18
C GLU A 707 -19.43 -29.94 -53.47
N HIS A 708 -20.48 -30.74 -53.30
CA HIS A 708 -21.67 -30.26 -52.61
C HIS A 708 -21.36 -29.90 -51.16
N PHE A 709 -20.55 -30.73 -50.49
CA PHE A 709 -20.15 -30.44 -49.11
C PHE A 709 -19.36 -29.15 -49.02
N MET A 710 -18.41 -28.95 -49.94
CA MET A 710 -17.56 -27.79 -49.90
C MET A 710 -18.32 -26.52 -50.26
N LEU A 711 -19.34 -26.64 -51.11
CA LEU A 711 -20.21 -25.50 -51.37
C LEU A 711 -21.10 -25.20 -50.18
N ALA A 712 -21.61 -26.24 -49.52
CA ALA A 712 -22.43 -26.04 -48.33
C ALA A 712 -21.63 -25.35 -47.23
N LEU A 713 -20.37 -25.73 -47.05
CA LEU A 713 -19.50 -25.01 -46.14
C LEU A 713 -19.33 -23.55 -46.53
N ALA A 714 -19.72 -23.18 -47.74
CA ALA A 714 -19.65 -21.81 -48.22
C ALA A 714 -21.02 -21.17 -48.39
N LEU A 715 -22.09 -21.81 -47.89
CA LEU A 715 -23.47 -21.31 -47.97
C LEU A 715 -24.19 -21.30 -46.62
N CYS A 716 -23.91 -22.25 -45.74
CA CYS A 716 -24.75 -22.47 -44.57
C CYS A 716 -24.67 -21.36 -43.53
N HIS A 717 -23.92 -20.29 -43.79
CA HIS A 717 -23.54 -19.35 -42.75
C HIS A 717 -24.32 -18.04 -42.85
N THR A 718 -23.93 -17.07 -42.01
CA THR A 718 -24.27 -15.66 -42.16
C THR A 718 -23.02 -14.79 -42.12
N VAL A 719 -21.86 -15.40 -42.35
CA VAL A 719 -20.57 -14.73 -42.14
C VAL A 719 -20.40 -13.59 -43.14
N VAL A 720 -19.79 -12.50 -42.67
CA VAL A 720 -19.53 -11.34 -43.52
C VAL A 720 -18.06 -11.34 -43.92
N ALA A 721 -17.81 -10.79 -45.11
CA ALA A 721 -16.52 -10.90 -45.78
C ALA A 721 -15.74 -9.59 -45.67
N GLU A 722 -14.42 -9.70 -45.50
CA GLU A 722 -13.55 -8.54 -45.47
C GLU A 722 -12.26 -8.86 -46.22
N LYS A 723 -11.97 -8.08 -47.27
CA LYS A 723 -10.83 -8.36 -48.14
C LYS A 723 -9.63 -7.50 -47.78
N GLN A 724 -8.44 -8.04 -47.99
CA GLN A 724 -7.19 -7.32 -47.80
C GLN A 724 -6.49 -7.16 -49.15
N PRO A 725 -6.39 -5.95 -49.70
CA PRO A 725 -5.61 -5.75 -50.93
C PRO A 725 -4.12 -5.78 -50.67
N GLY A 726 -3.33 -5.47 -51.70
CA GLY A 726 -1.88 -5.44 -51.57
C GLY A 726 -1.25 -6.77 -51.93
N ASP A 727 -0.82 -7.53 -50.91
CA ASP A 727 -0.39 -8.91 -51.08
C ASP A 727 -1.53 -9.72 -51.68
N PRO A 728 -1.30 -10.96 -52.13
CA PRO A 728 -2.40 -11.80 -52.61
C PRO A 728 -3.59 -11.70 -51.68
N PRO A 729 -4.76 -11.35 -52.21
CA PRO A 729 -5.89 -11.01 -51.34
C PRO A 729 -6.42 -12.19 -50.55
N LYS A 730 -6.17 -12.18 -49.25
CA LYS A 730 -6.77 -13.14 -48.33
C LYS A 730 -7.93 -12.49 -47.61
N MET A 731 -9.08 -13.17 -47.58
CA MET A 731 -10.30 -12.64 -47.01
C MET A 731 -10.50 -13.19 -45.59
N ILE A 732 -10.79 -12.31 -44.65
CA ILE A 732 -11.22 -12.75 -43.34
C ILE A 732 -12.74 -12.85 -43.35
N PHE A 733 -13.24 -13.82 -42.62
CA PHE A 733 -14.66 -14.14 -42.55
C PHE A 733 -15.11 -13.95 -41.11
N LYS A 734 -15.77 -12.84 -40.83
CA LYS A 734 -16.16 -12.50 -39.47
C LYS A 734 -17.62 -12.83 -39.24
N ALA A 735 -17.92 -13.39 -38.07
CA ALA A 735 -19.29 -13.63 -37.67
C ALA A 735 -19.33 -13.58 -36.14
N GLN A 736 -20.48 -13.99 -35.59
CA GLN A 736 -20.68 -13.86 -34.15
C GLN A 736 -19.89 -14.88 -33.35
N SER A 737 -19.61 -16.05 -33.92
CA SER A 737 -19.04 -17.16 -33.16
C SER A 737 -17.76 -17.64 -33.82
N PRO A 738 -16.68 -17.84 -33.05
CA PRO A 738 -15.49 -18.49 -33.60
C PRO A 738 -15.70 -19.97 -33.89
N ASP A 739 -16.88 -20.50 -33.61
CA ASP A 739 -17.16 -21.92 -33.86
C ASP A 739 -17.53 -22.14 -35.33
N GLU A 740 -18.64 -21.52 -35.78
CA GLU A 740 -19.04 -21.70 -37.16
C GLU A 740 -18.13 -20.96 -38.13
N ALA A 741 -17.44 -19.92 -37.66
CA ALA A 741 -16.58 -19.16 -38.54
C ALA A 741 -15.47 -20.03 -39.13
N ALA A 742 -15.04 -21.06 -38.39
CA ALA A 742 -14.02 -21.96 -38.90
C ALA A 742 -14.51 -22.76 -40.09
N LEU A 743 -15.81 -23.10 -40.11
CA LEU A 743 -16.35 -23.87 -41.23
C LEU A 743 -16.21 -23.11 -42.54
N VAL A 744 -16.60 -21.84 -42.55
CA VAL A 744 -16.49 -21.07 -43.78
C VAL A 744 -15.06 -20.60 -44.03
N ALA A 745 -14.26 -20.44 -42.97
CA ALA A 745 -12.85 -20.12 -43.14
C ALA A 745 -12.11 -21.25 -43.83
N THR A 746 -12.51 -22.50 -43.57
CA THR A 746 -11.93 -23.60 -44.34
C THR A 746 -12.63 -23.79 -45.67
N ALA A 747 -13.90 -23.36 -45.78
CA ALA A 747 -14.55 -23.32 -47.08
C ALA A 747 -13.73 -22.50 -48.06
N ARG A 748 -13.30 -21.31 -47.63
CA ARG A 748 -12.41 -20.53 -48.50
C ARG A 748 -10.99 -21.09 -48.56
N ASP A 749 -10.65 -22.10 -47.75
CA ASP A 749 -9.29 -22.63 -47.76
C ASP A 749 -9.01 -23.61 -48.89
N MET A 750 -10.04 -24.15 -49.54
CA MET A 750 -9.83 -25.05 -50.67
C MET A 750 -10.55 -24.57 -51.93
N GLY A 751 -10.75 -23.26 -52.05
CA GLY A 751 -11.53 -22.69 -53.12
C GLY A 751 -12.82 -22.07 -52.60
N PHE A 752 -13.79 -21.98 -53.51
CA PHE A 752 -15.16 -21.58 -53.18
C PHE A 752 -15.20 -20.31 -52.33
N THR A 753 -14.31 -19.36 -52.63
CA THR A 753 -14.23 -18.14 -51.83
C THR A 753 -15.56 -17.39 -51.86
N VAL A 754 -15.96 -16.88 -50.70
CA VAL A 754 -17.27 -16.25 -50.52
C VAL A 754 -17.09 -14.74 -50.36
N LEU A 755 -17.98 -13.99 -50.99
CA LEU A 755 -18.05 -12.54 -50.85
C LEU A 755 -19.31 -12.15 -50.08
N GLY A 756 -19.57 -10.85 -50.01
CA GLY A 756 -20.66 -10.33 -49.21
C GLY A 756 -22.05 -10.82 -49.59
N MET A 757 -23.05 -10.38 -48.85
CA MET A 757 -24.44 -10.73 -49.10
C MET A 757 -24.91 -9.92 -50.31
N SER A 758 -24.59 -10.43 -51.50
CA SER A 758 -24.67 -9.65 -52.73
C SER A 758 -26.10 -9.41 -53.19
N ASP A 759 -26.88 -8.70 -52.36
CA ASP A 759 -28.18 -8.11 -52.69
C ASP A 759 -29.18 -9.14 -53.19
N GLY A 760 -28.76 -10.40 -53.28
CA GLY A 760 -29.65 -11.52 -53.48
C GLY A 760 -29.19 -12.69 -52.65
N GLY A 761 -28.03 -12.54 -52.03
CA GLY A 761 -27.38 -13.63 -51.32
C GLY A 761 -25.87 -13.60 -51.54
N ILE A 762 -25.16 -14.55 -50.96
CA ILE A 762 -23.70 -14.51 -51.01
C ILE A 762 -23.21 -15.05 -52.35
N ASN A 763 -21.99 -14.63 -52.71
CA ASN A 763 -21.38 -14.97 -54.00
C ASN A 763 -20.23 -15.93 -53.77
N VAL A 764 -20.31 -17.11 -54.38
CA VAL A 764 -19.30 -18.14 -54.22
C VAL A 764 -18.66 -18.39 -55.57
N ASN A 765 -17.33 -18.34 -55.63
CA ASN A 765 -16.62 -18.68 -56.86
C ASN A 765 -16.28 -20.18 -56.80
N VAL A 766 -17.25 -20.98 -57.26
CA VAL A 766 -17.11 -22.43 -57.21
C VAL A 766 -15.97 -22.85 -58.14
N MET A 767 -15.04 -23.63 -57.59
CA MET A 767 -13.74 -23.93 -58.22
C MET A 767 -13.18 -22.69 -58.92
N GLY A 768 -13.26 -21.56 -58.24
CA GLY A 768 -12.72 -20.31 -58.74
C GLY A 768 -13.58 -19.57 -59.75
N LYS A 769 -14.47 -20.26 -60.47
CA LYS A 769 -15.38 -19.60 -61.40
C LYS A 769 -16.64 -19.18 -60.64
N ASP A 770 -17.00 -17.91 -60.73
CA ASP A 770 -17.97 -17.32 -59.82
C ASP A 770 -19.39 -17.77 -60.13
N MET A 771 -20.25 -17.67 -59.11
CA MET A 771 -21.65 -18.01 -59.20
C MET A 771 -22.34 -17.39 -57.99
N HIS A 772 -23.64 -17.13 -58.14
CA HIS A 772 -24.43 -16.52 -57.08
C HIS A 772 -25.38 -17.54 -56.47
N PHE A 773 -25.67 -17.34 -55.18
CA PHE A 773 -26.59 -18.18 -54.43
C PHE A 773 -27.67 -17.30 -53.82
N PRO A 774 -28.90 -17.35 -54.30
CA PRO A 774 -29.97 -16.54 -53.71
C PRO A 774 -30.40 -17.10 -52.36
N VAL A 775 -30.02 -16.41 -51.29
CA VAL A 775 -30.35 -16.85 -49.94
C VAL A 775 -31.77 -16.38 -49.61
N LEU A 776 -32.68 -17.34 -49.45
CA LEU A 776 -34.07 -16.99 -49.14
C LEU A 776 -34.20 -16.53 -47.69
N SER A 777 -33.74 -17.33 -46.74
CA SER A 777 -33.86 -16.92 -45.34
C SER A 777 -32.82 -17.62 -44.49
N ILE A 778 -32.74 -17.18 -43.23
CA ILE A 778 -31.77 -17.69 -42.26
C ILE A 778 -32.47 -17.81 -40.92
N ILE A 779 -32.36 -18.98 -40.29
CA ILE A 779 -32.84 -19.18 -38.92
C ILE A 779 -31.58 -19.33 -38.07
N GLU A 780 -31.24 -18.27 -37.35
CA GLU A 780 -29.92 -18.16 -36.74
C GLU A 780 -29.83 -18.97 -35.45
N PHE A 781 -28.62 -19.44 -35.18
CA PHE A 781 -28.32 -20.19 -33.97
C PHE A 781 -28.59 -19.37 -32.71
N ASN A 782 -29.04 -20.06 -31.67
CA ASN A 782 -29.06 -19.53 -30.32
C ASN A 782 -28.66 -20.65 -29.38
N SER A 783 -28.15 -20.27 -28.20
CA SER A 783 -27.80 -21.25 -27.18
C SER A 783 -28.95 -22.21 -26.89
N SER A 784 -30.19 -21.78 -27.11
CA SER A 784 -31.35 -22.66 -27.02
C SER A 784 -31.60 -23.43 -28.30
N ARG A 785 -30.79 -23.23 -29.34
CA ARG A 785 -30.92 -23.99 -30.57
C ARG A 785 -29.83 -25.05 -30.72
N LYS A 786 -28.57 -24.67 -30.51
CA LYS A 786 -27.39 -25.50 -30.78
C LYS A 786 -27.26 -25.87 -32.25
N ARG A 787 -28.04 -25.24 -33.12
CA ARG A 787 -27.93 -25.44 -34.56
C ARG A 787 -28.35 -24.15 -35.23
N MET A 788 -28.04 -24.04 -36.52
CA MET A 788 -28.46 -22.90 -37.30
C MET A 788 -28.74 -23.35 -38.73
N SER A 789 -29.74 -22.74 -39.35
CA SER A 789 -30.22 -23.17 -40.65
C SER A 789 -30.19 -22.01 -41.64
N THR A 790 -29.97 -22.35 -42.91
CA THR A 790 -29.95 -21.38 -44.01
C THR A 790 -30.69 -21.98 -45.20
N ILE A 791 -31.72 -21.29 -45.67
CA ILE A 791 -32.50 -21.71 -46.83
C ILE A 791 -32.09 -20.85 -48.00
N VAL A 792 -31.51 -21.47 -49.03
CA VAL A 792 -30.88 -20.76 -50.14
C VAL A 792 -31.27 -21.43 -51.44
N ARG A 793 -31.29 -20.64 -52.52
CA ARG A 793 -31.61 -21.16 -53.84
C ARG A 793 -30.36 -21.73 -54.48
N MET A 794 -30.39 -23.02 -54.79
CA MET A 794 -29.26 -23.66 -55.45
C MET A 794 -29.09 -23.08 -56.85
N PRO A 795 -27.86 -22.89 -57.32
CA PRO A 795 -27.66 -22.19 -58.60
C PRO A 795 -28.38 -22.81 -59.78
N ASP A 796 -28.74 -24.09 -59.70
CA ASP A 796 -29.51 -24.74 -60.76
C ASP A 796 -30.99 -24.40 -60.71
N GLY A 797 -31.37 -23.38 -59.93
CA GLY A 797 -32.75 -22.91 -59.92
C GLY A 797 -33.55 -23.37 -58.71
N ARG A 798 -33.26 -24.57 -58.23
CA ARG A 798 -34.03 -25.12 -57.12
C ARG A 798 -33.58 -24.52 -55.79
N ILE A 799 -34.40 -24.75 -54.76
CA ILE A 799 -34.07 -24.28 -53.43
C ILE A 799 -33.59 -25.47 -52.60
N LEU A 800 -32.91 -25.16 -51.50
CA LEU A 800 -32.24 -26.15 -50.68
C LEU A 800 -32.08 -25.58 -49.29
N LEU A 801 -32.36 -26.40 -48.28
CA LEU A 801 -32.24 -26.00 -46.89
C LEU A 801 -31.05 -26.70 -46.26
N PHE A 802 -30.29 -25.97 -45.46
CA PHE A 802 -29.17 -26.52 -44.70
C PHE A 802 -29.38 -26.25 -43.22
N CYS A 803 -28.92 -27.17 -42.39
CA CYS A 803 -29.03 -27.03 -40.94
C CYS A 803 -27.80 -27.68 -40.32
N LYS A 804 -26.93 -26.89 -39.71
CA LYS A 804 -25.70 -27.39 -39.13
C LYS A 804 -25.73 -27.22 -37.62
N GLY A 805 -25.30 -28.26 -36.92
CA GLY A 805 -25.33 -28.21 -35.46
C GLY A 805 -24.71 -29.43 -34.83
N ALA A 806 -25.05 -29.64 -33.56
CA ALA A 806 -24.45 -30.69 -32.76
C ALA A 806 -25.08 -32.03 -33.12
N ASP A 807 -24.78 -33.06 -32.31
CA ASP A 807 -25.23 -34.42 -32.58
C ASP A 807 -26.61 -34.70 -32.01
N SER A 808 -26.84 -34.35 -30.75
CA SER A 808 -28.13 -34.66 -30.11
C SER A 808 -29.27 -33.83 -30.68
N VAL A 809 -28.98 -32.75 -31.39
CA VAL A 809 -30.01 -31.86 -31.90
C VAL A 809 -30.45 -32.25 -33.31
N ILE A 810 -29.50 -32.55 -34.20
CA ILE A 810 -29.88 -32.90 -35.56
C ILE A 810 -30.40 -34.33 -35.63
N TYR A 811 -29.80 -35.24 -34.85
CA TYR A 811 -30.08 -36.66 -35.05
C TYR A 811 -31.55 -37.00 -34.83
N SER A 812 -32.26 -36.23 -34.01
CA SER A 812 -33.69 -36.44 -33.90
C SER A 812 -34.43 -35.91 -35.12
N ARG A 813 -33.97 -34.81 -35.70
CA ARG A 813 -34.58 -34.25 -36.90
C ARG A 813 -33.90 -34.82 -38.14
N LEU A 814 -34.01 -36.14 -38.27
CA LEU A 814 -33.56 -36.85 -39.46
C LEU A 814 -34.69 -37.72 -39.98
N LYS A 815 -34.67 -37.99 -41.27
CA LYS A 815 -35.63 -38.94 -41.83
C LYS A 815 -35.32 -40.31 -41.26
N LYS A 816 -36.19 -40.81 -40.38
CA LYS A 816 -35.90 -42.03 -39.64
C LYS A 816 -35.77 -43.21 -40.60
N GLY A 817 -34.62 -43.88 -40.54
CA GLY A 817 -34.42 -45.10 -41.30
C GLY A 817 -33.94 -44.93 -42.72
N GLU A 818 -33.12 -43.91 -42.98
CA GLU A 818 -32.49 -43.75 -44.29
C GLU A 818 -31.01 -43.49 -44.13
N GLN A 819 -30.23 -44.00 -45.08
CA GLN A 819 -28.78 -43.84 -45.09
C GLN A 819 -28.15 -44.31 -43.79
N ALA A 820 -28.74 -45.34 -43.17
CA ALA A 820 -28.16 -45.90 -41.96
C ALA A 820 -26.78 -46.47 -42.21
N ASP A 821 -26.53 -46.94 -43.44
CA ASP A 821 -25.19 -47.40 -43.80
C ASP A 821 -24.16 -46.28 -43.65
N MET A 822 -24.57 -45.04 -43.94
CA MET A 822 -23.71 -43.87 -43.77
C MET A 822 -23.82 -43.27 -42.38
N ARG A 823 -25.01 -43.28 -41.80
CA ARG A 823 -25.20 -42.64 -40.50
C ARG A 823 -24.48 -43.42 -39.40
N ARG A 824 -24.59 -44.75 -39.42
CA ARG A 824 -23.97 -45.56 -38.38
C ARG A 824 -22.46 -45.58 -38.48
N GLU A 825 -21.87 -45.01 -39.53
CA GLU A 825 -20.43 -44.82 -39.56
C GLU A 825 -20.03 -43.37 -39.29
N THR A 826 -20.82 -42.39 -39.73
CA THR A 826 -20.49 -41.01 -39.38
C THR A 826 -20.68 -40.76 -37.89
N ALA A 827 -21.61 -41.48 -37.25
CA ALA A 827 -21.78 -41.32 -35.82
C ALA A 827 -20.59 -41.87 -35.05
N GLN A 828 -20.04 -43.02 -35.48
CA GLN A 828 -18.86 -43.55 -34.81
C GLN A 828 -17.62 -42.74 -35.14
N HIS A 829 -17.54 -42.17 -36.35
CA HIS A 829 -16.52 -41.19 -36.63
C HIS A 829 -16.62 -40.01 -35.66
N LEU A 830 -17.84 -39.57 -35.37
CA LEU A 830 -18.05 -38.51 -34.39
C LEU A 830 -17.58 -38.95 -33.01
N GLU A 831 -17.83 -40.21 -32.65
CA GLU A 831 -17.34 -40.71 -31.37
C GLU A 831 -15.83 -40.59 -31.30
N MET A 832 -15.14 -41.07 -32.35
CA MET A 832 -13.68 -40.99 -32.38
C MET A 832 -13.19 -39.54 -32.32
N PHE A 833 -13.85 -38.65 -33.06
CA PHE A 833 -13.55 -37.23 -33.00
C PHE A 833 -13.61 -36.74 -31.56
N ALA A 834 -14.79 -36.81 -30.96
CA ALA A 834 -15.00 -36.23 -29.64
C ALA A 834 -14.07 -36.82 -28.60
N VAL A 835 -13.74 -38.11 -28.71
CA VAL A 835 -12.82 -38.69 -27.74
C VAL A 835 -11.38 -38.29 -28.04
N GLU A 836 -11.09 -37.88 -29.28
CA GLU A 836 -9.74 -37.47 -29.63
C GLU A 836 -9.40 -36.06 -29.16
N GLY A 837 -10.39 -35.30 -28.67
CA GLY A 837 -10.12 -34.00 -28.08
C GLY A 837 -10.56 -32.81 -28.91
N LEU A 838 -11.71 -32.91 -29.54
CA LEU A 838 -12.26 -31.85 -30.36
C LEU A 838 -13.70 -31.55 -29.93
N ARG A 839 -14.35 -30.67 -30.68
CA ARG A 839 -15.78 -30.41 -30.54
C ARG A 839 -16.39 -30.43 -31.93
N THR A 840 -16.92 -31.58 -32.32
CA THR A 840 -17.32 -31.80 -33.71
C THR A 840 -18.67 -31.17 -34.00
N LEU A 841 -18.97 -31.04 -35.29
CA LEU A 841 -20.24 -30.55 -35.78
C LEU A 841 -20.73 -31.48 -36.88
N CYS A 842 -22.00 -31.31 -37.28
CA CYS A 842 -22.56 -32.05 -38.39
C CYS A 842 -23.45 -31.12 -39.21
N ILE A 843 -23.68 -31.52 -40.46
CA ILE A 843 -24.45 -30.73 -41.42
C ILE A 843 -25.52 -31.60 -42.03
N ALA A 844 -26.74 -31.07 -42.13
CA ALA A 844 -27.83 -31.73 -42.81
C ALA A 844 -28.38 -30.83 -43.91
N GLU A 845 -28.90 -31.45 -44.96
CA GLU A 845 -29.54 -30.75 -46.05
C GLU A 845 -30.92 -31.36 -46.29
N ARG A 846 -31.78 -30.59 -46.95
CA ARG A 846 -33.11 -31.04 -47.32
C ARG A 846 -33.54 -30.33 -48.59
N GLU A 847 -34.00 -31.11 -49.57
CA GLU A 847 -34.55 -30.59 -50.82
C GLU A 847 -35.95 -30.06 -50.52
N LEU A 848 -36.12 -28.75 -50.59
CA LEU A 848 -37.43 -28.15 -50.39
C LEU A 848 -38.11 -27.86 -51.72
N SER A 849 -39.41 -27.61 -51.65
CA SER A 849 -40.17 -27.10 -52.78
C SER A 849 -40.57 -25.64 -52.51
N GLU A 850 -41.11 -25.00 -53.54
CA GLU A 850 -41.54 -23.61 -53.39
C GLU A 850 -42.79 -23.49 -52.54
N GLU A 851 -43.78 -24.34 -52.80
CA GLU A 851 -45.01 -24.31 -52.01
C GLU A 851 -44.80 -24.79 -50.58
N GLU A 852 -43.92 -25.76 -50.37
CA GLU A 852 -43.64 -26.24 -49.02
C GLU A 852 -42.92 -25.17 -48.20
N TYR A 853 -41.88 -24.57 -48.78
CA TYR A 853 -41.20 -23.47 -48.10
C TYR A 853 -42.15 -22.31 -47.88
N ARG A 854 -43.11 -22.10 -48.78
CA ARG A 854 -44.07 -21.03 -48.60
C ARG A 854 -45.03 -21.30 -47.44
N GLU A 855 -45.55 -22.53 -47.35
CA GLU A 855 -46.46 -22.87 -46.26
C GLU A 855 -45.72 -22.98 -44.94
N TRP A 856 -44.40 -23.09 -44.96
CA TRP A 856 -43.65 -22.90 -43.72
C TRP A 856 -43.47 -21.41 -43.41
N ARG A 857 -43.10 -20.61 -44.42
CA ARG A 857 -42.77 -19.21 -44.19
C ARG A 857 -43.98 -18.42 -43.74
N ARG A 858 -45.16 -18.77 -44.23
CA ARG A 858 -46.36 -18.04 -43.83
C ARG A 858 -46.53 -18.10 -42.31
N GLU A 859 -46.41 -19.30 -41.74
CA GLU A 859 -46.57 -19.43 -40.30
C GLU A 859 -45.36 -18.87 -39.55
N HIS A 860 -44.15 -19.03 -40.10
CA HIS A 860 -42.98 -18.38 -39.51
C HIS A 860 -43.22 -16.90 -39.33
N ASP A 861 -43.75 -16.23 -40.36
CA ASP A 861 -43.95 -14.79 -40.27
C ASP A 861 -45.13 -14.44 -39.37
N LEU A 862 -46.25 -15.14 -39.51
CA LEU A 862 -47.43 -14.80 -38.71
C LEU A 862 -47.17 -15.01 -37.22
N ALA A 863 -46.31 -15.97 -36.86
CA ALA A 863 -45.89 -16.07 -35.48
C ALA A 863 -44.75 -15.11 -35.15
N ALA A 864 -43.98 -14.68 -36.15
CA ALA A 864 -42.92 -13.70 -35.93
C ALA A 864 -43.50 -12.30 -35.80
N THR A 865 -44.48 -11.97 -36.64
CA THR A 865 -45.17 -10.68 -36.52
C THR A 865 -45.87 -10.54 -35.17
N ALA A 866 -46.22 -11.65 -34.53
CA ALA A 866 -46.72 -11.61 -33.16
C ALA A 866 -45.68 -10.97 -32.26
N LEU A 867 -46.09 -9.93 -31.55
CA LEU A 867 -45.17 -9.20 -30.68
C LEU A 867 -44.96 -9.94 -29.36
N GLU A 868 -46.02 -10.48 -28.78
CA GLU A 868 -45.97 -11.15 -27.50
C GLU A 868 -45.65 -12.62 -27.66
N ASN A 869 -44.93 -13.17 -26.68
CA ASN A 869 -44.62 -14.60 -26.63
C ASN A 869 -43.94 -15.06 -27.92
N ARG A 870 -43.19 -14.15 -28.55
CA ARG A 870 -42.55 -14.47 -29.82
C ARG A 870 -41.50 -15.56 -29.67
N GLU A 871 -40.91 -15.69 -28.49
CA GLU A 871 -39.79 -16.63 -28.29
C GLU A 871 -40.25 -18.07 -28.45
N GLU A 872 -41.48 -18.38 -28.05
CA GLU A 872 -41.99 -19.75 -28.12
C GLU A 872 -42.95 -19.98 -29.28
N LYS A 873 -43.20 -18.97 -30.12
CA LYS A 873 -44.03 -19.15 -31.30
C LYS A 873 -43.21 -19.51 -32.53
N LEU A 874 -42.04 -18.90 -32.68
CA LEU A 874 -41.16 -19.26 -33.78
C LEU A 874 -40.50 -20.61 -33.59
N GLU A 875 -40.34 -21.06 -32.34
CA GLU A 875 -39.86 -22.43 -32.13
C GLU A 875 -40.89 -23.45 -32.61
N GLU A 876 -42.17 -23.10 -32.52
CA GLU A 876 -43.21 -23.98 -33.05
C GLU A 876 -43.25 -23.92 -34.56
N VAL A 877 -43.46 -22.72 -35.11
CA VAL A 877 -43.72 -22.63 -36.54
C VAL A 877 -42.47 -22.81 -37.39
N ALA A 878 -41.28 -22.63 -36.82
CA ALA A 878 -40.06 -22.95 -37.55
C ALA A 878 -39.78 -24.44 -37.53
N ASP A 879 -40.30 -25.15 -36.54
CA ASP A 879 -40.11 -26.59 -36.44
C ASP A 879 -40.91 -27.35 -37.48
N LYS A 880 -41.82 -26.69 -38.17
CA LYS A 880 -42.67 -27.31 -39.17
C LYS A 880 -41.95 -27.61 -40.49
N ILE A 881 -40.66 -27.30 -40.58
CA ILE A 881 -39.87 -27.55 -41.78
C ILE A 881 -38.59 -28.28 -41.40
N GLU A 882 -38.27 -28.29 -40.11
CA GLU A 882 -37.01 -28.83 -39.64
C GLU A 882 -37.09 -30.31 -39.25
N ARG A 883 -38.28 -30.91 -39.28
CA ARG A 883 -38.40 -32.32 -38.91
C ARG A 883 -37.66 -33.22 -39.90
N ASP A 884 -37.56 -32.80 -41.17
CA ASP A 884 -37.01 -33.63 -42.23
C ASP A 884 -35.65 -33.09 -42.63
N LEU A 885 -34.59 -33.84 -42.32
CA LEU A 885 -33.24 -33.48 -42.75
C LEU A 885 -32.46 -34.77 -43.03
N THR A 886 -31.46 -34.67 -43.92
CA THR A 886 -30.59 -35.81 -44.20
C THR A 886 -29.14 -35.35 -44.18
N LEU A 887 -28.27 -36.21 -43.63
CA LEU A 887 -26.89 -35.80 -43.37
C LEU A 887 -26.10 -35.64 -44.65
N LEU A 888 -25.23 -34.62 -44.67
CA LEU A 888 -24.20 -34.49 -45.68
C LEU A 888 -22.83 -34.97 -45.18
N GLY A 889 -22.61 -34.93 -43.87
CA GLY A 889 -21.38 -35.44 -43.31
C GLY A 889 -21.14 -34.89 -41.92
N GLY A 890 -19.99 -35.28 -41.37
CA GLY A 890 -19.60 -34.83 -40.05
C GLY A 890 -18.22 -34.22 -40.07
N THR A 891 -18.01 -33.28 -39.15
CA THR A 891 -16.81 -32.45 -39.13
C THR A 891 -16.04 -32.59 -37.82
N ALA A 892 -15.05 -31.72 -37.61
CA ALA A 892 -14.33 -31.66 -36.34
C ALA A 892 -13.64 -30.31 -36.21
N ILE A 893 -13.72 -29.73 -35.02
CA ILE A 893 -13.18 -28.40 -34.74
C ILE A 893 -12.21 -28.53 -33.57
N GLU A 894 -10.99 -28.04 -33.76
CA GLU A 894 -10.03 -27.93 -32.67
C GLU A 894 -9.83 -26.47 -32.30
N ASP A 895 -9.42 -26.22 -31.05
CA ASP A 895 -8.99 -24.91 -30.62
C ASP A 895 -7.63 -25.06 -29.96
N ARG A 896 -6.61 -24.45 -30.56
CA ARG A 896 -5.24 -24.64 -30.12
C ARG A 896 -5.06 -24.24 -28.66
N LEU A 897 -4.35 -25.06 -27.91
CA LEU A 897 -3.91 -24.62 -26.60
C LEU A 897 -3.04 -23.38 -26.75
N GLN A 898 -3.21 -22.45 -25.84
CA GLN A 898 -2.55 -21.16 -25.92
C GLN A 898 -1.04 -21.34 -25.80
N ASP A 899 -0.29 -20.35 -26.28
CA ASP A 899 1.17 -20.42 -26.34
C ASP A 899 1.74 -19.89 -25.03
N GLY A 900 2.18 -20.81 -24.17
CA GLY A 900 2.74 -20.46 -22.89
C GLY A 900 1.95 -20.91 -21.70
N VAL A 901 0.86 -21.65 -21.89
CA VAL A 901 0.06 -22.19 -20.80
C VAL A 901 0.70 -23.44 -20.18
N PRO A 902 1.17 -24.42 -20.96
CA PRO A 902 1.77 -25.61 -20.34
C PRO A 902 2.92 -25.29 -19.41
N ASP A 903 3.47 -24.09 -19.47
CA ASP A 903 4.49 -23.65 -18.53
C ASP A 903 3.91 -22.81 -17.40
N THR A 904 2.95 -21.94 -17.69
CA THR A 904 2.32 -21.17 -16.63
C THR A 904 1.67 -22.06 -15.60
N ILE A 905 1.06 -23.16 -16.04
CA ILE A 905 0.37 -24.03 -15.09
C ILE A 905 1.35 -24.82 -14.25
N ALA A 906 2.43 -25.32 -14.86
CA ALA A 906 3.46 -26.00 -14.09
C ALA A 906 4.11 -25.04 -13.10
N LEU A 907 4.25 -23.77 -13.48
CA LEU A 907 4.87 -22.79 -12.61
C LEU A 907 3.97 -22.46 -11.42
N LEU A 908 2.70 -22.15 -11.70
CA LEU A 908 1.74 -21.89 -10.64
C LEU A 908 1.64 -23.08 -9.70
N ALA A 909 1.24 -24.24 -10.20
CA ALA A 909 1.19 -25.42 -9.36
C ALA A 909 2.51 -25.72 -8.67
N ASP A 910 3.62 -25.14 -9.15
CA ASP A 910 4.88 -25.27 -8.42
C ASP A 910 4.98 -24.28 -7.27
N ALA A 911 4.39 -23.09 -7.41
CA ALA A 911 4.40 -22.12 -6.32
C ALA A 911 3.63 -22.60 -5.11
N GLY A 912 2.81 -23.64 -5.27
CA GLY A 912 2.05 -24.20 -4.18
C GLY A 912 0.56 -23.97 -4.26
N ILE A 913 0.09 -23.11 -5.14
CA ILE A 913 -1.33 -22.80 -5.19
C ILE A 913 -2.06 -23.89 -5.96
N LYS A 914 -3.36 -23.97 -5.74
CA LYS A 914 -4.19 -25.02 -6.31
C LYS A 914 -4.94 -24.50 -7.52
N LEU A 915 -5.07 -25.36 -8.53
CA LEU A 915 -5.63 -24.98 -9.82
C LEU A 915 -6.92 -25.74 -10.06
N TRP A 916 -8.00 -25.00 -10.31
CA TRP A 916 -9.30 -25.58 -10.59
C TRP A 916 -9.73 -25.15 -11.99
N VAL A 917 -10.12 -26.09 -12.83
CA VAL A 917 -10.51 -25.72 -14.18
C VAL A 917 -11.99 -25.96 -14.37
N LEU A 918 -12.79 -24.91 -14.13
CA LEU A 918 -14.23 -25.00 -14.32
C LEU A 918 -14.51 -24.93 -15.82
N THR A 919 -14.27 -26.05 -16.48
CA THR A 919 -14.47 -26.13 -17.93
C THR A 919 -15.93 -26.37 -18.26
N GLY A 920 -16.41 -25.68 -19.28
CA GLY A 920 -17.75 -25.89 -19.79
C GLY A 920 -17.83 -26.92 -20.89
N ASP A 921 -16.75 -27.65 -21.15
CA ASP A 921 -16.68 -28.58 -22.26
C ASP A 921 -17.02 -29.98 -21.76
N LYS A 922 -16.81 -30.99 -22.60
CA LYS A 922 -17.11 -32.36 -22.22
C LYS A 922 -16.09 -32.84 -21.18
N VAL A 923 -16.24 -34.10 -20.78
CA VAL A 923 -15.42 -34.61 -19.68
C VAL A 923 -14.12 -35.25 -20.17
N GLU A 924 -14.17 -36.05 -21.23
CA GLU A 924 -12.95 -36.73 -21.66
C GLU A 924 -12.00 -35.78 -22.36
N THR A 925 -12.53 -34.87 -23.17
CA THR A 925 -11.69 -33.78 -23.68
C THR A 925 -11.07 -32.99 -22.53
N ALA A 926 -11.82 -32.81 -21.45
CA ALA A 926 -11.30 -32.07 -20.31
C ALA A 926 -10.13 -32.81 -19.67
N ILE A 927 -10.29 -34.12 -19.43
CA ILE A 927 -9.21 -34.87 -18.81
C ILE A 927 -7.98 -34.88 -19.70
N ASN A 928 -8.17 -35.09 -21.00
CA ASN A 928 -7.01 -35.22 -21.88
C ASN A 928 -6.30 -33.88 -22.06
N ILE A 929 -7.06 -32.80 -22.22
CA ILE A 929 -6.44 -31.48 -22.34
C ILE A 929 -5.99 -30.93 -20.99
N GLY A 930 -6.31 -31.61 -19.89
CA GLY A 930 -5.72 -31.28 -18.61
C GLY A 930 -4.43 -32.03 -18.42
N PHE A 931 -4.33 -33.21 -19.01
CA PHE A 931 -3.03 -33.88 -19.10
C PHE A 931 -2.08 -33.11 -20.00
N SER A 932 -2.59 -32.61 -21.12
CA SER A 932 -1.74 -31.95 -22.11
C SER A 932 -1.22 -30.60 -21.65
N CYS A 933 -1.93 -29.92 -20.74
CA CYS A 933 -1.51 -28.63 -20.24
C CYS A 933 -0.75 -28.74 -18.93
N ASN A 934 -0.05 -29.85 -18.72
CA ASN A 934 0.81 -30.08 -17.57
C ASN A 934 0.06 -30.00 -16.25
N LEU A 935 -1.27 -29.94 -16.28
CA LEU A 935 -2.03 -29.84 -15.05
C LEU A 935 -2.08 -31.16 -14.31
N LEU A 936 -2.13 -32.26 -15.04
CA LEU A 936 -2.12 -33.60 -14.49
C LEU A 936 -0.81 -34.29 -14.81
N ASN A 937 -0.55 -35.39 -14.12
CA ASN A 937 0.71 -36.12 -14.27
C ASN A 937 0.38 -37.61 -14.39
N ASN A 938 1.40 -38.44 -14.29
CA ASN A 938 1.20 -39.89 -14.23
C ASN A 938 1.15 -40.41 -12.81
N ASP A 939 1.73 -39.69 -11.85
CA ASP A 939 1.60 -40.06 -10.44
C ASP A 939 0.34 -39.52 -9.80
N MET A 940 -0.34 -38.58 -10.44
CA MET A 940 -1.58 -38.04 -9.89
C MET A 940 -2.71 -39.05 -10.05
N ASP A 941 -2.91 -39.88 -9.02
CA ASP A 941 -3.91 -40.95 -9.07
C ASP A 941 -5.28 -40.31 -8.93
N LEU A 942 -5.76 -39.72 -10.02
CA LEU A 942 -6.99 -38.96 -9.98
C LEU A 942 -8.15 -39.84 -9.53
N LEU A 943 -8.99 -39.29 -8.66
CA LEU A 943 -10.17 -39.96 -8.17
C LEU A 943 -11.39 -39.19 -8.62
N ARG A 944 -12.41 -39.90 -9.09
CA ARG A 944 -13.52 -39.30 -9.79
C ARG A 944 -14.79 -39.39 -8.97
N LEU A 945 -15.59 -38.33 -9.03
CA LEU A 945 -16.90 -38.26 -8.38
C LEU A 945 -17.96 -38.24 -9.47
N GLN A 946 -18.79 -39.28 -9.51
CA GLN A 946 -19.82 -39.35 -10.54
C GLN A 946 -21.04 -40.08 -10.00
N VAL A 947 -22.18 -39.40 -9.98
CA VAL A 947 -23.47 -40.04 -9.76
C VAL A 947 -24.14 -40.16 -11.11
N ASN A 948 -24.71 -41.32 -11.39
CA ASN A 948 -25.23 -41.64 -12.70
C ASN A 948 -26.74 -41.39 -12.76
N GLU A 949 -27.34 -41.81 -13.86
CA GLU A 949 -28.75 -41.63 -14.11
C GLU A 949 -29.50 -42.93 -13.85
N SER A 950 -30.77 -42.98 -14.24
CA SER A 950 -31.71 -44.08 -14.02
C SER A 950 -32.17 -44.09 -12.56
N ASP A 951 -31.79 -43.05 -11.81
CA ASP A 951 -32.19 -42.97 -10.41
C ASP A 951 -33.54 -42.28 -10.30
N ALA A 952 -34.39 -42.50 -11.31
CA ALA A 952 -35.73 -41.91 -11.38
C ALA A 952 -35.64 -40.40 -11.12
N SER A 953 -36.47 -39.91 -10.22
CA SER A 953 -36.42 -38.48 -9.88
C SER A 953 -36.25 -38.28 -8.38
N THR A 954 -35.73 -39.29 -7.69
CA THR A 954 -35.76 -39.32 -6.23
C THR A 954 -34.38 -39.03 -5.67
N GLU A 955 -34.30 -38.00 -4.82
CA GLU A 955 -33.02 -37.48 -4.39
C GLU A 955 -32.27 -38.49 -3.53
N ASP A 956 -33.00 -39.35 -2.81
CA ASP A 956 -32.34 -40.33 -1.95
C ASP A 956 -31.38 -41.19 -2.75
N ASP A 957 -31.75 -41.55 -3.98
CA ASP A 957 -30.78 -42.18 -4.88
C ASP A 957 -29.58 -41.28 -5.09
N TYR A 958 -29.83 -40.07 -5.60
CA TYR A 958 -28.75 -39.13 -5.90
C TYR A 958 -27.94 -38.81 -4.65
N LEU A 959 -28.62 -38.39 -3.59
CA LEU A 959 -27.92 -37.96 -2.38
C LEU A 959 -27.13 -39.11 -1.76
N GLN A 960 -27.72 -40.31 -1.71
CA GLN A 960 -27.01 -41.43 -1.14
C GLN A 960 -25.83 -41.86 -2.00
N LEU A 961 -25.97 -41.82 -3.32
CA LEU A 961 -24.84 -42.15 -4.19
C LEU A 961 -23.70 -41.18 -3.99
N ALA A 962 -24.00 -39.88 -4.05
CA ALA A 962 -22.96 -38.88 -3.83
C ALA A 962 -22.33 -39.06 -2.45
N GLU A 963 -23.14 -39.40 -1.45
CA GLU A 963 -22.63 -39.55 -0.11
C GLU A 963 -21.68 -40.72 0.01
N GLU A 964 -22.05 -41.88 -0.54
CA GLU A 964 -21.15 -43.02 -0.45
C GLU A 964 -19.88 -42.80 -1.26
N GLN A 965 -19.99 -42.11 -2.40
CA GLN A 965 -18.79 -41.78 -3.16
C GLN A 965 -17.85 -40.90 -2.36
N LEU A 966 -18.38 -39.80 -1.79
CA LEU A 966 -17.55 -38.92 -0.98
C LEU A 966 -16.98 -39.66 0.22
N LYS A 967 -17.77 -40.55 0.82
CA LYS A 967 -17.30 -41.25 2.01
C LYS A 967 -16.19 -42.22 1.67
N THR A 968 -16.28 -42.90 0.53
CA THR A 968 -15.19 -43.79 0.14
C THR A 968 -13.93 -43.01 -0.18
N ASN A 969 -14.08 -41.87 -0.88
CA ASN A 969 -12.90 -41.07 -1.20
C ASN A 969 -12.28 -40.46 0.04
N LEU A 970 -13.08 -40.23 1.08
CA LEU A 970 -12.57 -39.73 2.35
C LEU A 970 -12.07 -40.84 3.26
N GLU A 971 -12.46 -42.10 3.03
CA GLU A 971 -11.81 -43.21 3.69
C GLU A 971 -10.53 -43.63 3.02
N ARG A 972 -10.30 -43.19 1.77
CA ARG A 972 -8.97 -43.32 1.18
C ARG A 972 -7.90 -42.65 2.02
N PHE A 973 -8.29 -41.86 3.02
CA PHE A 973 -7.43 -41.38 4.08
C PHE A 973 -8.29 -41.20 5.33
N ASN A 974 -7.84 -40.36 6.26
CA ASN A 974 -8.29 -40.38 7.65
C ASN A 974 -9.79 -40.51 7.86
N MET A 975 -10.59 -39.53 7.45
CA MET A 975 -12.01 -39.54 7.85
C MET A 975 -12.77 -38.48 7.06
N THR A 976 -14.10 -38.59 7.11
CA THR A 976 -15.03 -37.76 6.36
C THR A 976 -15.75 -36.77 7.27
N GLY A 977 -16.19 -35.67 6.67
CA GLY A 977 -17.13 -34.72 7.26
C GLY A 977 -16.94 -34.36 8.71
N ASP A 978 -15.70 -34.36 9.19
CA ASP A 978 -15.41 -34.13 10.61
C ASP A 978 -15.19 -32.65 10.83
N ASP A 979 -16.12 -32.00 11.53
CA ASP A 979 -16.00 -30.59 11.86
C ASP A 979 -15.00 -30.34 12.98
N GLU A 980 -14.28 -31.37 13.41
CA GLU A 980 -13.01 -31.19 14.10
C GLU A 980 -11.83 -31.34 13.16
N GLU A 981 -12.00 -32.07 12.06
CA GLU A 981 -11.04 -32.03 10.97
C GLU A 981 -11.36 -30.94 9.97
N LEU A 982 -12.49 -30.24 10.11
CA LEU A 982 -12.74 -29.01 9.38
C LEU A 982 -12.33 -27.78 10.19
N LYS A 983 -12.73 -27.72 11.46
CA LYS A 983 -12.25 -26.65 12.33
C LYS A 983 -10.73 -26.59 12.36
N ARG A 984 -10.06 -27.70 12.08
CA ARG A 984 -8.60 -27.72 11.98
C ARG A 984 -8.13 -27.39 10.57
N ALA A 985 -8.81 -27.91 9.55
CA ALA A 985 -8.43 -27.60 8.18
C ALA A 985 -8.64 -26.14 7.83
N ARG A 986 -9.52 -25.45 8.55
CA ARG A 986 -9.77 -24.05 8.30
C ARG A 986 -8.61 -23.15 8.72
N LYS A 987 -7.51 -23.71 9.22
CA LYS A 987 -6.43 -22.91 9.77
C LYS A 987 -5.05 -23.35 9.28
N ASP A 988 -4.96 -24.10 8.19
CA ASP A 988 -3.66 -24.54 7.68
C ASP A 988 -3.62 -24.37 6.17
N HIS A 989 -2.42 -24.08 5.65
CA HIS A 989 -2.22 -23.74 4.25
C HIS A 989 -0.98 -24.41 3.67
N ASN A 990 -0.84 -25.71 3.89
CA ASN A 990 0.43 -26.39 3.66
C ASN A 990 0.51 -27.10 2.31
N ALA A 991 0.54 -26.35 1.21
CA ALA A 991 1.15 -26.81 -0.04
C ALA A 991 0.70 -28.21 -0.47
N PRO A 992 -0.48 -28.34 -1.09
CA PRO A 992 -1.13 -29.64 -1.27
C PRO A 992 -0.23 -30.76 -1.76
N SER A 993 -0.49 -31.98 -1.31
CA SER A 993 0.26 -33.14 -1.75
C SER A 993 0.12 -33.27 -3.27
N PRO A 994 1.20 -33.53 -3.98
CA PRO A 994 1.16 -33.50 -5.44
C PRO A 994 0.64 -34.78 -6.07
N THR A 995 -0.03 -35.62 -5.28
CA THR A 995 -0.36 -36.96 -5.73
C THR A 995 -1.82 -37.17 -6.10
N TYR A 996 -2.73 -36.27 -5.72
CA TYR A 996 -4.14 -36.49 -5.93
C TYR A 996 -4.74 -35.46 -6.87
N ALA A 997 -5.89 -35.79 -7.44
CA ALA A 997 -6.63 -34.91 -8.32
C ALA A 997 -8.07 -35.41 -8.42
N LEU A 998 -8.98 -34.49 -8.75
CA LEU A 998 -10.39 -34.82 -8.87
C LEU A 998 -10.89 -34.50 -10.27
N VAL A 999 -11.82 -35.31 -10.74
CA VAL A 999 -12.57 -35.03 -11.96
C VAL A 999 -14.04 -35.17 -11.59
N ILE A 1000 -14.78 -34.08 -11.62
CA ILE A 1000 -16.18 -34.07 -11.22
C ILE A 1000 -17.01 -33.54 -12.37
N ASP A 1001 -18.13 -34.19 -12.63
CA ASP A 1001 -19.01 -33.79 -13.71
C ASP A 1001 -19.81 -32.56 -13.31
N GLY A 1002 -20.61 -32.04 -14.22
CA GLY A 1002 -21.47 -30.92 -13.89
C GLY A 1002 -22.80 -31.32 -13.30
N PHE A 1003 -23.08 -32.61 -13.25
CA PHE A 1003 -24.28 -33.16 -12.64
C PHE A 1003 -24.02 -33.55 -11.18
N THR A 1004 -22.96 -34.34 -10.96
CA THR A 1004 -22.57 -34.69 -9.60
C THR A 1004 -22.30 -33.46 -8.75
N LEU A 1005 -21.86 -32.37 -9.37
CA LEU A 1005 -21.63 -31.13 -8.64
C LEU A 1005 -22.91 -30.64 -7.99
N ARG A 1006 -24.02 -30.64 -8.75
CA ARG A 1006 -25.28 -30.13 -8.24
C ARG A 1006 -25.73 -30.87 -6.99
N TRP A 1007 -25.42 -32.15 -6.88
CA TRP A 1007 -25.85 -32.92 -5.72
C TRP A 1007 -24.85 -32.90 -4.59
N VAL A 1008 -23.55 -32.78 -4.89
CA VAL A 1008 -22.58 -32.70 -3.81
C VAL A 1008 -22.52 -31.30 -3.24
N LEU A 1009 -22.94 -30.29 -4.00
CA LEU A 1009 -23.17 -28.96 -3.46
C LEU A 1009 -24.51 -28.84 -2.73
N SER A 1010 -25.13 -29.96 -2.37
CA SER A 1010 -26.25 -29.94 -1.45
C SER A 1010 -25.74 -29.64 -0.04
N ASP A 1011 -26.60 -29.02 0.76
CA ASP A 1011 -26.14 -28.41 2.00
C ASP A 1011 -25.72 -29.42 3.06
N SER A 1012 -26.12 -30.68 2.92
CA SER A 1012 -25.71 -31.70 3.88
C SER A 1012 -24.37 -32.33 3.54
N LEU A 1013 -23.83 -32.09 2.35
CA LEU A 1013 -22.60 -32.70 1.89
C LEU A 1013 -21.46 -31.72 1.69
N LYS A 1014 -21.76 -30.42 1.57
CA LYS A 1014 -20.73 -29.43 1.25
C LYS A 1014 -19.51 -29.59 2.14
N GLN A 1015 -19.70 -29.60 3.46
CA GLN A 1015 -18.59 -29.84 4.38
C GLN A 1015 -17.74 -31.01 3.91
N LYS A 1016 -18.34 -32.19 3.80
CA LYS A 1016 -17.64 -33.36 3.27
C LYS A 1016 -16.88 -32.98 2.00
N PHE A 1017 -17.62 -32.49 1.02
CA PHE A 1017 -17.02 -32.08 -0.24
C PHE A 1017 -15.82 -31.18 -0.01
N LEU A 1018 -16.01 -30.12 0.80
CA LEU A 1018 -14.93 -29.19 1.06
C LEU A 1018 -13.66 -29.92 1.46
N LEU A 1019 -13.77 -30.84 2.41
CA LEU A 1019 -12.58 -31.51 2.91
C LEU A 1019 -11.86 -32.22 1.77
N LEU A 1020 -12.62 -32.94 0.95
CA LEU A 1020 -12.00 -33.59 -0.21
C LEU A 1020 -11.34 -32.56 -1.11
N CYS A 1021 -12.03 -31.47 -1.40
CA CYS A 1021 -11.48 -30.45 -2.27
C CYS A 1021 -10.43 -29.59 -1.59
N LYS A 1022 -9.97 -29.96 -0.41
CA LYS A 1022 -8.74 -29.37 0.12
C LYS A 1022 -7.57 -30.32 0.02
N GLN A 1023 -7.81 -31.60 -0.17
CA GLN A 1023 -6.73 -32.57 -0.14
C GLN A 1023 -6.06 -32.73 -1.50
N CYS A 1024 -6.75 -32.41 -2.57
CA CYS A 1024 -6.27 -32.69 -3.91
C CYS A 1024 -5.50 -31.50 -4.49
N LYS A 1025 -4.60 -31.82 -5.43
CA LYS A 1025 -3.76 -30.85 -6.08
C LYS A 1025 -4.43 -30.14 -7.24
N SER A 1026 -5.48 -30.74 -7.82
CA SER A 1026 -6.17 -30.17 -8.95
C SER A 1026 -7.59 -30.69 -8.97
N VAL A 1027 -8.48 -29.92 -9.58
CA VAL A 1027 -9.89 -30.29 -9.65
C VAL A 1027 -10.41 -29.87 -11.01
N LEU A 1028 -10.96 -30.82 -11.75
CA LEU A 1028 -11.63 -30.54 -13.00
C LEU A 1028 -13.13 -30.56 -12.75
N CYS A 1029 -13.85 -29.61 -13.32
CA CYS A 1029 -15.30 -29.55 -13.21
C CYS A 1029 -15.84 -29.53 -14.64
N CYS A 1030 -16.12 -30.71 -15.18
CA CYS A 1030 -16.50 -30.84 -16.58
C CYS A 1030 -17.98 -30.52 -16.77
N ARG A 1031 -18.27 -29.64 -17.73
CA ARG A 1031 -19.62 -29.27 -18.09
C ARG A 1031 -20.38 -28.68 -16.91
N VAL A 1032 -19.88 -27.56 -16.42
CA VAL A 1032 -20.57 -26.77 -15.41
C VAL A 1032 -21.33 -25.66 -16.10
N SER A 1033 -22.41 -25.22 -15.50
CA SER A 1033 -23.18 -24.09 -15.99
C SER A 1033 -22.66 -22.80 -15.37
N PRO A 1034 -23.09 -21.64 -15.87
CA PRO A 1034 -22.69 -20.38 -15.23
C PRO A 1034 -23.02 -20.30 -13.75
N ALA A 1035 -23.79 -21.23 -13.20
CA ALA A 1035 -24.18 -21.18 -11.80
C ALA A 1035 -23.15 -21.85 -10.90
N GLN A 1036 -22.86 -23.13 -11.15
CA GLN A 1036 -21.91 -23.84 -10.30
C GLN A 1036 -20.54 -23.19 -10.34
N LYS A 1037 -20.23 -22.47 -11.42
CA LYS A 1037 -18.96 -21.77 -11.52
C LYS A 1037 -18.76 -20.82 -10.34
N ALA A 1038 -19.75 -19.97 -10.08
CA ALA A 1038 -19.66 -19.04 -8.95
C ALA A 1038 -20.02 -19.71 -7.64
N ALA A 1039 -20.89 -20.73 -7.67
CA ALA A 1039 -21.27 -21.42 -6.45
C ALA A 1039 -20.07 -22.10 -5.80
N VAL A 1040 -19.18 -22.70 -6.60
CA VAL A 1040 -18.04 -23.40 -6.01
C VAL A 1040 -17.02 -22.42 -5.49
N VAL A 1041 -16.83 -21.29 -6.18
CA VAL A 1041 -15.98 -20.22 -5.66
C VAL A 1041 -16.47 -19.79 -4.29
N SER A 1042 -17.77 -19.53 -4.18
CA SER A 1042 -18.31 -19.09 -2.89
C SER A 1042 -18.17 -20.17 -1.83
N MET A 1043 -18.41 -21.43 -2.21
CA MET A 1043 -18.36 -22.50 -1.22
C MET A 1043 -16.97 -22.68 -0.65
N VAL A 1044 -15.94 -22.56 -1.49
CA VAL A 1044 -14.58 -22.79 -1.03
C VAL A 1044 -13.91 -21.53 -0.51
N LYS A 1045 -14.48 -20.35 -0.78
CA LYS A 1045 -13.97 -19.10 -0.25
C LYS A 1045 -14.61 -18.74 1.08
N ASN A 1046 -15.84 -19.20 1.32
CA ASN A 1046 -16.52 -18.98 2.58
C ASN A 1046 -16.50 -20.20 3.50
N GLY A 1047 -16.44 -21.40 2.94
CA GLY A 1047 -16.24 -22.57 3.76
C GLY A 1047 -14.89 -22.48 4.43
N LEU A 1048 -13.84 -22.51 3.64
CA LEU A 1048 -12.52 -22.19 4.15
C LEU A 1048 -12.38 -20.66 4.22
N ASP A 1049 -11.35 -20.21 4.96
CA ASP A 1049 -11.06 -18.79 5.08
C ASP A 1049 -10.09 -18.31 4.02
N VAL A 1050 -10.10 -18.92 2.86
CA VAL A 1050 -8.98 -18.89 1.94
C VAL A 1050 -9.08 -17.71 0.98
N MET A 1051 -7.96 -17.35 0.37
CA MET A 1051 -7.93 -16.38 -0.71
C MET A 1051 -8.27 -17.07 -2.02
N THR A 1052 -8.55 -16.29 -3.05
CA THR A 1052 -9.12 -16.88 -4.25
C THR A 1052 -8.91 -15.95 -5.44
N LEU A 1053 -8.53 -16.53 -6.56
CA LEU A 1053 -8.40 -15.83 -7.83
C LEU A 1053 -9.28 -16.52 -8.86
N SER A 1054 -9.89 -15.74 -9.75
CA SER A 1054 -10.73 -16.33 -10.78
C SER A 1054 -10.44 -15.68 -12.11
N ILE A 1055 -10.03 -16.48 -13.08
CA ILE A 1055 -9.64 -16.01 -14.40
C ILE A 1055 -10.76 -16.34 -15.37
N GLY A 1056 -10.98 -15.46 -16.34
CA GLY A 1056 -11.95 -15.83 -17.35
C GLY A 1056 -12.13 -14.76 -18.40
N ASP A 1057 -12.93 -15.09 -19.41
CA ASP A 1057 -13.36 -14.14 -20.41
C ASP A 1057 -14.83 -14.34 -20.71
N GLY A 1058 -15.42 -13.38 -21.42
CA GLY A 1058 -16.79 -13.50 -21.85
C GLY A 1058 -17.79 -13.36 -20.73
N ALA A 1059 -18.99 -12.86 -21.02
CA ALA A 1059 -19.99 -12.65 -19.98
C ALA A 1059 -20.36 -13.92 -19.25
N ASN A 1060 -19.95 -15.08 -19.76
CA ASN A 1060 -20.25 -16.34 -19.10
C ASN A 1060 -19.65 -16.41 -17.71
N ASP A 1061 -18.52 -15.73 -17.48
CA ASP A 1061 -17.77 -15.87 -16.23
C ASP A 1061 -17.76 -14.62 -15.38
N VAL A 1062 -18.69 -13.69 -15.62
CA VAL A 1062 -18.76 -12.50 -14.79
C VAL A 1062 -19.01 -12.87 -13.35
N ALA A 1063 -19.88 -13.85 -13.11
CA ALA A 1063 -20.14 -14.27 -11.74
C ALA A 1063 -18.92 -14.92 -11.10
N MET A 1064 -18.13 -15.67 -11.87
CA MET A 1064 -16.89 -16.22 -11.32
C MET A 1064 -15.91 -15.11 -10.98
N ILE A 1065 -15.85 -14.07 -11.80
CA ILE A 1065 -14.95 -12.96 -11.55
C ILE A 1065 -15.37 -12.19 -10.30
N GLN A 1066 -16.68 -12.03 -10.10
CA GLN A 1066 -17.14 -11.13 -9.06
C GLN A 1066 -17.22 -11.79 -7.68
N GLU A 1067 -17.53 -13.09 -7.61
CA GLU A 1067 -17.69 -13.72 -6.31
C GLU A 1067 -16.37 -14.10 -5.66
N ALA A 1068 -15.24 -13.82 -6.29
CA ALA A 1068 -13.93 -14.19 -5.76
C ALA A 1068 -13.19 -12.96 -5.24
N ASP A 1069 -12.09 -13.22 -4.55
CA ASP A 1069 -11.31 -12.13 -3.99
C ASP A 1069 -10.65 -11.31 -5.09
N VAL A 1070 -9.93 -11.96 -5.99
CA VAL A 1070 -9.27 -11.31 -7.11
C VAL A 1070 -9.90 -11.84 -8.40
N GLY A 1071 -10.33 -10.93 -9.27
CA GLY A 1071 -10.96 -11.37 -10.49
C GLY A 1071 -10.27 -10.86 -11.74
N VAL A 1072 -9.65 -11.75 -12.51
CA VAL A 1072 -8.81 -11.38 -13.63
C VAL A 1072 -9.52 -11.70 -14.93
N GLY A 1073 -9.59 -10.72 -15.81
CA GLY A 1073 -10.29 -10.91 -17.06
C GLY A 1073 -9.36 -10.93 -18.24
N ILE A 1074 -9.29 -12.07 -18.92
CA ILE A 1074 -8.59 -12.13 -20.21
C ILE A 1074 -9.41 -11.34 -21.21
N ALA A 1075 -8.77 -10.40 -21.91
CA ALA A 1075 -9.45 -9.64 -22.95
C ALA A 1075 -9.69 -10.60 -24.12
N GLY A 1076 -10.66 -11.49 -23.92
CA GLY A 1076 -10.82 -12.66 -24.75
C GLY A 1076 -11.50 -12.37 -26.07
N GLU A 1077 -11.49 -13.39 -26.93
CA GLU A 1077 -12.09 -13.30 -28.26
C GLU A 1077 -13.59 -13.08 -28.19
N GLU A 1078 -14.20 -13.46 -27.06
CA GLU A 1078 -15.65 -13.41 -26.93
C GLU A 1078 -16.17 -11.99 -26.76
N GLY A 1079 -15.76 -11.29 -25.71
CA GLY A 1079 -16.26 -9.95 -25.48
C GLY A 1079 -15.51 -9.24 -24.36
N ARG A 1080 -15.91 -7.99 -24.14
CA ARG A 1080 -15.35 -7.13 -23.11
C ARG A 1080 -16.29 -7.07 -21.91
N GLN A 1081 -16.94 -8.19 -21.60
CA GLN A 1081 -17.81 -8.27 -20.44
C GLN A 1081 -17.10 -8.82 -19.22
N ALA A 1082 -16.04 -9.61 -19.40
CA ALA A 1082 -15.20 -10.05 -18.31
C ALA A 1082 -13.99 -9.16 -18.12
N VAL A 1083 -13.88 -8.09 -18.90
CA VAL A 1083 -12.87 -7.06 -18.67
C VAL A 1083 -13.43 -5.93 -17.82
N MET A 1084 -14.63 -5.46 -18.17
CA MET A 1084 -15.26 -4.38 -17.42
C MET A 1084 -15.68 -4.80 -16.02
N SER A 1085 -15.71 -6.09 -15.72
CA SER A 1085 -16.10 -6.57 -14.40
C SER A 1085 -14.95 -7.19 -13.64
N SER A 1086 -13.72 -7.03 -14.11
CA SER A 1086 -12.57 -7.68 -13.53
C SER A 1086 -11.79 -6.70 -12.67
N ASP A 1087 -10.69 -7.18 -12.11
CA ASP A 1087 -9.72 -6.31 -11.45
C ASP A 1087 -8.56 -5.98 -12.38
N PHE A 1088 -7.94 -7.00 -12.95
CA PHE A 1088 -6.84 -6.82 -13.88
C PHE A 1088 -7.24 -7.37 -15.23
N ALA A 1089 -7.09 -6.55 -16.26
CA ALA A 1089 -7.49 -6.92 -17.62
C ALA A 1089 -6.28 -7.49 -18.34
N ILE A 1090 -6.05 -8.78 -18.12
CA ILE A 1090 -4.85 -9.45 -18.62
C ILE A 1090 -4.97 -9.69 -20.11
N GLY A 1091 -3.86 -9.52 -20.82
CA GLY A 1091 -3.79 -9.83 -22.22
C GLY A 1091 -4.06 -11.29 -22.52
N GLN A 1092 -3.21 -12.18 -21.99
CA GLN A 1092 -3.46 -13.61 -22.15
C GLN A 1092 -2.86 -14.37 -20.97
N PHE A 1093 -3.25 -15.64 -20.89
CA PHE A 1093 -3.11 -16.41 -19.66
C PHE A 1093 -1.70 -16.38 -19.10
N ARG A 1094 -0.69 -16.45 -19.96
CA ARG A 1094 0.65 -16.65 -19.42
C ARG A 1094 1.18 -15.42 -18.69
N PHE A 1095 0.48 -14.29 -18.72
CA PHE A 1095 0.86 -13.17 -17.90
C PHE A 1095 0.53 -13.39 -16.43
N LEU A 1096 -0.23 -14.45 -16.12
CA LEU A 1096 -0.47 -14.80 -14.74
C LEU A 1096 0.84 -15.14 -14.04
N GLN A 1097 1.73 -15.85 -14.72
CA GLN A 1097 3.00 -16.21 -14.10
C GLN A 1097 3.81 -14.98 -13.77
N ARG A 1098 3.63 -13.90 -14.52
CA ARG A 1098 4.36 -12.69 -14.21
C ARG A 1098 3.68 -11.94 -13.08
N LEU A 1099 2.39 -11.66 -13.22
CA LEU A 1099 1.62 -10.95 -12.22
C LEU A 1099 1.69 -11.63 -10.86
N VAL A 1100 1.13 -12.84 -10.75
CA VAL A 1100 1.01 -13.50 -9.46
C VAL A 1100 2.37 -13.79 -8.84
N LEU A 1101 3.36 -14.20 -9.64
CA LEU A 1101 4.63 -14.65 -9.12
C LEU A 1101 5.66 -13.53 -8.95
N VAL A 1102 5.43 -12.35 -9.49
CA VAL A 1102 6.36 -11.25 -9.33
C VAL A 1102 5.66 -10.15 -8.56
N HIS A 1103 4.64 -9.55 -9.16
CA HIS A 1103 4.01 -8.42 -8.52
C HIS A 1103 3.20 -8.86 -7.32
N GLY A 1104 2.65 -10.07 -7.36
CA GLY A 1104 1.94 -10.58 -6.21
C GLY A 1104 2.80 -10.69 -4.97
N ARG A 1105 3.86 -11.50 -5.04
CA ARG A 1105 4.65 -11.72 -3.84
C ARG A 1105 5.42 -10.47 -3.44
N TRP A 1106 5.83 -9.65 -4.41
CA TRP A 1106 6.42 -8.38 -4.04
C TRP A 1106 5.40 -7.56 -3.28
N SER A 1107 4.31 -7.16 -3.93
CA SER A 1107 3.31 -6.31 -3.32
C SER A 1107 2.82 -6.81 -1.98
N TYR A 1108 2.95 -8.10 -1.69
CA TYR A 1108 2.60 -8.55 -0.35
C TYR A 1108 3.72 -8.28 0.63
N ARG A 1109 4.94 -8.72 0.30
CA ARG A 1109 6.06 -8.51 1.22
C ARG A 1109 6.26 -7.03 1.52
N ARG A 1110 6.05 -6.19 0.51
CA ARG A 1110 6.29 -4.76 0.66
C ARG A 1110 5.34 -4.13 1.66
N LEU A 1111 4.04 -4.39 1.54
CA LEU A 1111 3.11 -3.84 2.52
C LEU A 1111 3.29 -4.44 3.89
N ALA A 1112 3.65 -5.72 4.00
CA ALA A 1112 3.99 -6.25 5.30
C ALA A 1112 5.06 -5.39 5.98
N GLU A 1113 6.19 -5.18 5.28
CA GLU A 1113 7.27 -4.41 5.88
C GLU A 1113 6.88 -2.95 6.10
N THR A 1114 6.09 -2.36 5.21
CA THR A 1114 5.70 -0.97 5.37
C THR A 1114 4.87 -0.76 6.62
N ILE A 1115 3.86 -1.61 6.84
CA ILE A 1115 3.04 -1.33 8.01
C ILE A 1115 3.79 -1.71 9.28
N SER A 1116 4.68 -2.69 9.23
CA SER A 1116 5.51 -2.96 10.40
C SER A 1116 6.33 -1.74 10.78
N ASN A 1117 6.99 -1.13 9.79
CA ASN A 1117 7.83 0.03 10.08
C ASN A 1117 7.01 1.26 10.44
N PHE A 1118 5.82 1.40 9.88
CA PHE A 1118 4.99 2.53 10.23
C PHE A 1118 4.47 2.46 11.64
N PHE A 1119 4.29 1.25 12.19
CA PHE A 1119 3.97 1.20 13.61
C PHE A 1119 5.21 1.43 14.47
N TYR A 1120 6.33 0.84 14.08
CA TYR A 1120 7.56 1.01 14.84
C TYR A 1120 7.91 2.48 15.03
N LYS A 1121 7.81 3.28 13.97
CA LYS A 1121 8.36 4.64 14.05
C LYS A 1121 7.47 5.55 14.88
N ASN A 1122 6.14 5.42 14.76
CA ASN A 1122 5.25 6.17 15.63
C ASN A 1122 5.52 5.81 17.08
N MET A 1123 5.75 4.52 17.37
CA MET A 1123 6.07 4.15 18.74
C MET A 1123 7.36 4.81 19.20
N ILE A 1124 8.43 4.74 18.40
CA ILE A 1124 9.70 5.29 18.86
C ILE A 1124 9.63 6.79 19.09
N TRP A 1125 8.73 7.50 18.41
CA TRP A 1125 8.63 8.93 18.65
C TRP A 1125 7.79 9.24 19.88
N THR A 1126 6.56 8.74 19.92
CA THR A 1126 5.69 9.11 21.03
C THR A 1126 6.18 8.54 22.34
N TRP A 1127 6.80 7.38 22.33
CA TRP A 1127 7.29 6.85 23.59
C TRP A 1127 8.49 7.61 24.10
N SER A 1128 9.26 8.24 23.22
CA SER A 1128 10.35 9.10 23.68
C SER A 1128 9.84 10.45 24.16
N ILE A 1129 8.65 10.86 23.74
CA ILE A 1129 7.99 12.00 24.40
C ILE A 1129 7.52 11.58 25.81
N PHE A 1130 6.84 10.45 25.90
CA PHE A 1130 6.38 9.94 27.18
C PHE A 1130 7.54 9.85 28.16
N TRP A 1131 8.66 9.27 27.75
CA TRP A 1131 9.77 9.11 28.69
C TRP A 1131 10.20 10.44 29.27
N TYR A 1132 10.11 11.51 28.50
CA TYR A 1132 10.39 12.82 29.07
C TYR A 1132 9.36 13.18 30.10
N GLN A 1133 8.09 12.90 29.82
CA GLN A 1133 7.04 13.32 30.75
C GLN A 1133 7.30 12.86 32.17
N CYS A 1134 8.16 11.85 32.37
CA CYS A 1134 8.47 11.44 33.74
C CYS A 1134 9.22 12.53 34.50
N TYR A 1135 9.85 13.48 33.82
CA TYR A 1135 10.67 14.51 34.45
C TYR A 1135 9.97 15.85 34.53
N CYS A 1136 8.76 15.98 34.02
CA CYS A 1136 7.96 17.18 34.17
C CYS A 1136 6.69 16.89 34.95
N ASN A 1137 6.80 16.02 35.96
CA ASN A 1137 5.67 15.65 36.83
C ASN A 1137 4.46 15.18 36.03
N PHE A 1138 4.72 14.62 34.86
CA PHE A 1138 3.70 14.19 33.92
C PHE A 1138 2.78 15.32 33.49
N ASP A 1139 3.09 16.54 33.90
CA ASP A 1139 2.39 17.71 33.39
C ASP A 1139 2.89 17.96 31.97
N ILE A 1140 2.00 17.77 30.99
CA ILE A 1140 2.47 17.57 29.63
C ILE A 1140 3.12 18.82 29.08
N ALA A 1141 4.45 18.82 29.02
CA ALA A 1141 5.23 19.91 28.47
C ALA A 1141 5.99 19.39 27.25
N TYR A 1142 5.88 20.12 26.15
CA TYR A 1142 6.59 19.73 24.94
C TYR A 1142 8.09 19.81 25.16
N ILE A 1143 8.79 18.72 24.83
CA ILE A 1143 10.25 18.79 24.78
C ILE A 1143 10.74 19.16 23.39
N PHE A 1144 9.86 19.16 22.39
CA PHE A 1144 10.28 19.05 21.00
C PHE A 1144 10.04 20.29 20.15
N GLU A 1145 9.75 21.46 20.73
CA GLU A 1145 9.60 22.63 19.88
C GLU A 1145 8.51 22.41 18.84
N TYR A 1146 7.25 22.51 19.24
CA TYR A 1146 6.08 21.92 18.60
C TYR A 1146 6.18 21.71 17.09
N THR A 1147 6.85 22.61 16.37
CA THR A 1147 6.97 22.44 14.93
C THR A 1147 7.64 21.12 14.55
N TYR A 1148 8.54 20.60 15.39
CA TYR A 1148 9.03 19.25 15.17
C TYR A 1148 7.91 18.24 15.28
N ILE A 1149 7.06 18.39 16.30
CA ILE A 1149 5.96 17.46 16.49
C ILE A 1149 4.97 17.51 15.34
N LEU A 1150 4.90 18.61 14.61
CA LEU A 1150 4.02 18.63 13.46
C LEU A 1150 4.74 18.27 12.15
N MET A 1151 6.06 18.33 12.10
CA MET A 1151 6.79 17.97 10.89
C MET A 1151 7.23 16.53 10.85
N PHE A 1152 7.31 15.85 12.00
CA PHE A 1152 7.87 14.50 12.05
C PHE A 1152 7.12 13.57 11.10
N ASN A 1153 5.86 13.36 11.34
CA ASN A 1153 5.18 12.36 10.53
C ASN A 1153 4.89 12.84 9.15
N LEU A 1154 5.41 13.98 8.71
CA LEU A 1154 5.14 14.49 7.38
C LEU A 1154 6.39 14.51 6.52
N PHE A 1155 7.46 15.15 6.98
CA PHE A 1155 8.67 15.32 6.19
C PHE A 1155 9.82 14.43 6.66
N PHE A 1156 10.09 14.41 7.96
CA PHE A 1156 11.31 13.77 8.44
C PHE A 1156 11.26 12.26 8.26
N THR A 1157 10.08 11.64 8.26
CA THR A 1157 10.06 10.19 8.32
C THR A 1157 8.98 9.53 7.46
N SER A 1158 8.46 10.19 6.43
CA SER A 1158 7.41 9.53 5.66
C SER A 1158 7.94 8.96 4.35
N VAL A 1159 8.69 9.76 3.59
CA VAL A 1159 9.14 9.33 2.28
C VAL A 1159 9.98 8.07 2.34
N PRO A 1160 10.93 7.90 3.26
CA PRO A 1160 11.68 6.65 3.27
C PRO A 1160 10.82 5.42 3.47
N VAL A 1161 9.77 5.50 4.27
CA VAL A 1161 8.92 4.33 4.50
C VAL A 1161 8.10 4.04 3.25
N ILE A 1162 7.48 5.08 2.68
CA ILE A 1162 6.74 4.87 1.44
C ILE A 1162 7.63 4.25 0.38
N LEU A 1163 8.89 4.65 0.34
CA LEU A 1163 9.78 4.13 -0.69
C LEU A 1163 10.20 2.70 -0.41
N MET A 1164 10.51 2.36 0.84
CA MET A 1164 10.79 0.96 1.11
C MET A 1164 9.57 0.09 0.90
N GLY A 1165 8.39 0.69 0.82
CA GLY A 1165 7.21 -0.08 0.52
C GLY A 1165 6.87 -0.17 -0.95
N VAL A 1166 7.35 0.77 -1.75
CA VAL A 1166 6.98 0.79 -3.15
C VAL A 1166 8.08 0.33 -4.10
N LEU A 1167 9.35 0.47 -3.73
CA LEU A 1167 10.44 0.09 -4.63
C LEU A 1167 11.52 -0.69 -3.90
N ASP A 1168 11.13 -1.70 -3.16
CA ASP A 1168 12.04 -2.67 -2.59
C ASP A 1168 11.64 -4.07 -3.04
N GLN A 1169 12.63 -4.86 -3.46
CA GLN A 1169 12.37 -6.20 -3.98
C GLN A 1169 13.41 -7.17 -3.44
N ASP A 1170 12.95 -8.33 -3.00
CA ASP A 1170 13.84 -9.24 -2.28
C ASP A 1170 14.78 -9.99 -3.21
N VAL A 1171 14.29 -10.55 -4.32
CA VAL A 1171 15.20 -11.32 -5.17
C VAL A 1171 15.45 -10.66 -6.50
N SER A 1172 14.44 -10.62 -7.37
CA SER A 1172 14.63 -10.11 -8.73
C SER A 1172 13.36 -10.21 -9.54
N ASP A 1173 13.40 -9.71 -10.77
CA ASP A 1173 12.30 -9.95 -11.69
C ASP A 1173 12.30 -11.39 -12.19
N THR A 1174 13.49 -11.93 -12.45
CA THR A 1174 13.64 -13.24 -13.08
C THR A 1174 14.01 -14.35 -12.12
N VAL A 1175 14.72 -14.05 -11.03
CA VAL A 1175 14.98 -15.07 -10.03
C VAL A 1175 13.73 -15.42 -9.25
N SER A 1176 12.68 -14.59 -9.34
CA SER A 1176 11.42 -14.92 -8.70
C SER A 1176 10.58 -15.86 -9.55
N LEU A 1177 10.77 -15.84 -10.87
CA LEU A 1177 10.12 -16.81 -11.75
C LEU A 1177 10.93 -18.09 -11.86
N ALA A 1178 12.26 -18.00 -11.81
CA ALA A 1178 13.07 -19.21 -11.83
C ALA A 1178 12.81 -20.08 -10.60
N VAL A 1179 12.67 -19.45 -9.44
CA VAL A 1179 12.31 -20.16 -8.22
C VAL A 1179 10.93 -19.69 -7.78
N PRO A 1180 9.86 -20.37 -8.17
CA PRO A 1180 8.51 -19.93 -7.78
C PRO A 1180 8.18 -20.28 -6.36
N GLN A 1181 8.81 -21.31 -5.81
CA GLN A 1181 8.44 -21.80 -4.48
C GLN A 1181 8.49 -20.72 -3.40
N LEU A 1182 9.18 -19.60 -3.66
CA LEU A 1182 9.21 -18.52 -2.68
C LEU A 1182 7.80 -18.05 -2.35
N TYR A 1183 6.92 -18.05 -3.35
CA TYR A 1183 5.53 -17.66 -3.16
C TYR A 1183 4.86 -18.38 -2.01
N ARG A 1184 5.35 -19.56 -1.62
CA ARG A 1184 4.70 -20.28 -0.54
C ARG A 1184 4.66 -19.45 0.73
N ARG A 1185 5.67 -18.60 0.96
CA ARG A 1185 5.68 -17.83 2.20
C ARG A 1185 4.54 -16.82 2.27
N GLY A 1186 3.91 -16.53 1.14
CA GLY A 1186 2.77 -15.63 1.15
C GLY A 1186 1.46 -16.39 1.12
N ILE A 1187 1.51 -17.70 0.93
CA ILE A 1187 0.31 -18.51 0.99
C ILE A 1187 -0.04 -18.79 2.43
N GLU A 1188 0.96 -19.09 3.25
CA GLU A 1188 0.80 -19.34 4.67
C GLU A 1188 0.54 -18.05 5.44
N ARG A 1189 0.50 -16.90 4.77
CA ARG A 1189 0.32 -15.59 5.39
C ARG A 1189 1.32 -15.39 6.51
N LYS A 1190 2.59 -15.38 6.13
CA LYS A 1190 3.69 -15.36 7.07
C LYS A 1190 4.53 -14.10 6.98
N GLU A 1191 4.13 -13.11 6.19
CA GLU A 1191 4.88 -11.87 6.14
C GLU A 1191 4.32 -10.81 7.09
N TRP A 1192 3.01 -10.79 7.31
CA TRP A 1192 2.37 -9.87 8.25
C TRP A 1192 1.60 -10.70 9.26
N THR A 1193 2.25 -11.00 10.38
CA THR A 1193 1.68 -11.81 11.44
C THR A 1193 1.38 -10.93 12.65
N GLN A 1194 1.03 -11.57 13.77
CA GLN A 1194 0.89 -10.88 15.04
C GLN A 1194 2.16 -10.90 15.86
N THR A 1195 3.04 -11.87 15.66
CA THR A 1195 4.33 -11.86 16.32
C THR A 1195 5.22 -10.77 15.76
N LYS A 1196 5.12 -10.51 14.46
CA LYS A 1196 5.91 -9.44 13.86
C LYS A 1196 5.49 -8.07 14.41
N PHE A 1197 4.19 -7.85 14.56
CA PHE A 1197 3.70 -6.58 15.07
C PHE A 1197 4.23 -6.32 16.48
N TRP A 1198 4.15 -7.33 17.34
CA TRP A 1198 4.58 -7.13 18.72
C TRP A 1198 6.09 -7.04 18.83
N LEU A 1199 6.83 -7.79 18.02
CA LEU A 1199 8.28 -7.65 18.04
C LEU A 1199 8.71 -6.27 17.57
N TYR A 1200 8.04 -5.72 16.55
CA TYR A 1200 8.40 -4.39 16.09
C TYR A 1200 8.01 -3.33 17.10
N MET A 1201 6.90 -3.49 17.81
CA MET A 1201 6.54 -2.49 18.82
C MET A 1201 7.46 -2.56 20.02
N ILE A 1202 7.88 -3.76 20.44
CA ILE A 1202 8.89 -3.85 21.48
C ILE A 1202 10.20 -3.20 21.02
N ASP A 1203 10.54 -3.36 19.75
CA ASP A 1203 11.71 -2.68 19.22
C ASP A 1203 11.55 -1.17 19.30
N GLY A 1204 10.37 -0.67 18.93
CA GLY A 1204 10.12 0.76 19.06
C GLY A 1204 10.27 1.26 20.49
N VAL A 1205 9.78 0.48 21.45
CA VAL A 1205 9.86 0.90 22.85
C VAL A 1205 11.31 0.91 23.34
N TYR A 1206 12.07 -0.13 23.02
CA TYR A 1206 13.47 -0.14 23.44
C TYR A 1206 14.26 1.01 22.82
N GLN A 1207 14.09 1.21 21.51
CA GLN A 1207 14.81 2.30 20.88
C GLN A 1207 14.36 3.64 21.41
N SER A 1208 13.12 3.76 21.86
CA SER A 1208 12.68 4.98 22.51
C SER A 1208 13.40 5.21 23.82
N VAL A 1209 13.51 4.16 24.64
CA VAL A 1209 14.26 4.27 25.89
C VAL A 1209 15.67 4.80 25.61
N MET A 1210 16.40 4.14 24.71
CA MET A 1210 17.78 4.55 24.47
C MET A 1210 17.87 5.92 23.81
N SER A 1211 17.01 6.20 22.85
CA SER A 1211 17.06 7.44 22.09
C SER A 1211 16.51 8.64 22.83
N PHE A 1212 15.90 8.45 24.01
CA PHE A 1212 15.73 9.59 24.89
C PHE A 1212 16.75 9.65 26.00
N PHE A 1213 17.18 8.54 26.56
CA PHE A 1213 18.03 8.63 27.73
C PHE A 1213 19.51 8.73 27.41
N ILE A 1214 19.92 8.60 26.15
CA ILE A 1214 21.32 8.90 25.84
C ILE A 1214 21.51 10.41 25.68
N PRO A 1215 20.71 11.10 24.87
CA PRO A 1215 20.92 12.54 24.73
C PRO A 1215 20.47 13.32 25.95
N PHE A 1216 20.00 12.62 26.97
CA PHE A 1216 19.71 13.21 28.27
C PHE A 1216 20.89 13.01 29.21
N ILE A 1217 21.38 11.77 29.34
CA ILE A 1217 22.61 11.51 30.05
C ILE A 1217 23.76 12.38 29.56
N PHE A 1218 23.75 12.76 28.28
CA PHE A 1218 24.83 13.59 27.78
C PHE A 1218 24.79 15.00 28.35
N VAL A 1219 23.66 15.68 28.28
CA VAL A 1219 23.62 17.12 28.51
C VAL A 1219 23.03 17.49 29.86
N VAL A 1220 22.05 16.74 30.38
CA VAL A 1220 21.34 17.19 31.56
C VAL A 1220 22.07 16.71 32.82
N LEU A 1221 23.21 16.06 32.66
CA LEU A 1221 23.98 15.63 33.81
C LEU A 1221 25.33 16.32 33.93
N THR A 1222 25.58 17.37 33.17
CA THR A 1222 26.79 18.16 33.30
C THR A 1222 26.38 19.58 33.61
N PRO A 1223 27.27 20.37 34.17
CA PRO A 1223 26.99 21.79 34.30
C PRO A 1223 26.73 22.48 32.97
N THR A 1224 27.69 22.44 32.05
CA THR A 1224 27.60 23.26 30.85
C THR A 1224 27.36 22.47 29.56
N ALA A 1225 28.09 21.37 29.36
CA ALA A 1225 27.87 20.47 28.22
C ALA A 1225 28.05 21.15 26.86
N ALA A 1226 28.53 22.39 26.84
CA ALA A 1226 28.65 23.13 25.60
C ALA A 1226 30.08 23.46 25.20
N GLY A 1227 31.06 23.12 26.04
CA GLY A 1227 32.45 23.24 25.64
C GLY A 1227 32.97 24.65 25.43
N ASN A 1228 32.10 25.64 25.32
CA ASN A 1228 32.52 27.04 25.37
C ASN A 1228 31.84 27.77 26.53
N GLY A 1229 31.12 27.06 27.38
CA GLY A 1229 30.64 27.59 28.64
C GLY A 1229 29.16 27.79 28.72
N LEU A 1230 28.56 28.32 27.66
CA LEU A 1230 27.18 28.79 27.72
C LEU A 1230 26.24 27.59 27.81
N ASP A 1231 24.94 27.85 27.85
CA ASP A 1231 23.96 26.88 28.32
C ASP A 1231 23.20 26.26 27.16
N VAL A 1232 23.49 24.99 26.88
CA VAL A 1232 22.54 24.09 26.26
C VAL A 1232 21.96 23.24 27.37
N SER A 1233 21.00 22.40 27.02
CA SER A 1233 20.10 21.72 27.96
C SER A 1233 19.03 22.68 28.47
N GLU A 1234 18.74 23.72 27.70
CA GLU A 1234 17.43 24.33 27.74
C GLU A 1234 16.40 23.27 27.38
N ARG A 1235 15.12 23.56 27.58
CA ARG A 1235 14.15 22.52 27.35
C ARG A 1235 14.04 22.15 25.88
N THR A 1236 14.38 23.07 24.97
CA THR A 1236 14.29 22.79 23.55
C THR A 1236 15.63 22.47 22.90
N ARG A 1237 16.75 22.88 23.50
CA ARG A 1237 18.04 22.39 23.02
C ARG A 1237 18.15 20.90 23.23
N LEU A 1238 17.68 20.41 24.37
CA LEU A 1238 17.55 18.97 24.56
C LEU A 1238 16.57 18.37 23.56
N GLY A 1239 15.57 19.15 23.14
CA GLY A 1239 14.67 18.68 22.11
C GLY A 1239 15.38 18.43 20.79
N ALA A 1240 16.20 19.37 20.35
CA ALA A 1240 17.00 19.15 19.16
C ALA A 1240 17.98 18.00 19.35
N TYR A 1241 18.59 17.91 20.53
CA TYR A 1241 19.55 16.85 20.80
C TYR A 1241 18.92 15.47 20.64
N ILE A 1242 17.66 15.31 21.05
CA ILE A 1242 17.03 13.99 20.94
C ILE A 1242 16.22 13.83 19.67
N ALA A 1243 15.97 14.90 18.91
CA ALA A 1243 15.24 14.81 17.67
C ALA A 1243 16.12 14.62 16.46
N HIS A 1244 17.39 14.95 16.54
CA HIS A 1244 18.19 14.67 15.36
C HIS A 1244 18.62 13.19 15.34
N PRO A 1245 19.15 12.64 16.43
CA PRO A 1245 19.40 11.19 16.44
C PRO A 1245 18.18 10.34 16.22
N ALA A 1246 16.99 10.78 16.61
CA ALA A 1246 15.81 9.96 16.39
C ALA A 1246 15.45 9.89 14.92
N VAL A 1247 15.49 11.03 14.22
CA VAL A 1247 15.22 11.02 12.79
C VAL A 1247 16.34 10.32 12.03
N ILE A 1248 17.54 10.25 12.59
CA ILE A 1248 18.57 9.46 11.94
C ILE A 1248 18.30 7.97 12.16
N THR A 1249 17.94 7.56 13.38
CA THR A 1249 17.79 6.15 13.68
C THR A 1249 16.56 5.54 13.06
N ILE A 1250 15.47 6.31 12.89
CA ILE A 1250 14.29 5.76 12.24
C ILE A 1250 14.60 5.36 10.81
N ASN A 1251 15.17 6.29 10.04
CA ASN A 1251 15.47 6.01 8.64
C ASN A 1251 16.59 4.98 8.52
N GLY A 1252 17.63 5.08 9.34
CA GLY A 1252 18.66 4.08 9.31
C GLY A 1252 18.18 2.72 9.78
N TYR A 1253 17.04 2.65 10.44
CA TYR A 1253 16.44 1.38 10.80
C TYR A 1253 15.51 0.86 9.73
N ILE A 1254 14.99 1.72 8.87
CA ILE A 1254 14.24 1.19 7.74
C ILE A 1254 15.16 1.03 6.54
N LEU A 1255 16.47 1.24 6.73
CA LEU A 1255 17.42 0.67 5.78
C LEU A 1255 17.87 -0.73 6.18
N ILE A 1256 18.04 -0.97 7.47
CA ILE A 1256 18.39 -2.31 7.93
C ILE A 1256 17.41 -3.34 7.38
N ASN A 1257 16.15 -2.95 7.25
CA ASN A 1257 15.09 -3.86 6.82
C ASN A 1257 14.95 -3.96 5.31
N THR A 1258 15.19 -2.88 4.58
CA THR A 1258 15.06 -2.93 3.13
C THR A 1258 16.13 -3.85 2.56
N TYR A 1259 15.79 -4.55 1.48
CA TYR A 1259 16.64 -5.57 0.88
C TYR A 1259 17.52 -5.03 -0.24
N ARG A 1260 17.00 -4.17 -1.09
CA ARG A 1260 17.73 -3.67 -2.24
C ARG A 1260 17.88 -2.16 -2.05
N TRP A 1261 19.06 -1.71 -1.65
CA TRP A 1261 19.31 -0.28 -1.49
C TRP A 1261 19.52 0.32 -2.85
N ASP A 1262 18.47 0.84 -3.45
CA ASP A 1262 18.62 1.40 -4.78
C ASP A 1262 18.89 2.88 -4.68
N TRP A 1263 18.82 3.56 -5.81
CA TRP A 1263 19.22 4.97 -5.86
C TRP A 1263 18.22 5.86 -5.14
N LEU A 1264 16.94 5.77 -5.50
CA LEU A 1264 15.94 6.65 -4.90
C LEU A 1264 15.86 6.47 -3.40
N MET A 1265 16.01 5.25 -2.90
CA MET A 1265 15.82 5.04 -1.47
C MET A 1265 16.94 5.69 -0.68
N LEU A 1266 18.19 5.49 -1.08
CA LEU A 1266 19.30 6.13 -0.38
C LEU A 1266 19.24 7.64 -0.54
N LEU A 1267 18.86 8.12 -1.71
CA LEU A 1267 18.72 9.56 -1.91
C LEU A 1267 17.66 10.16 -1.00
N SER A 1268 16.53 9.46 -0.82
CA SER A 1268 15.48 9.97 0.05
C SER A 1268 15.86 9.84 1.52
N ILE A 1269 16.62 8.81 1.89
CA ILE A 1269 17.13 8.73 3.26
C ILE A 1269 18.00 9.95 3.54
N VAL A 1270 18.91 10.27 2.61
CA VAL A 1270 19.81 11.41 2.82
C VAL A 1270 19.04 12.71 2.84
N LEU A 1271 18.07 12.87 1.95
CA LEU A 1271 17.28 14.10 1.95
C LEU A 1271 16.48 14.23 3.25
N SER A 1272 15.90 13.13 3.74
CA SER A 1272 15.13 13.21 4.98
C SER A 1272 16.01 13.50 6.19
N ASP A 1273 17.23 12.95 6.20
CA ASP A 1273 18.13 13.17 7.33
C ASP A 1273 18.82 14.52 7.29
N VAL A 1274 18.95 15.14 6.12
CA VAL A 1274 19.51 16.48 6.06
C VAL A 1274 18.43 17.54 6.09
N PHE A 1275 17.16 17.18 5.87
CA PHE A 1275 16.12 18.19 5.91
C PHE A 1275 15.89 18.68 7.33
N ILE A 1276 16.06 17.83 8.34
CA ILE A 1276 15.87 18.31 9.69
C ILE A 1276 16.94 19.33 10.05
N PHE A 1277 18.20 19.06 9.67
CA PHE A 1277 19.27 20.02 9.89
C PHE A 1277 19.00 21.31 9.15
N PHE A 1278 18.59 21.22 7.88
CA PHE A 1278 18.31 22.41 7.11
C PHE A 1278 17.19 23.23 7.72
N TRP A 1279 16.11 22.59 8.12
CA TRP A 1279 14.97 23.35 8.59
C TRP A 1279 15.14 23.85 10.01
N THR A 1280 15.99 23.21 10.82
CA THR A 1280 16.35 23.84 12.08
C THR A 1280 17.25 25.04 11.85
N GLY A 1281 18.20 24.93 10.93
CA GLY A 1281 19.03 26.07 10.60
C GLY A 1281 18.23 27.23 10.04
N VAL A 1282 17.12 26.94 9.37
CA VAL A 1282 16.33 28.00 8.74
C VAL A 1282 15.21 28.52 9.66
N TYR A 1283 14.67 27.68 10.53
CA TYR A 1283 13.58 28.11 11.39
C TYR A 1283 14.09 28.87 12.60
N THR A 1284 15.21 28.43 13.19
CA THR A 1284 15.77 29.15 14.32
C THR A 1284 16.06 30.60 13.96
N ALA A 1285 16.82 30.81 12.89
CA ALA A 1285 17.34 32.15 12.65
C ALA A 1285 16.22 33.09 12.26
N THR A 1286 15.31 33.30 13.22
CA THR A 1286 14.20 34.23 13.12
C THR A 1286 13.58 34.33 14.51
N THR A 1287 13.29 35.55 14.97
CA THR A 1287 12.76 35.74 16.31
C THR A 1287 11.33 35.21 16.46
N TYR A 1288 10.71 34.74 15.39
CA TYR A 1288 9.37 34.15 15.52
C TYR A 1288 9.41 32.89 16.37
N SER A 1289 10.53 32.20 16.41
CA SER A 1289 10.67 31.04 17.29
C SER A 1289 10.75 31.49 18.75
N ALA A 1290 11.73 32.33 19.06
CA ALA A 1290 11.86 33.14 20.26
C ALA A 1290 12.24 32.35 21.51
N GLY A 1291 12.19 31.03 21.49
CA GLY A 1291 12.85 30.30 22.54
C GLY A 1291 13.81 29.33 21.90
N PHE A 1292 13.44 28.94 20.68
CA PHE A 1292 14.30 28.17 19.80
C PHE A 1292 14.91 29.10 18.76
N TYR A 1293 15.59 30.14 19.26
CA TYR A 1293 15.90 31.28 18.39
C TYR A 1293 17.22 31.13 17.66
N GLN A 1294 18.25 30.61 18.30
CA GLN A 1294 19.48 30.35 17.58
C GLN A 1294 20.02 29.00 17.99
N ALA A 1295 19.15 27.99 17.98
CA ALA A 1295 19.58 26.66 18.36
C ALA A 1295 20.42 25.99 17.29
N ALA A 1296 20.33 26.45 16.05
CA ALA A 1296 21.19 25.87 15.00
C ALA A 1296 22.66 26.11 15.28
N PRO A 1297 23.16 27.35 15.35
CA PRO A 1297 24.58 27.52 15.67
C PRO A 1297 24.92 27.11 17.09
N GLN A 1298 23.95 27.11 18.00
CA GLN A 1298 24.24 26.81 19.40
C GLN A 1298 24.23 25.34 19.70
N VAL A 1299 23.75 24.50 18.79
CA VAL A 1299 23.73 23.07 18.97
C VAL A 1299 24.68 22.37 18.00
N TYR A 1300 24.71 22.81 16.74
CA TYR A 1300 25.55 22.13 15.76
C TYR A 1300 27.02 22.29 16.07
N GLN A 1301 27.41 23.45 16.61
CA GLN A 1301 28.82 23.71 16.90
C GLN A 1301 29.35 22.85 18.03
N GLU A 1302 28.49 22.29 18.86
CA GLU A 1302 28.94 21.55 20.03
C GLU A 1302 29.65 20.28 19.60
N LEU A 1303 30.34 19.66 20.54
CA LEU A 1303 30.87 18.33 20.31
C LEU A 1303 29.94 17.25 20.81
N THR A 1304 29.30 17.48 21.96
CA THR A 1304 28.37 16.48 22.48
C THR A 1304 27.22 16.24 21.52
N PHE A 1305 26.80 17.24 20.76
CA PHE A 1305 25.73 17.00 19.81
C PHE A 1305 26.12 15.95 18.79
N TRP A 1306 27.34 16.04 18.26
CA TRP A 1306 27.75 15.08 17.24
C TRP A 1306 28.12 13.73 17.84
N MET A 1307 28.65 13.71 19.05
CA MET A 1307 28.86 12.42 19.69
C MET A 1307 27.56 11.70 19.94
N CYS A 1308 26.52 12.42 20.39
CA CYS A 1308 25.24 11.75 20.57
C CYS A 1308 24.64 11.37 19.23
N LEU A 1309 24.83 12.21 18.22
CA LEU A 1309 24.30 11.91 16.90
C LEU A 1309 24.91 10.65 16.31
N ILE A 1310 26.15 10.31 16.68
CA ILE A 1310 26.74 9.09 16.15
C ILE A 1310 26.58 7.89 17.08
N VAL A 1311 26.27 8.08 18.36
CA VAL A 1311 26.15 6.93 19.26
C VAL A 1311 24.71 6.59 19.62
N THR A 1312 23.74 7.44 19.31
CA THR A 1312 22.37 7.03 19.57
C THR A 1312 21.88 6.07 18.50
N PRO A 1313 22.03 6.38 17.20
CA PRO A 1313 21.54 5.43 16.20
C PRO A 1313 22.15 4.06 16.32
N ALA A 1314 23.43 3.96 16.66
CA ALA A 1314 24.04 2.64 16.78
C ALA A 1314 23.51 1.89 17.99
N LEU A 1315 23.34 2.59 19.11
CA LEU A 1315 22.85 1.91 20.30
C LEU A 1315 21.39 1.51 20.15
N CYS A 1316 20.65 2.17 19.26
CA CYS A 1316 19.26 1.79 19.00
C CYS A 1316 19.11 0.80 17.85
N LEU A 1317 20.13 0.64 17.01
CA LEU A 1317 20.08 -0.30 15.89
C LEU A 1317 20.78 -1.61 16.16
N LEU A 1318 21.74 -1.66 17.07
CA LEU A 1318 22.47 -2.89 17.29
C LEU A 1318 21.60 -4.07 17.70
N PRO A 1319 20.65 -3.95 18.63
CA PRO A 1319 19.86 -5.13 19.00
C PRO A 1319 19.01 -5.68 17.86
N ARG A 1320 18.82 -4.93 16.79
CA ARG A 1320 18.19 -5.45 15.58
C ARG A 1320 19.20 -5.93 14.55
N LEU A 1321 20.32 -5.25 14.40
CA LEU A 1321 21.33 -5.70 13.45
C LEU A 1321 21.90 -7.05 13.86
N VAL A 1322 22.09 -7.25 15.16
CA VAL A 1322 22.62 -8.54 15.63
C VAL A 1322 21.62 -9.66 15.38
N VAL A 1323 20.35 -9.42 15.68
CA VAL A 1323 19.32 -10.42 15.39
C VAL A 1323 19.28 -10.71 13.91
N LYS A 1324 19.29 -9.67 13.09
CA LYS A 1324 19.20 -9.84 11.65
C LYS A 1324 20.35 -10.68 11.12
N CYS A 1325 21.57 -10.36 11.54
CA CYS A 1325 22.71 -11.10 11.01
C CYS A 1325 22.73 -12.54 11.53
N ILE A 1326 22.55 -12.73 12.84
CA ILE A 1326 22.59 -14.09 13.38
C ILE A 1326 21.51 -14.94 12.76
N GLN A 1327 20.34 -14.36 12.49
CA GLN A 1327 19.26 -15.13 11.88
C GLN A 1327 19.58 -15.43 10.42
N LYS A 1328 19.98 -14.44 9.65
CA LYS A 1328 20.32 -14.66 8.25
C LYS A 1328 21.58 -15.51 8.11
N GLN A 1329 22.15 -15.93 9.24
CA GLN A 1329 23.27 -16.87 9.20
C GLN A 1329 22.97 -18.22 9.85
N ARG A 1330 22.03 -18.29 10.78
CA ARG A 1330 21.82 -19.51 11.54
C ARG A 1330 20.41 -20.06 11.45
N PHE A 1331 19.40 -19.24 11.16
CA PHE A 1331 18.01 -19.68 11.01
C PHE A 1331 17.43 -19.10 9.73
N PRO A 1332 18.06 -19.34 8.59
CA PRO A 1332 17.75 -18.55 7.40
C PRO A 1332 16.39 -18.89 6.83
N TYR A 1333 15.79 -17.90 6.16
CA TYR A 1333 14.56 -18.13 5.43
C TYR A 1333 14.90 -18.77 4.09
N ASP A 1334 13.94 -18.82 3.18
CA ASP A 1334 14.24 -19.23 1.81
C ASP A 1334 14.67 -18.06 0.96
N VAL A 1335 14.16 -16.86 1.25
CA VAL A 1335 14.50 -15.71 0.44
C VAL A 1335 15.97 -15.38 0.58
N ASP A 1336 16.51 -15.47 1.79
CA ASP A 1336 17.92 -15.13 1.97
C ASP A 1336 18.82 -16.19 1.35
N ILE A 1337 18.40 -17.46 1.31
CA ILE A 1337 19.21 -18.46 0.62
C ILE A 1337 19.18 -18.24 -0.89
N ILE A 1338 18.00 -17.97 -1.44
CA ILE A 1338 17.96 -17.65 -2.87
C ILE A 1338 18.74 -16.39 -3.16
N ARG A 1339 18.85 -15.48 -2.19
CA ARG A 1339 19.64 -14.28 -2.41
C ARG A 1339 21.13 -14.59 -2.37
N GLU A 1340 21.56 -15.43 -1.43
CA GLU A 1340 22.95 -15.86 -1.39
C GLU A 1340 23.31 -16.72 -2.59
N GLN A 1341 22.31 -17.31 -3.27
CA GLN A 1341 22.58 -18.04 -4.50
C GLN A 1341 22.63 -17.11 -5.70
N ALA A 1342 21.77 -16.11 -5.76
CA ALA A 1342 21.89 -15.11 -6.81
C ALA A 1342 23.01 -14.13 -6.56
N ASN A 1343 23.83 -14.36 -5.54
CA ASN A 1343 25.05 -13.60 -5.30
C ASN A 1343 26.28 -14.30 -5.88
N ARG A 1344 26.38 -15.62 -5.72
CA ARG A 1344 27.36 -16.38 -6.46
C ARG A 1344 27.24 -16.08 -7.94
N GLY A 1345 26.02 -16.20 -8.47
CA GLY A 1345 25.78 -16.08 -9.89
C GLY A 1345 25.00 -17.27 -10.41
N ASP A 1346 24.39 -18.04 -9.52
CA ASP A 1346 23.63 -19.21 -9.94
C ASP A 1346 22.52 -18.83 -10.91
N PHE A 1347 21.57 -18.03 -10.46
CA PHE A 1347 20.50 -17.57 -11.32
C PHE A 1347 20.90 -16.38 -12.16
N ALA A 1348 22.20 -16.12 -12.26
CA ALA A 1348 22.70 -15.15 -13.23
C ALA A 1348 22.68 -15.70 -14.65
N ALA A 1349 22.67 -17.03 -14.80
CA ALA A 1349 22.41 -17.61 -16.11
C ALA A 1349 20.93 -17.47 -16.48
N ALA A 1350 20.04 -17.47 -15.49
CA ALA A 1350 18.63 -17.18 -15.75
C ALA A 1350 18.44 -15.74 -16.19
N ASP A 1351 19.03 -14.79 -15.44
CA ASP A 1351 19.03 -13.39 -15.88
C ASP A 1351 19.70 -13.25 -17.23
N ALA A 1352 20.70 -14.09 -17.51
CA ALA A 1352 21.40 -14.03 -18.80
C ALA A 1352 20.48 -14.45 -19.94
N ALA A 1353 19.77 -15.56 -19.77
CA ALA A 1353 18.76 -15.95 -20.75
C ALA A 1353 17.70 -14.86 -20.88
N ALA A 1354 17.36 -14.20 -19.77
CA ALA A 1354 16.32 -13.18 -19.81
C ALA A 1354 16.76 -11.96 -20.61
N VAL A 1355 18.02 -11.54 -20.45
CA VAL A 1355 18.49 -10.38 -21.19
C VAL A 1355 18.79 -10.75 -22.64
N ALA A 1356 19.06 -12.02 -22.92
CA ALA A 1356 19.32 -12.45 -24.29
C ALA A 1356 18.01 -12.64 -25.04
N ALA B 23 1.56 6.21 -35.49
CA ALA B 23 1.84 5.14 -34.54
C ALA B 23 0.95 5.24 -33.32
N PRO B 24 -0.23 4.63 -33.38
CA PRO B 24 -1.15 4.70 -32.24
C PRO B 24 -0.87 3.63 -31.20
N LYS B 25 0.41 3.45 -30.86
CA LYS B 25 0.78 2.39 -29.94
C LYS B 25 0.35 2.76 -28.52
N ASN B 26 0.43 1.77 -27.65
CA ASN B 26 -0.01 1.93 -26.27
C ASN B 26 0.94 1.25 -25.30
N ARG B 27 2.17 0.96 -25.71
CA ARG B 27 3.06 0.27 -24.80
C ARG B 27 3.61 1.25 -23.76
N PRO B 28 3.87 0.77 -22.54
CA PRO B 28 4.44 1.63 -21.53
C PRO B 28 5.91 1.86 -21.79
N PRO B 29 6.37 3.11 -21.68
CA PRO B 29 7.77 3.42 -21.98
C PRO B 29 8.75 2.58 -21.19
N ASN B 30 9.61 1.87 -21.90
CA ASN B 30 10.66 1.07 -21.27
C ASN B 30 11.75 2.01 -20.79
N THR B 31 11.78 2.26 -19.48
CA THR B 31 12.84 3.02 -18.84
C THR B 31 13.43 2.19 -17.71
N ALA B 32 14.26 2.82 -16.89
CA ALA B 32 14.85 2.16 -15.75
C ALA B 32 14.00 2.28 -14.50
N PHE B 33 12.90 3.00 -14.56
CA PHE B 33 12.02 3.20 -13.41
C PHE B 33 10.73 2.42 -13.52
N ARG B 34 10.00 2.56 -14.63
CA ARG B 34 8.72 1.87 -14.76
C ARG B 34 8.90 0.36 -14.70
N GLN B 35 9.96 -0.16 -15.28
CA GLN B 35 10.23 -1.59 -15.26
C GLN B 35 10.96 -2.02 -14.01
N GLN B 36 11.22 -1.10 -13.08
CA GLN B 36 11.86 -1.40 -11.80
C GLN B 36 13.24 -2.03 -12.03
N ARG B 37 14.13 -1.23 -12.62
CA ARG B 37 15.50 -1.63 -12.87
C ARG B 37 16.53 -0.66 -12.32
N MET B 38 16.13 0.27 -11.45
CA MET B 38 17.01 1.35 -11.02
C MET B 38 18.29 0.80 -10.42
N ARG B 39 19.37 1.58 -10.56
CA ARG B 39 20.67 1.12 -10.08
C ARG B 39 20.61 0.89 -8.59
N ALA B 40 21.07 -0.28 -8.17
CA ALA B 40 20.85 -0.70 -6.80
C ALA B 40 22.10 -1.36 -6.26
N TRP B 41 22.04 -1.74 -4.99
CA TRP B 41 23.09 -2.54 -4.36
C TRP B 41 22.39 -3.56 -3.48
N GLN B 42 22.33 -4.80 -3.93
CA GLN B 42 21.60 -5.81 -3.17
C GLN B 42 22.29 -6.08 -1.85
N CYS B 43 21.70 -5.59 -0.77
CA CYS B 43 22.29 -5.65 0.57
C CYS B 43 22.10 -7.05 1.14
N VAL B 44 22.94 -7.98 0.70
CA VAL B 44 22.93 -9.34 1.18
C VAL B 44 24.03 -9.51 2.22
N LEU B 45 23.62 -9.88 3.44
CA LEU B 45 24.58 -10.12 4.50
C LEU B 45 25.39 -11.37 4.24
N THR B 46 26.65 -11.32 4.61
CA THR B 46 27.63 -12.36 4.35
C THR B 46 28.62 -12.27 5.50
N PRO B 47 29.15 -13.38 6.00
CA PRO B 47 30.14 -13.25 7.08
C PRO B 47 31.48 -12.79 6.56
N LYS B 48 31.42 -11.83 5.65
CA LYS B 48 32.51 -10.95 5.29
C LYS B 48 32.00 -9.53 5.09
N LEU B 49 30.69 -9.33 5.13
CA LEU B 49 30.09 -8.02 5.30
C LEU B 49 29.66 -7.76 6.74
N ILE B 50 29.37 -8.81 7.50
CA ILE B 50 29.07 -8.64 8.91
C ILE B 50 30.33 -8.28 9.68
N VAL B 51 31.43 -8.98 9.40
CA VAL B 51 32.65 -8.74 10.16
C VAL B 51 33.28 -7.40 9.78
N THR B 52 33.20 -7.02 8.51
CA THR B 52 33.72 -5.71 8.14
C THR B 52 32.78 -4.58 8.51
N VAL B 53 31.72 -4.85 9.25
CA VAL B 53 30.90 -3.82 9.87
C VAL B 53 31.08 -3.78 11.37
N PHE B 54 31.08 -4.94 12.02
CA PHE B 54 31.40 -4.98 13.43
C PHE B 54 32.89 -4.85 13.70
N SER B 55 33.70 -4.66 12.66
CA SER B 55 35.09 -4.26 12.83
C SER B 55 35.31 -2.78 12.53
N ILE B 56 34.34 -2.11 11.93
CA ILE B 56 34.41 -0.67 11.77
C ILE B 56 33.71 0.04 12.92
N LEU B 57 32.54 -0.47 13.34
CA LEU B 57 31.86 0.15 14.47
C LEU B 57 32.67 0.01 15.74
N ALA B 58 33.23 -1.16 16.00
CA ALA B 58 34.02 -1.32 17.21
C ALA B 58 35.22 -0.40 17.21
N ALA B 59 35.88 -0.25 16.07
CA ALA B 59 37.02 0.66 15.98
C ALA B 59 36.61 2.09 16.25
N ILE B 60 35.60 2.59 15.53
CA ILE B 60 35.21 3.99 15.68
C ILE B 60 34.73 4.27 17.09
N TYR B 61 34.02 3.33 17.70
CA TYR B 61 33.44 3.65 19.00
C TYR B 61 34.47 3.51 20.11
N LEU B 62 35.37 2.54 20.03
CA LEU B 62 36.44 2.52 21.03
C LEU B 62 37.33 3.75 20.90
N GLY B 63 37.59 4.20 19.67
CA GLY B 63 38.37 5.40 19.51
C GLY B 63 37.72 6.64 20.11
N PHE B 64 36.50 6.94 19.66
CA PHE B 64 35.78 8.10 20.18
C PHE B 64 35.55 8.00 21.68
N GLY B 65 35.34 6.80 22.19
CA GLY B 65 35.12 6.64 23.62
C GLY B 65 36.38 6.89 24.42
N ALA B 66 37.52 6.43 23.93
CA ALA B 66 38.77 6.74 24.60
C ALA B 66 39.01 8.24 24.61
N TRP B 67 38.77 8.90 23.49
CA TRP B 67 38.94 10.34 23.45
C TRP B 67 38.03 11.03 24.47
N LEU B 68 36.75 10.68 24.48
CA LEU B 68 35.80 11.37 25.35
C LEU B 68 36.05 11.07 26.82
N THR B 69 36.52 9.87 27.15
CA THR B 69 36.81 9.62 28.56
C THR B 69 38.09 10.31 29.00
N TYR B 70 39.08 10.45 28.11
CA TYR B 70 40.22 11.28 28.44
C TYR B 70 39.79 12.73 28.69
N LEU B 71 38.92 13.25 27.83
CA LEU B 71 38.40 14.59 28.06
C LEU B 71 37.71 14.71 29.41
N ALA B 72 36.78 13.79 29.69
CA ALA B 72 36.03 13.87 30.95
C ALA B 72 36.92 13.71 32.16
N HIS B 73 38.05 13.03 32.04
CA HIS B 73 39.01 12.97 33.14
C HIS B 73 39.94 14.17 33.16
N THR B 74 39.95 14.99 32.11
CA THR B 74 40.76 16.20 32.14
C THR B 74 40.24 17.21 33.15
N VAL B 75 38.97 17.61 33.05
CA VAL B 75 38.50 18.78 33.79
C VAL B 75 38.47 18.49 35.28
N ARG B 76 38.48 19.57 36.06
CA ARG B 76 38.56 19.53 37.51
C ARG B 76 37.59 20.54 38.07
N ASP B 77 36.80 20.15 39.07
CA ASP B 77 35.79 21.06 39.58
C ASP B 77 35.46 20.76 41.03
N LEU B 78 34.63 21.61 41.62
CA LEU B 78 34.26 21.50 43.02
C LEU B 78 32.87 22.08 43.20
N LYS B 79 31.96 21.28 43.76
CA LYS B 79 30.60 21.71 44.02
C LYS B 79 30.33 21.60 45.51
N ILE B 80 29.95 22.71 46.12
CA ILE B 80 29.66 22.78 47.54
C ILE B 80 28.17 23.00 47.71
N ASP B 81 27.56 22.20 48.57
CA ASP B 81 26.14 22.29 48.87
C ASP B 81 25.94 23.08 50.16
N TYR B 82 25.01 24.02 50.13
CA TYR B 82 24.82 24.89 51.28
C TYR B 82 23.36 25.13 51.58
N THR B 83 22.48 24.22 51.18
CA THR B 83 21.05 24.45 51.38
C THR B 83 20.71 24.64 52.85
N ASP B 84 21.50 24.07 53.76
CA ASP B 84 21.24 24.13 55.18
C ASP B 84 22.23 25.03 55.91
N CYS B 85 22.66 26.10 55.26
CA CYS B 85 23.60 27.00 55.91
C CYS B 85 22.93 27.90 56.92
N LEU B 86 21.65 28.20 56.73
CA LEU B 86 20.94 29.06 57.68
C LEU B 86 20.61 28.36 58.98
N THR B 87 20.83 27.06 59.08
CA THR B 87 20.54 26.31 60.28
C THR B 87 21.77 25.67 60.90
N SER B 88 22.55 24.95 60.10
CA SER B 88 23.68 24.17 60.62
C SER B 88 25.00 24.93 60.56
N ALA B 89 24.97 26.25 60.46
CA ALA B 89 26.20 27.04 60.47
C ALA B 89 26.19 27.98 61.67
N PRO B 90 27.13 27.87 62.60
CA PRO B 90 27.15 28.80 63.74
C PRO B 90 27.37 30.23 63.28
N LYS B 91 26.79 31.15 64.04
CA LYS B 91 26.83 32.57 63.67
C LYS B 91 28.17 33.20 64.01
N ASP B 92 28.92 32.60 64.93
CA ASP B 92 30.11 33.25 65.47
C ASP B 92 31.32 33.06 64.58
N ASP B 93 31.75 31.82 64.37
CA ASP B 93 33.02 31.55 63.69
C ASP B 93 32.82 30.35 62.78
N PHE B 94 33.93 29.81 62.29
CA PHE B 94 33.91 28.78 61.25
C PHE B 94 34.00 27.38 61.84
N GLU B 95 33.56 26.42 61.04
CA GLU B 95 33.70 24.99 61.34
C GLU B 95 33.60 24.24 60.02
N THR B 96 33.61 22.91 60.09
CA THR B 96 33.77 22.09 58.90
C THR B 96 32.44 21.72 58.29
N ILE B 97 32.37 21.78 56.97
CA ILE B 97 31.20 21.28 56.23
C ILE B 97 31.28 19.75 56.18
N PRO B 98 30.25 19.03 56.58
CA PRO B 98 30.27 17.57 56.43
C PRO B 98 30.41 17.18 54.97
N GLN B 99 31.34 16.28 54.70
CA GLN B 99 31.70 15.94 53.32
C GLN B 99 30.54 15.33 52.55
N ASN B 100 29.37 15.16 53.16
CA ASN B 100 28.19 14.82 52.39
C ASN B 100 27.66 15.99 51.57
N HIS B 101 28.27 17.17 51.71
CA HIS B 101 27.95 18.34 50.89
C HIS B 101 29.00 18.62 49.84
N ILE B 102 30.27 18.50 50.17
CA ILE B 102 31.36 18.78 49.25
C ILE B 102 31.46 17.65 48.24
N THR B 103 31.66 17.99 46.98
CA THR B 103 32.10 17.01 46.00
C THR B 103 33.19 17.67 45.16
N ALA B 104 34.22 16.90 44.83
CA ALA B 104 35.41 17.47 44.24
C ALA B 104 36.03 16.48 43.30
N HIS B 105 36.46 16.97 42.13
CA HIS B 105 37.13 16.17 41.13
C HIS B 105 38.38 16.93 40.69
N PHE B 106 39.46 16.70 41.43
CA PHE B 106 40.79 17.21 41.14
C PHE B 106 41.75 16.03 41.04
N SER B 107 43.04 16.31 40.85
CA SER B 107 44.04 15.25 40.88
C SER B 107 45.31 15.71 41.57
N ALA B 108 45.22 16.68 42.48
CA ALA B 108 46.39 17.10 43.23
C ALA B 108 46.86 16.02 44.19
N LYS B 109 45.96 15.11 44.56
CA LYS B 109 46.28 13.90 45.33
C LYS B 109 46.94 14.25 46.66
N ASP B 110 46.12 14.85 47.53
CA ASP B 110 46.47 15.11 48.93
C ASP B 110 47.50 16.21 49.09
N SER B 111 47.33 17.33 48.40
CA SER B 111 48.11 18.51 48.71
C SER B 111 47.67 19.08 50.06
N THR B 112 48.29 20.20 50.44
CA THR B 112 47.98 20.84 51.71
C THR B 112 46.66 21.60 51.71
N PHE B 113 45.84 21.43 50.67
CA PHE B 113 44.57 22.14 50.58
C PHE B 113 43.37 21.22 50.70
N ASP B 114 43.41 20.04 50.11
CA ASP B 114 42.44 18.99 50.40
C ASP B 114 41.01 19.50 50.23
N PRO B 115 40.52 19.62 49.01
CA PRO B 115 39.20 20.22 48.81
C PRO B 115 38.07 19.37 49.37
N TYR B 116 38.19 19.01 50.65
CA TYR B 116 37.11 18.38 51.39
C TYR B 116 37.00 18.96 52.78
N LYS B 117 37.78 19.99 53.10
CA LYS B 117 37.74 20.70 54.37
C LYS B 117 37.36 22.14 54.08
N ALA B 118 36.06 22.42 54.09
CA ALA B 118 35.55 23.73 53.69
C ALA B 118 34.94 24.42 54.91
N GLN B 119 35.72 25.26 55.58
CA GLN B 119 35.20 26.04 56.69
C GLN B 119 34.05 26.92 56.23
N TRP B 120 33.08 27.13 57.11
CA TRP B 120 31.91 27.90 56.71
C TRP B 120 31.21 28.46 57.93
N LYS B 121 30.55 29.60 57.73
CA LYS B 121 29.94 30.38 58.78
C LYS B 121 28.70 31.06 58.20
N THR B 122 27.82 31.51 59.07
CA THR B 122 26.67 32.29 58.64
C THR B 122 26.62 33.59 59.42
N THR B 123 25.82 34.53 58.93
CA THR B 123 25.70 35.83 59.57
C THR B 123 24.45 36.52 59.06
N GLU B 124 24.13 37.65 59.66
CA GLU B 124 23.04 38.50 59.20
C GLU B 124 23.58 39.91 59.07
N ARG B 125 23.37 40.52 57.91
CA ARG B 125 24.00 41.80 57.63
C ARG B 125 23.05 42.72 56.89
N GLU B 126 23.09 44.00 57.23
CA GLU B 126 22.31 44.98 56.49
C GLU B 126 22.92 45.20 55.12
N VAL B 127 22.10 45.65 54.18
CA VAL B 127 22.47 45.79 52.79
C VAL B 127 21.83 47.05 52.23
N GLN B 128 22.63 47.86 51.55
CA GLN B 128 22.19 49.09 50.90
C GLN B 128 21.73 48.71 49.50
N VAL B 129 20.44 48.44 49.34
CA VAL B 129 19.94 48.02 48.02
C VAL B 129 19.71 49.24 47.15
N ALA B 130 18.75 50.08 47.52
CA ALA B 130 18.58 51.37 46.87
C ALA B 130 17.89 52.27 47.89
N ASN B 131 18.68 53.07 48.59
CA ASN B 131 18.21 54.10 49.52
C ASN B 131 17.23 53.58 50.57
N TYR B 132 17.14 52.27 50.81
CA TYR B 132 16.28 51.83 51.90
C TYR B 132 16.87 50.71 52.77
N THR B 133 18.00 50.14 52.37
CA THR B 133 18.91 49.40 53.26
C THR B 133 18.19 48.25 53.99
N ASP B 134 17.77 47.25 53.22
CA ASP B 134 17.14 46.07 53.80
C ASP B 134 18.21 45.14 54.37
N ASN B 135 17.84 44.34 55.36
CA ASN B 135 18.80 43.45 55.99
C ASN B 135 18.62 42.03 55.46
N ARG B 136 19.71 41.44 55.00
CA ARG B 136 19.74 40.09 54.45
C ARG B 136 20.49 39.17 55.38
N GLN B 137 20.56 37.90 55.00
CA GLN B 137 21.25 36.88 55.80
C GLN B 137 22.27 36.18 54.92
N PHE B 138 23.54 36.27 55.31
CA PHE B 138 24.65 35.84 54.49
C PHE B 138 25.21 34.50 54.97
N CYS B 139 25.92 33.84 54.07
CA CYS B 139 26.71 32.65 54.36
C CYS B 139 28.10 32.84 53.77
N ILE B 140 29.12 32.67 54.60
CA ILE B 140 30.50 32.77 54.17
C ILE B 140 31.06 31.36 54.09
N VAL B 141 31.66 31.02 52.95
CA VAL B 141 32.23 29.70 52.74
C VAL B 141 33.71 29.85 52.44
N ARG B 142 34.54 29.03 53.08
CA ARG B 142 35.99 29.07 52.89
C ARG B 142 36.44 27.69 52.42
N PHE B 143 36.67 27.55 51.12
CA PHE B 143 37.04 26.28 50.52
C PHE B 143 38.49 26.31 50.06
N ASN B 144 38.98 25.15 49.64
CA ASN B 144 40.36 25.02 49.17
C ASN B 144 40.39 24.51 47.74
N ILE B 145 41.29 25.07 46.94
CA ILE B 145 41.44 24.67 45.54
C ILE B 145 42.91 24.29 45.34
N PRO B 146 43.24 23.02 45.17
CA PRO B 146 44.64 22.59 45.24
C PRO B 146 45.41 22.64 43.93
N GLU B 147 44.78 22.99 42.81
CA GLU B 147 45.47 23.05 41.54
C GLU B 147 45.18 24.38 40.87
N ASP B 148 46.12 24.83 40.04
CA ASP B 148 45.96 26.09 39.32
C ASP B 148 45.02 25.85 38.16
N LEU B 149 43.73 26.11 38.37
CA LEU B 149 42.75 25.96 37.30
C LEU B 149 43.07 26.92 36.15
N GLN B 150 42.56 26.61 34.98
CA GLN B 150 42.99 27.21 33.73
C GLN B 150 42.12 28.39 33.34
N PRO B 151 42.59 29.24 32.41
CA PRO B 151 42.01 30.58 32.27
C PRO B 151 40.51 30.67 31.99
N THR B 152 39.80 29.58 31.76
CA THR B 152 38.35 29.66 31.60
C THR B 152 37.67 28.93 32.75
N ILE B 153 37.09 29.69 33.67
CA ILE B 153 36.56 29.17 34.92
C ILE B 153 35.16 29.71 35.11
N SER B 154 34.17 28.83 35.02
CA SER B 154 32.78 29.20 35.18
C SER B 154 32.34 28.94 36.61
N PHE B 155 31.16 29.46 36.95
CA PHE B 155 30.66 29.42 38.32
C PHE B 155 29.15 29.24 38.24
N PHE B 156 28.68 28.01 38.39
CA PHE B 156 27.26 27.71 38.24
C PHE B 156 26.59 27.60 39.61
N TYR B 157 25.30 27.88 39.63
CA TYR B 157 24.45 27.49 40.75
C TYR B 157 23.54 26.34 40.35
N TYR B 158 23.21 25.52 41.32
CA TYR B 158 22.60 24.22 41.11
C TYR B 158 21.35 24.13 41.97
N LEU B 159 20.23 23.72 41.38
CA LEU B 159 18.94 23.70 42.07
C LEU B 159 18.28 22.35 41.88
N GLU B 160 18.21 21.56 42.93
CA GLU B 160 17.49 20.30 42.87
C GLU B 160 16.00 20.50 43.13
N ASN B 161 15.19 19.61 42.57
CA ASN B 161 13.77 19.52 42.89
C ASN B 161 13.02 20.80 42.53
N PHE B 162 13.51 21.55 41.55
CA PHE B 162 12.87 22.80 41.15
C PHE B 162 12.45 22.68 39.70
N TYR B 163 11.16 22.48 39.48
CA TYR B 163 10.64 22.20 38.15
C TYR B 163 10.35 23.49 37.41
N GLN B 164 11.13 23.76 36.37
CA GLN B 164 10.83 24.85 35.45
C GLN B 164 10.12 24.37 34.19
N ASN B 165 9.72 23.10 34.15
CA ASN B 165 9.10 22.52 32.96
C ASN B 165 7.69 22.07 33.30
N HIS B 166 6.75 22.99 33.22
CA HIS B 166 5.35 22.70 33.44
C HIS B 166 4.55 23.40 32.34
N ARG B 167 3.42 22.82 31.97
CA ARG B 167 2.66 23.34 30.83
C ARG B 167 2.28 24.79 31.04
N ARG B 168 2.02 25.19 32.28
CA ARG B 168 1.64 26.56 32.60
C ARG B 168 2.84 27.46 32.84
N TYR B 169 3.94 26.91 33.34
CA TYR B 169 5.11 27.68 33.73
C TYR B 169 5.98 28.09 32.56
N VAL B 170 5.97 27.32 31.47
CA VAL B 170 6.88 27.59 30.37
C VAL B 170 6.32 28.61 29.37
N ASN B 171 5.01 28.69 29.25
CA ASN B 171 4.40 29.63 28.30
C ASN B 171 4.04 30.95 28.94
N SER B 172 4.30 31.12 30.23
CA SER B 172 3.83 32.27 30.99
C SER B 172 4.87 33.38 30.95
N PHE B 173 4.88 34.11 29.83
CA PHE B 173 5.58 35.38 29.72
C PHE B 173 5.08 36.05 28.45
N ASN B 174 5.32 37.35 28.35
CA ASN B 174 4.94 38.12 27.17
C ASN B 174 6.22 38.60 26.52
N ALA B 175 6.79 37.76 25.65
CA ALA B 175 8.07 38.09 25.03
C ALA B 175 8.01 39.39 24.24
N LYS B 176 6.83 39.76 23.73
CA LYS B 176 6.67 41.04 23.08
C LYS B 176 6.85 42.20 24.06
N GLN B 177 6.79 41.92 25.35
CA GLN B 177 7.07 42.93 26.35
C GLN B 177 8.51 42.88 26.84
N LEU B 178 9.06 41.68 27.06
CA LEU B 178 10.48 41.59 27.39
C LEU B 178 11.31 42.25 26.29
N LEU B 179 10.87 42.14 25.04
CA LEU B 179 11.52 42.86 23.95
C LEU B 179 11.53 44.37 24.18
N GLY B 180 10.65 44.86 25.04
CA GLY B 180 10.55 46.27 25.31
C GLY B 180 9.40 46.84 24.52
N ASP B 181 8.25 46.97 25.17
CA ASP B 181 7.05 47.50 24.55
C ASP B 181 6.14 48.00 25.65
N ALA B 182 5.13 48.78 25.26
CA ALA B 182 4.14 49.31 26.18
C ALA B 182 2.82 48.58 26.02
N VAL B 183 2.88 47.27 25.79
CA VAL B 183 1.67 46.47 25.69
C VAL B 183 0.97 46.50 27.05
N ASP B 184 -0.25 47.03 27.07
CA ASP B 184 -0.87 47.42 28.32
C ASP B 184 -2.21 46.72 28.53
N GLY B 185 -2.46 46.34 29.78
CA GLY B 185 -3.80 46.07 30.25
C GLY B 185 -4.41 44.76 29.78
N LYS B 186 -5.37 44.86 28.86
CA LYS B 186 -6.11 43.67 28.47
C LYS B 186 -5.25 42.72 27.67
N THR B 187 -4.49 43.24 26.70
CA THR B 187 -3.61 42.39 25.90
C THR B 187 -2.59 41.65 26.76
N ILE B 188 -2.36 42.12 27.97
CA ILE B 188 -1.53 41.38 28.91
C ILE B 188 -2.36 40.68 29.99
N ASN B 189 -3.52 41.23 30.36
CA ASN B 189 -4.38 40.58 31.35
C ASN B 189 -4.76 39.16 30.91
N ASP B 190 -5.09 38.99 29.64
CA ASP B 190 -5.56 37.70 29.14
C ASP B 190 -4.51 36.94 28.36
N SER B 191 -3.24 37.29 28.50
CA SER B 191 -2.18 36.55 27.84
C SER B 191 -1.98 35.23 28.56
N THR B 192 -0.94 34.50 28.20
CA THR B 192 -0.66 33.24 28.88
C THR B 192 -0.22 33.43 30.32
N CYS B 193 0.18 34.64 30.70
CA CYS B 193 0.55 34.97 32.08
C CYS B 193 -0.72 35.42 32.80
N ASP B 194 -1.50 34.43 33.22
CA ASP B 194 -2.82 34.65 33.80
C ASP B 194 -2.81 35.05 35.28
N PRO B 195 -2.04 34.37 36.16
CA PRO B 195 -2.10 34.73 37.58
C PRO B 195 -1.48 36.09 37.87
N ILE B 196 -0.26 36.29 37.40
CA ILE B 196 0.52 37.48 37.72
C ILE B 196 0.49 38.46 36.56
N THR B 197 -0.48 39.36 36.56
CA THR B 197 -0.56 40.37 35.51
C THR B 197 -1.01 41.74 36.02
N HIS B 198 -1.24 41.89 37.31
CA HIS B 198 -1.62 43.19 37.84
C HIS B 198 -1.04 43.35 39.22
N ASP B 199 -1.15 44.56 39.76
CA ASP B 199 -0.66 44.84 41.10
C ASP B 199 -1.57 44.14 42.10
N PRO B 200 -1.04 43.30 42.99
CA PRO B 200 -1.90 42.63 43.97
C PRO B 200 -2.37 43.59 45.04
N LYS B 201 -2.78 44.79 44.61
CA LYS B 201 -3.29 45.83 45.49
C LYS B 201 -4.33 46.61 44.72
N GLY B 202 -4.73 47.76 45.27
CA GLY B 202 -5.73 48.59 44.64
C GLY B 202 -5.30 49.15 43.31
N THR B 203 -4.18 49.87 43.31
CA THR B 203 -3.76 50.63 42.14
C THR B 203 -3.71 49.75 40.90
N GLY B 204 -4.39 50.20 39.84
CA GLY B 204 -4.38 49.46 38.60
C GLY B 204 -3.07 49.63 37.88
N LYS B 205 -2.23 48.60 37.89
CA LYS B 205 -0.88 48.72 37.38
C LYS B 205 -0.48 47.46 36.64
N ILE B 206 0.24 47.65 35.52
CA ILE B 206 0.84 46.53 34.83
C ILE B 206 2.03 46.04 35.66
N VAL B 207 2.41 44.78 35.43
CA VAL B 207 3.68 44.27 35.93
C VAL B 207 4.65 44.29 34.76
N TYR B 208 5.86 44.79 34.99
CA TYR B 208 6.73 44.98 33.83
C TYR B 208 7.39 43.68 33.40
N PRO B 209 8.10 42.95 34.26
CA PRO B 209 8.65 41.67 33.82
C PRO B 209 7.60 40.57 33.90
N CYS B 210 6.33 40.95 33.84
CA CYS B 210 5.19 40.09 34.14
C CYS B 210 5.29 38.68 33.60
N GLY B 211 4.77 37.75 34.36
CA GLY B 211 4.82 36.35 34.01
C GLY B 211 4.83 35.52 35.27
N LEU B 212 5.08 34.24 35.09
CA LEU B 212 5.30 33.34 36.21
C LEU B 212 6.73 32.85 36.28
N VAL B 213 7.48 32.93 35.17
CA VAL B 213 8.86 32.52 35.15
C VAL B 213 9.80 33.66 35.51
N ALA B 214 9.49 34.89 35.12
CA ALA B 214 10.27 36.03 35.58
C ALA B 214 10.03 36.33 37.04
N ASN B 215 8.95 35.79 37.60
CA ASN B 215 8.63 36.03 39.00
C ASN B 215 9.56 35.27 39.94
N SER B 216 9.93 34.04 39.59
CA SER B 216 10.57 33.13 40.50
C SER B 216 12.08 33.13 40.39
N ILE B 217 12.65 34.21 39.85
CA ILE B 217 14.07 34.18 39.48
C ILE B 217 14.93 33.92 40.71
N PHE B 218 15.80 32.93 40.60
CA PHE B 218 16.74 32.65 41.67
C PHE B 218 17.57 33.89 41.91
N ASN B 219 17.65 34.29 43.19
CA ASN B 219 18.26 35.58 43.49
C ASN B 219 19.14 35.55 44.74
N ASP B 220 19.76 34.43 45.07
CA ASP B 220 20.96 34.50 45.87
C ASP B 220 22.01 35.26 45.08
N THR B 221 22.93 35.91 45.80
CA THR B 221 24.02 36.62 45.15
C THR B 221 25.33 36.09 45.72
N PHE B 222 26.24 35.73 44.82
CA PHE B 222 27.57 35.27 45.20
C PHE B 222 28.58 36.39 44.99
N SER B 223 29.57 36.43 45.86
CA SER B 223 30.71 37.31 45.70
C SER B 223 31.77 36.65 44.83
N SER B 224 32.70 37.45 44.35
CA SER B 224 33.84 36.93 43.63
C SER B 224 34.82 36.31 44.64
N PRO B 225 35.33 35.10 44.39
CA PRO B 225 36.16 34.44 45.39
C PRO B 225 37.35 35.29 45.80
N LEU B 226 37.66 35.27 47.09
CA LEU B 226 38.68 36.13 47.67
C LEU B 226 39.79 35.26 48.24
N ALA B 227 40.96 35.27 47.60
CA ALA B 227 42.06 34.42 48.02
C ALA B 227 42.53 34.81 49.41
N LEU B 228 42.31 33.94 50.39
CA LEU B 228 42.65 34.27 51.76
C LEU B 228 44.15 34.26 51.97
N ALA B 229 44.59 34.93 53.04
CA ALA B 229 46.00 35.19 53.30
C ALA B 229 46.57 34.05 54.15
N VAL B 230 47.41 33.21 53.52
CA VAL B 230 48.13 32.18 54.27
C VAL B 230 49.44 32.72 54.82
N ARG B 231 49.66 34.04 54.71
CA ARG B 231 50.84 34.74 55.20
C ARG B 231 52.10 34.42 54.40
N ASN B 232 52.03 33.50 53.42
CA ASN B 232 53.18 33.21 52.58
C ASN B 232 53.22 34.10 51.35
N SER B 233 52.09 34.30 50.68
CA SER B 233 51.98 35.26 49.60
C SER B 233 51.65 36.61 50.21
N SER B 234 52.47 37.62 49.91
CA SER B 234 52.38 38.90 50.61
C SER B 234 51.00 39.52 50.47
N ASP B 235 50.41 39.45 49.28
CA ASP B 235 49.07 39.97 49.05
C ASP B 235 48.07 39.27 49.96
N SER B 236 47.43 40.04 50.85
CA SER B 236 46.53 39.43 51.83
C SER B 236 45.35 38.77 51.14
N SER B 237 44.52 39.54 50.45
CA SER B 237 43.31 39.02 49.82
C SER B 237 43.16 39.72 48.48
N ARG B 238 43.71 39.12 47.43
CA ARG B 238 43.49 39.62 46.08
C ARG B 238 42.17 39.06 45.57
N PRO B 239 41.18 39.88 45.27
CA PRO B 239 39.92 39.36 44.78
C PRO B 239 40.07 38.80 43.37
N TYR B 240 39.46 37.64 43.15
CA TYR B 240 39.49 36.98 41.85
C TYR B 240 38.25 37.41 41.08
N ASN B 241 38.33 38.59 40.48
CA ASN B 241 37.17 39.18 39.82
C ASN B 241 36.65 38.27 38.72
N MET B 242 35.45 37.73 38.94
CA MET B 242 34.73 37.01 37.91
C MET B 242 33.53 37.85 37.50
N THR B 243 33.40 38.09 36.21
CA THR B 243 32.35 38.96 35.72
C THR B 243 31.11 38.18 35.34
N THR B 244 29.95 38.81 35.51
CA THR B 244 28.69 38.26 35.04
C THR B 244 28.30 38.88 33.71
N LYS B 245 29.28 39.13 32.85
CA LYS B 245 29.04 39.70 31.54
C LYS B 245 29.52 38.71 30.49
N GLY B 246 28.63 38.32 29.58
CA GLY B 246 28.97 37.31 28.60
C GLY B 246 28.73 35.89 29.07
N ILE B 247 27.78 35.69 29.99
CA ILE B 247 27.42 34.35 30.44
C ILE B 247 26.18 33.83 29.74
N ALA B 248 25.54 34.63 28.90
CA ALA B 248 24.44 34.19 28.05
C ALA B 248 24.90 34.20 26.61
N TRP B 249 24.14 33.54 25.76
CA TRP B 249 24.47 33.53 24.34
C TRP B 249 24.32 34.95 23.80
N PRO B 250 25.23 35.40 22.95
CA PRO B 250 25.15 36.78 22.46
C PRO B 250 24.04 36.95 21.44
N GLY B 251 23.25 35.92 21.23
CA GLY B 251 22.12 36.00 20.33
C GLY B 251 20.82 36.22 21.08
N LEU B 252 20.87 36.07 22.40
CA LEU B 252 19.68 36.30 23.21
C LEU B 252 19.36 37.78 23.33
N LYS B 253 20.37 38.64 23.27
CA LYS B 253 20.13 40.07 23.32
C LYS B 253 19.35 40.56 22.12
N ASP B 254 19.04 39.70 21.16
CA ASP B 254 18.14 40.03 20.06
C ASP B 254 16.68 39.86 20.45
N LEU B 255 16.40 39.36 21.65
CA LEU B 255 15.05 39.15 22.12
C LEU B 255 14.60 40.15 23.18
N TYR B 256 15.53 40.67 23.96
CA TYR B 256 15.24 41.56 25.08
C TYR B 256 15.66 42.99 24.75
N GLY B 257 15.32 43.91 25.63
CA GLY B 257 15.67 45.29 25.42
C GLY B 257 15.17 46.16 26.56
N LYS B 258 15.67 47.39 26.58
CA LYS B 258 15.24 48.37 27.58
C LYS B 258 13.75 48.63 27.44
N THR B 259 13.09 48.83 28.57
CA THR B 259 11.63 48.94 28.60
C THR B 259 11.16 50.22 27.91
N SER B 260 9.85 50.39 27.87
CA SER B 260 9.26 51.59 27.31
C SER B 260 8.08 52.13 28.11
N TYR B 261 7.68 51.47 29.19
CA TYR B 261 6.63 52.00 30.06
C TYR B 261 7.11 53.27 30.75
N SER B 262 6.15 54.12 31.11
CA SER B 262 6.46 55.43 31.67
C SER B 262 6.63 55.39 33.19
N LEU B 263 6.95 54.23 33.75
CA LEU B 263 7.35 54.09 35.15
C LEU B 263 6.22 54.39 36.12
N ASP B 264 5.09 54.84 35.59
CA ASP B 264 3.90 55.10 36.39
C ASP B 264 2.85 54.02 36.25
N GLN B 265 3.04 53.09 35.31
CA GLN B 265 2.10 52.00 35.06
C GLN B 265 2.77 50.64 35.13
N ILE B 266 3.83 50.47 35.92
CA ILE B 266 4.43 49.17 36.15
C ILE B 266 4.71 49.01 37.63
N VAL B 267 5.02 47.77 38.01
CA VAL B 267 5.20 47.40 39.41
C VAL B 267 5.97 46.08 39.41
N PRO B 268 6.85 45.82 40.37
CA PRO B 268 7.57 44.56 40.37
C PRO B 268 6.63 43.40 40.60
N PRO B 269 6.99 42.20 40.14
CA PRO B 269 6.15 41.03 40.39
C PRO B 269 6.05 40.74 41.87
N PRO B 270 5.11 39.91 42.29
CA PRO B 270 4.86 39.72 43.72
C PRO B 270 6.09 39.45 44.58
N ASN B 271 6.82 38.36 44.33
CA ASN B 271 7.98 38.10 45.16
C ASN B 271 9.25 38.62 44.51
N TRP B 272 9.18 39.87 44.07
CA TRP B 272 10.33 40.72 43.82
C TRP B 272 10.38 41.86 44.81
N GLU B 273 9.37 41.97 45.68
CA GLU B 273 9.18 43.19 46.44
C GLU B 273 10.35 43.50 47.35
N ARG B 274 10.94 42.47 47.96
CA ARG B 274 12.04 42.75 48.87
C ARG B 274 13.23 43.39 48.16
N ARG B 275 13.24 43.40 46.83
CA ARG B 275 14.26 44.13 46.09
C ARG B 275 13.79 45.52 45.72
N TYR B 276 12.52 45.67 45.37
CA TYR B 276 11.93 46.96 45.01
C TYR B 276 10.75 47.19 45.95
N LYS B 277 11.02 47.70 47.15
CA LYS B 277 9.95 47.84 48.13
C LYS B 277 9.06 49.04 47.90
N TYR B 278 9.49 50.00 47.09
CA TYR B 278 8.73 51.21 46.85
C TYR B 278 8.35 51.35 45.40
N GLY B 279 8.22 50.23 44.71
CA GLY B 279 7.85 50.24 43.31
C GLY B 279 9.03 50.55 42.42
N TYR B 280 8.71 50.80 41.15
CA TYR B 280 9.70 51.17 40.17
C TYR B 280 9.83 52.69 40.19
N GLN B 281 10.84 53.18 40.91
CA GLN B 281 11.07 54.61 41.05
C GLN B 281 12.18 55.06 40.10
N GLU B 282 12.37 56.37 40.04
CA GLU B 282 13.42 56.92 39.20
C GLU B 282 14.81 56.58 39.73
N ASN B 283 14.93 56.33 41.03
CA ASN B 283 16.20 55.95 41.64
C ASN B 283 16.29 54.45 41.91
N ASN B 284 15.20 53.71 41.70
CA ASN B 284 15.21 52.25 41.70
C ASN B 284 14.48 51.80 40.44
N PRO B 285 15.09 52.00 39.27
CA PRO B 285 14.38 51.85 38.01
C PRO B 285 14.31 50.39 37.62
N PRO B 286 13.46 50.04 36.65
CA PRO B 286 13.33 48.65 36.25
C PRO B 286 14.65 48.13 35.69
N PRO B 287 14.86 46.83 35.70
CA PRO B 287 16.09 46.29 35.15
C PRO B 287 16.14 46.50 33.64
N ASP B 288 17.36 46.65 33.12
CA ASP B 288 17.58 46.67 31.69
C ASP B 288 17.87 45.24 31.27
N LEU B 289 16.86 44.56 30.72
CA LEU B 289 16.96 43.13 30.49
C LEU B 289 18.04 42.79 29.47
N LYS B 290 18.32 43.70 28.53
CA LYS B 290 19.29 43.41 27.48
C LYS B 290 20.68 43.19 28.06
N THR B 291 21.12 44.08 28.93
CA THR B 291 22.41 43.92 29.59
C THR B 291 22.36 42.97 30.76
N ASP B 292 21.16 42.64 31.25
CA ASP B 292 21.00 41.72 32.37
C ASP B 292 21.20 40.29 31.89
N GLU B 293 22.34 39.70 32.24
CA GLU B 293 22.67 38.35 31.76
C GLU B 293 22.58 37.31 32.86
N LEU B 294 21.98 37.65 34.00
CA LEU B 294 21.53 36.68 34.97
C LEU B 294 20.04 36.44 34.88
N PHE B 295 19.33 37.28 34.15
CA PHE B 295 17.93 37.11 33.85
C PHE B 295 17.72 36.33 32.57
N GLN B 296 18.58 36.55 31.58
CA GLN B 296 18.51 35.78 30.35
C GLN B 296 19.07 34.38 30.51
N ASN B 297 19.66 34.05 31.65
CA ASN B 297 19.96 32.67 31.99
C ASN B 297 18.77 32.01 32.66
N TRP B 298 17.92 32.77 33.33
CA TRP B 298 16.74 32.17 33.93
C TRP B 298 15.65 31.99 32.88
N MET B 299 15.44 32.99 32.03
CA MET B 299 14.31 32.93 31.12
C MET B 299 14.41 31.84 30.07
N MET B 300 15.58 31.26 29.85
CA MET B 300 15.70 30.11 28.97
C MET B 300 15.62 28.86 29.84
N LEU B 301 14.47 28.19 29.79
CA LEU B 301 14.08 27.29 30.86
C LEU B 301 14.92 26.03 30.85
N ALA B 302 15.03 25.43 32.02
CA ALA B 302 15.73 24.18 32.16
C ALA B 302 14.87 23.07 31.57
N ALA B 303 15.38 21.84 31.61
CA ALA B 303 14.67 20.70 31.07
C ALA B 303 14.42 19.61 32.09
N ALA B 304 15.03 19.67 33.26
CA ALA B 304 14.88 18.68 34.30
C ALA B 304 14.54 19.36 35.60
N PRO B 305 14.31 18.63 36.68
CA PRO B 305 14.20 19.27 37.99
C PRO B 305 15.55 19.74 38.53
N ASN B 306 16.58 18.91 38.39
CA ASN B 306 17.91 19.22 38.90
C ASN B 306 18.74 19.81 37.78
N PHE B 307 19.04 21.11 37.86
CA PHE B 307 19.71 21.79 36.76
C PHE B 307 20.78 22.73 37.29
N TYR B 308 21.61 23.20 36.36
CA TYR B 308 22.66 24.15 36.64
C TYR B 308 22.45 25.39 35.79
N LYS B 309 22.88 26.55 36.30
CA LYS B 309 22.88 27.77 35.50
C LYS B 309 24.14 28.54 35.80
N LEU B 310 24.56 29.35 34.82
CA LEU B 310 25.83 30.05 34.91
C LEU B 310 25.65 31.37 35.64
N TYR B 311 26.58 31.69 36.53
CA TYR B 311 26.55 32.93 37.28
C TYR B 311 27.73 33.84 36.96
N GLN B 312 28.96 33.35 37.09
CA GLN B 312 30.14 34.16 36.89
C GLN B 312 31.11 33.45 35.96
N LYS B 313 31.80 34.22 35.12
CA LYS B 313 32.79 33.67 34.21
C LYS B 313 34.07 34.49 34.26
N ASN B 314 35.18 33.80 34.07
CA ASN B 314 36.51 34.39 34.05
C ASN B 314 37.15 33.86 32.78
N ASP B 315 37.79 34.74 32.00
CA ASP B 315 38.38 34.30 30.75
C ASP B 315 39.87 34.56 30.60
N THR B 316 40.48 35.34 31.49
CA THR B 316 41.82 35.84 31.22
C THR B 316 42.84 35.54 32.31
N HIS B 317 42.57 34.64 33.24
CA HIS B 317 43.54 34.40 34.30
C HIS B 317 43.34 33.02 34.88
N PRO B 318 44.39 32.41 35.43
CA PRO B 318 44.23 31.13 36.12
C PRO B 318 44.00 31.31 37.61
N MET B 319 43.25 30.39 38.19
CA MET B 319 42.90 30.45 39.60
C MET B 319 43.97 29.69 40.37
N LEU B 320 44.89 30.43 40.96
CA LEU B 320 46.01 29.81 41.67
C LEU B 320 45.51 29.01 42.87
N ALA B 321 46.34 28.07 43.30
CA ALA B 321 45.96 27.21 44.40
C ALA B 321 45.86 28.00 45.69
N GLY B 322 45.10 27.45 46.65
CA GLY B 322 44.94 28.11 47.93
C GLY B 322 43.52 28.08 48.44
N GLN B 323 43.26 28.74 49.56
CA GLN B 323 41.92 28.77 50.14
C GLN B 323 41.23 30.06 49.75
N TYR B 324 40.03 29.93 49.22
CA TYR B 324 39.20 31.04 48.79
C TYR B 324 38.00 31.17 49.69
N GLU B 325 37.33 32.32 49.59
CA GLU B 325 36.17 32.62 50.42
C GLU B 325 35.10 33.30 49.58
N ILE B 326 33.86 32.87 49.76
CA ILE B 326 32.72 33.39 49.02
C ILE B 326 31.65 33.85 49.99
N GLU B 327 31.06 35.01 49.71
CA GLU B 327 29.89 35.50 50.42
C GLU B 327 28.66 35.23 49.57
N ILE B 328 27.78 34.37 50.05
CA ILE B 328 26.56 34.00 49.37
C ILE B 328 25.41 34.53 50.22
N GLU B 329 24.72 35.54 49.75
CA GLU B 329 23.54 35.97 50.49
C GLU B 329 22.45 34.97 50.16
N SER B 330 21.83 34.39 51.19
CA SER B 330 20.86 33.32 50.97
C SER B 330 19.46 33.91 50.98
N ASN B 331 18.97 34.30 49.82
CA ASN B 331 17.61 34.82 49.69
C ASN B 331 16.62 33.76 49.24
N PHE B 332 16.98 32.95 48.26
CA PHE B 332 16.12 31.89 47.74
C PHE B 332 16.03 30.79 48.77
N ASP B 333 14.94 30.76 49.54
CA ASP B 333 14.75 29.71 50.54
C ASP B 333 14.30 28.45 49.83
N VAL B 334 15.15 27.42 49.85
CA VAL B 334 14.97 26.25 49.02
C VAL B 334 14.51 25.09 49.86
N THR B 335 14.87 25.10 51.15
CA THR B 335 14.50 23.97 51.99
C THR B 335 13.02 23.91 52.29
N VAL B 336 12.23 24.88 51.82
CA VAL B 336 10.81 24.90 52.11
C VAL B 336 10.01 24.00 51.19
N TYR B 337 10.60 23.54 50.08
CA TYR B 337 9.96 22.57 49.21
C TYR B 337 10.81 21.31 49.07
N LYS B 338 11.58 20.99 50.10
CA LYS B 338 12.44 19.80 50.14
C LYS B 338 13.46 19.79 49.02
N GLY B 339 13.78 20.94 48.46
CA GLY B 339 14.82 21.02 47.45
C GLY B 339 16.17 21.25 48.06
N ARG B 340 17.17 21.36 47.18
CA ARG B 340 18.53 21.69 47.58
C ARG B 340 19.11 22.65 46.57
N LYS B 341 20.17 23.35 46.99
CA LYS B 341 20.87 24.26 46.11
C LYS B 341 22.35 24.21 46.46
N ALA B 342 23.18 24.55 45.49
CA ALA B 342 24.63 24.43 45.66
C ALA B 342 25.31 25.33 44.63
N PHE B 343 26.62 25.44 44.75
CA PHE B 343 27.39 26.21 43.77
C PHE B 343 28.63 25.43 43.38
N VAL B 344 28.97 25.48 42.09
CA VAL B 344 30.00 24.64 41.53
C VAL B 344 30.93 25.50 40.69
N ILE B 345 32.23 25.29 40.87
CA ILE B 345 33.27 25.99 40.15
C ILE B 345 33.90 25.01 39.17
N THR B 346 33.57 25.13 37.90
CA THR B 346 34.08 24.21 36.89
C THR B 346 35.10 24.89 36.01
N THR B 347 36.07 24.11 35.54
CA THR B 347 36.87 24.47 34.37
C THR B 347 36.44 23.59 33.21
N LEU B 348 36.64 24.09 32.00
CA LEU B 348 36.01 23.49 30.83
C LEU B 348 36.97 22.58 30.07
N SER B 349 36.39 21.77 29.19
CA SER B 349 37.10 21.11 28.10
C SER B 349 36.36 21.44 26.82
N THR B 350 36.70 20.78 25.71
CA THR B 350 35.96 21.00 24.48
C THR B 350 34.66 20.20 24.43
N MET B 351 34.52 19.20 25.30
CA MET B 351 33.29 18.43 25.40
C MET B 351 32.24 19.15 26.22
N GLY B 352 32.67 19.83 27.26
CA GLY B 352 31.79 20.51 28.19
C GLY B 352 32.42 20.50 29.58
N SER B 353 31.63 20.17 30.57
CA SER B 353 32.14 19.95 31.91
C SER B 353 32.23 18.45 32.17
N ARG B 354 32.56 18.08 33.40
CA ARG B 354 32.85 16.68 33.70
C ARG B 354 31.59 15.84 33.55
N ASN B 355 31.54 15.05 32.48
CA ASN B 355 30.55 13.99 32.32
C ASN B 355 31.33 12.71 32.03
N ILE B 356 31.45 11.85 33.03
CA ILE B 356 32.14 10.58 32.83
C ILE B 356 31.37 9.63 31.94
N TRP B 357 30.10 9.94 31.64
CA TRP B 357 29.16 9.02 31.00
C TRP B 357 29.23 8.91 29.49
N PRO B 358 29.46 9.98 28.72
CA PRO B 358 29.70 9.78 27.29
C PRO B 358 30.83 8.82 27.00
N GLY B 359 31.94 8.92 27.73
CA GLY B 359 33.04 8.00 27.52
C GLY B 359 32.64 6.56 27.79
N ILE B 360 31.97 6.33 28.92
CA ILE B 360 31.62 4.95 29.26
C ILE B 360 30.55 4.40 28.32
N ILE B 361 29.64 5.24 27.83
CA ILE B 361 28.64 4.77 26.89
C ILE B 361 29.28 4.40 25.56
N PHE B 362 30.14 5.28 25.04
CA PHE B 362 30.87 4.94 23.82
C PHE B 362 31.70 3.68 24.01
N LEU B 363 32.31 3.51 25.19
CA LEU B 363 33.14 2.35 25.41
C LEU B 363 32.30 1.08 25.57
N ILE B 364 31.10 1.18 26.11
CA ILE B 364 30.24 0.00 26.21
C ILE B 364 29.74 -0.41 24.83
N VAL B 365 29.31 0.55 24.02
CA VAL B 365 28.88 0.20 22.67
C VAL B 365 30.05 -0.37 21.88
N GLY B 366 31.23 0.22 22.00
CA GLY B 366 32.39 -0.31 21.31
C GLY B 366 32.79 -1.68 21.81
N GLY B 367 32.67 -1.91 23.12
CA GLY B 367 33.04 -3.20 23.67
C GLY B 367 32.09 -4.30 23.25
N ILE B 368 30.79 -4.00 23.18
CA ILE B 368 29.88 -5.04 22.73
C ILE B 368 29.97 -5.23 21.22
N CYS B 369 30.29 -4.19 20.45
CA CYS B 369 30.60 -4.42 19.04
C CYS B 369 31.84 -5.29 18.90
N LEU B 370 32.82 -5.14 19.79
CA LEU B 370 34.00 -5.98 19.71
C LEU B 370 33.69 -7.43 20.09
N VAL B 371 32.85 -7.62 21.11
CA VAL B 371 32.47 -8.98 21.49
C VAL B 371 31.67 -9.64 20.37
N LEU B 372 30.73 -8.91 19.78
CA LEU B 372 29.98 -9.48 18.65
C LEU B 372 30.87 -9.72 17.45
N ASP B 373 31.87 -8.86 17.23
CA ASP B 373 32.80 -9.07 16.14
C ASP B 373 33.62 -10.34 16.38
N ILE B 374 34.07 -10.56 17.60
CA ILE B 374 34.76 -11.79 17.92
C ILE B 374 33.86 -12.98 17.67
N TYR B 375 32.63 -12.92 18.18
CA TYR B 375 31.71 -14.04 18.00
C TYR B 375 31.48 -14.34 16.52
N PHE B 376 31.28 -13.31 15.71
CA PHE B 376 30.97 -13.55 14.31
C PHE B 376 32.19 -14.05 13.55
N ILE B 377 33.33 -13.35 13.64
CA ILE B 377 34.51 -13.84 12.94
C ILE B 377 34.82 -15.27 13.35
N LEU B 378 34.80 -15.56 14.64
CA LEU B 378 35.08 -16.88 15.15
C LEU B 378 34.09 -17.90 14.60
N SER B 379 32.81 -17.79 14.97
CA SER B 379 31.83 -18.77 14.54
C SER B 379 31.81 -18.90 13.02
N PHE B 380 31.45 -17.83 12.32
CA PHE B 380 31.26 -17.88 10.89
C PHE B 380 32.56 -18.15 10.13
N PHE B 381 33.69 -18.27 10.84
CA PHE B 381 34.93 -18.68 10.21
C PHE B 381 35.51 -19.97 10.76
N ILE B 382 35.16 -20.37 11.98
CA ILE B 382 35.83 -21.49 12.63
C ILE B 382 34.82 -22.54 13.05
N TRP B 383 33.57 -22.12 13.28
CA TRP B 383 32.53 -23.02 13.76
C TRP B 383 31.37 -23.01 12.78
N ARG B 384 31.27 -24.06 11.97
CA ARG B 384 30.11 -24.28 11.11
C ARG B 384 29.89 -23.11 10.16
N PRO B 385 30.75 -22.92 9.16
CA PRO B 385 30.55 -21.81 8.22
C PRO B 385 29.20 -21.82 7.53
N ARG B 386 28.50 -22.96 7.45
CA ARG B 386 27.17 -23.03 6.84
C ARG B 386 27.23 -22.58 5.38
N LYS B 387 27.82 -23.45 4.55
CA LYS B 387 28.12 -23.16 3.16
C LYS B 387 27.07 -22.27 2.49
N LEU B 388 27.52 -21.21 1.83
CA LEU B 388 26.63 -20.14 1.40
C LEU B 388 25.60 -20.61 0.40
N GLY B 389 24.36 -20.16 0.60
CA GLY B 389 23.30 -20.44 -0.35
C GLY B 389 23.00 -21.91 -0.54
N ASP B 390 23.47 -22.78 0.35
CA ASP B 390 23.36 -24.21 0.14
C ASP B 390 21.90 -24.64 0.08
N PRO B 391 21.57 -25.61 -0.74
CA PRO B 391 20.17 -26.04 -0.90
C PRO B 391 19.79 -27.16 0.07
N SER B 392 19.83 -26.86 1.35
CA SER B 392 19.36 -27.81 2.35
C SER B 392 18.56 -27.15 3.46
N TYR B 393 18.42 -25.83 3.47
CA TYR B 393 17.57 -25.13 4.41
C TYR B 393 16.37 -24.51 3.71
N LEU B 394 16.08 -24.93 2.48
CA LEU B 394 15.12 -24.23 1.64
C LEU B 394 13.68 -24.62 1.93
N SER B 395 13.42 -25.46 2.93
CA SER B 395 12.07 -25.73 3.42
C SER B 395 11.21 -26.46 2.40
N TRP B 396 11.73 -26.67 1.20
CA TRP B 396 11.10 -27.56 0.23
C TRP B 396 12.08 -28.63 -0.25
N ASN B 397 13.32 -28.59 0.21
CA ASN B 397 14.25 -29.70 0.13
C ASN B 397 14.25 -30.52 1.41
N GLN B 398 13.17 -30.47 2.18
CA GLN B 398 13.05 -31.23 3.41
C GLN B 398 11.68 -31.88 3.51
C1 NAG C . 13.00 56.18 49.29
C2 NAG C . 12.27 56.50 50.57
C3 NAG C . 10.77 56.26 50.40
C4 NAG C . 10.24 57.03 49.20
C5 NAG C . 11.09 56.72 47.96
C6 NAG C . 10.72 57.57 46.77
C7 NAG C . 14.00 55.85 52.20
C8 NAG C . 14.34 54.93 53.33
N2 NAG C . 12.78 55.70 51.68
O3 NAG C . 10.08 56.67 51.58
O4 NAG C . 8.90 56.67 48.94
O5 NAG C . 12.47 56.98 48.24
O6 NAG C . 10.96 56.89 45.55
O7 NAG C . 14.79 56.69 51.78
C1 NAG C . 8.15 57.80 49.19
C2 NAG C . 6.62 57.79 49.11
C3 NAG C . 6.10 59.19 48.85
C4 NAG C . 6.68 60.18 49.86
C5 NAG C . 8.19 60.07 49.90
C6 NAG C . 8.82 60.93 50.98
C7 NAG C . 6.21 55.54 48.19
C8 NAG C . 5.68 54.76 47.02
N2 NAG C . 6.16 56.87 48.08
O3 NAG C . 4.68 59.18 48.95
O4 NAG C . 6.31 61.51 49.49
O5 NAG C . 8.57 58.72 50.18
O6 NAG C . 9.37 60.14 52.03
O7 NAG C . 6.67 54.99 49.18
C1 NAG D . 14.33 36.00 46.79
C2 NAG D . 13.45 36.93 47.56
C3 NAG D . 12.55 36.15 48.46
C4 NAG D . 11.67 35.20 47.69
C5 NAG D . 12.62 34.32 46.92
C6 NAG D . 11.87 33.43 45.95
C7 NAG D . 14.99 38.75 47.81
C8 NAG D . 16.21 39.04 48.59
N2 NAG D . 14.24 37.81 48.33
O3 NAG D . 11.66 37.10 48.99
O4 NAG D . 10.89 34.45 48.65
O5 NAG D . 13.47 35.12 46.11
O6 NAG D . 11.26 34.25 44.98
O7 NAG D . 14.74 39.33 46.80
C1 NAG D . 9.47 34.77 48.67
C2 NAG D . 8.67 33.70 49.34
C3 NAG D . 7.24 34.09 49.35
C4 NAG D . 6.98 35.38 50.02
C5 NAG D . 7.81 36.41 49.33
C6 NAG D . 7.75 37.70 50.11
C7 NAG D . 9.45 31.50 48.88
C8 NAG D . 9.62 30.41 47.89
N2 NAG D . 8.65 32.48 48.58
O3 NAG D . 6.74 33.29 50.36
O4 NAG D . 5.61 35.60 49.73
O5 NAG D . 9.17 35.98 49.34
O6 NAG D . 7.60 38.83 49.28
O7 NAG D . 10.05 31.52 49.90
C1 BMA D . 4.93 35.90 50.97
C2 BMA D . 4.36 37.31 50.90
C3 BMA D . 3.55 37.66 52.13
C4 BMA D . 2.49 36.59 52.36
C5 BMA D . 3.15 35.22 52.44
C6 BMA D . 2.11 34.13 52.65
O2 BMA D . 3.54 37.44 49.73
O3 BMA D . 2.91 38.93 51.95
O4 BMA D . 1.79 36.86 53.57
O5 BMA D . 3.89 34.95 51.25
O6 BMA D . 2.76 32.92 53.07
C1 NAG E . -5.86 43.76 33.97
C2 NAG E . -6.65 45.04 33.70
C3 NAG E . -6.74 45.99 34.89
C4 NAG E . -7.45 45.12 35.87
C5 NAG E . -6.69 43.85 36.20
C6 NAG E . -7.45 43.08 37.26
C7 NAG E . -7.30 46.48 32.01
C8 NAG E . -7.33 46.60 30.53
N2 NAG E . -6.31 45.79 32.52
O3 NAG E . -7.49 47.14 34.62
O4 NAG E . -8.25 45.70 36.88
O5 NAG E . -6.60 43.09 34.99
O6 NAG E . -8.83 43.44 37.32
O7 NAG E . -8.16 46.95 32.71
C1 NAG E . -7.74 46.38 38.03
C2 NAG E . -8.50 47.72 38.06
C3 NAG E . -8.37 48.39 39.40
C4 NAG E . -8.91 47.46 40.45
C5 NAG E . -8.14 46.15 40.38
C6 NAG E . -8.64 45.14 41.39
C7 NAG E . -8.50 49.87 36.91
C8 NAG E . -8.87 50.32 35.55
N2 NAG E . -8.05 48.64 37.03
O3 NAG E . -9.13 49.57 39.52
O4 NAG E . -8.80 48.13 41.71
O5 NAG E . -8.28 45.60 39.08
O6 NAG E . -7.63 44.14 41.54
O7 NAG E . -8.61 50.61 37.84
C1 NAG F . 39.46 37.02 35.75
C2 NAG F . 39.03 38.40 35.45
C3 NAG F . 40.18 39.37 35.41
C4 NAG F . 40.80 39.51 36.75
C5 NAG F . 41.19 38.13 37.03
C6 NAG F . 41.57 38.25 38.45
C7 NAG F . 37.63 39.35 33.80
C8 NAG F . 36.75 39.16 32.64
N2 NAG F . 38.36 38.35 34.20
O3 NAG F . 39.71 40.61 34.98
O4 NAG F . 41.98 40.29 36.83
O5 NAG F . 40.07 37.25 36.99
O6 NAG F . 42.91 38.60 38.48
O7 NAG F . 37.71 40.40 34.38
C1 NAG F . 42.11 41.21 37.94
C2 NAG F . 43.56 41.74 37.83
C3 NAG F . 43.85 43.06 38.50
C4 NAG F . 42.88 44.06 37.95
C5 NAG F . 41.48 43.56 38.09
C6 NAG F . 40.54 44.60 37.54
C7 NAG F . 45.71 40.96 38.58
C8 NAG F . 46.50 40.18 39.58
N2 NAG F . 44.38 40.91 38.65
O3 NAG F . 45.01 43.43 37.79
O4 NAG F . 43.07 45.48 38.19
O5 NAG F . 41.34 42.29 37.45
O6 NAG F . 40.45 45.63 38.51
O7 NAG F . 46.23 41.64 37.71
C1 BMA F . 43.49 46.09 39.45
C2 BMA F . 44.99 46.09 39.55
C3 BMA F . 45.42 46.78 40.83
C4 BMA F . 44.94 48.21 40.76
C5 BMA F . 43.44 48.19 40.66
C6 BMA F . 42.96 49.62 40.59
O2 BMA F . 45.45 46.81 38.40
O3 BMA F . 46.83 46.71 41.01
O4 BMA F . 45.32 48.92 41.94
O5 BMA F . 43.13 47.49 39.45
O6 BMA F . 41.75 49.69 39.86
MG MG G . -15.10 -18.96 -21.32
PG ACP H . -16.11 -22.42 -21.21
O1G ACP H . -15.70 -21.00 -21.34
O2G ACP H . -15.97 -22.89 -19.69
O3G ACP H . -15.17 -23.33 -22.15
PB ACP H . -17.92 -22.58 -23.56
O1B ACP H . -17.15 -23.73 -24.09
O2B ACP H . -17.28 -21.21 -24.11
C3B ACP H . -17.84 -22.59 -21.74
PA ACP H . -19.84 -22.47 -25.58
O1A ACP H . -19.09 -23.49 -26.41
O2A ACP H . -19.71 -21.00 -25.90
O3A ACP H . -19.45 -22.70 -24.04
O5' ACP H . -21.40 -22.86 -25.61
C5' ACP H . -22.14 -22.81 -26.83
C4' ACP H . -22.27 -24.22 -27.40
O4' ACP H . -23.22 -24.20 -28.48
C3' ACP H . -20.94 -24.72 -27.94
O3' ACP H . -20.52 -25.86 -27.18
C2' ACP H . -21.18 -25.05 -29.41
O2' ACP H . -20.92 -26.41 -29.73
C1' ACP H . -22.65 -24.73 -29.68
N9 ACP H . -22.75 -23.73 -30.77
C8 ACP H . -22.44 -22.42 -30.67
N7 ACP H . -22.66 -21.77 -31.84
C5 ACP H . -23.12 -22.67 -32.73
C6 ACP H . -23.54 -22.66 -34.15
N6 ACP H . -23.51 -21.52 -34.88
N1 ACP H . -23.95 -23.83 -34.69
C2 ACP H . -23.99 -24.96 -33.98
N3 ACP H . -23.61 -25.05 -32.68
C4 ACP H . -23.18 -23.96 -32.01
C P5S I . 13.76 -7.89 7.38
N P5S I . 11.62 -8.95 7.84
O P5S I . 14.93 -7.63 7.60
C1 P5S I . 12.38 -13.11 14.67
C2 P5S I . 12.42 -11.88 13.79
C3 P5S I . 13.76 -11.76 13.09
CA P5S I . 12.92 -8.57 8.42
CB P5S I . 13.62 -9.81 8.99
OG P5S I . 14.52 -9.40 10.01
P12 P5S I . 14.93 -10.45 11.16
O13 P5S I . 15.51 -11.65 10.54
O15 P5S I . 16.01 -9.81 12.16
O16 P5S I . 13.64 -10.83 12.02
C17 P5S I . 12.76 -13.63 17.06
O18 P5S I . 11.73 -14.27 17.06
O19 P5S I . 13.08 -12.85 15.87
C20 P5S I . 13.69 -13.64 18.23
C21 P5S I . 13.74 -12.27 18.89
C22 P5S I . 14.78 -12.29 19.99
C23 P5S I . 14.96 -10.91 20.58
C24 P5S I . 16.40 -10.71 21.06
C25 P5S I . 16.64 -9.27 21.49
C26 P5S I . 18.09 -9.05 21.88
C27 P5S I . 19.03 -9.26 20.69
C28 P5S I . 20.43 -8.77 21.01
O37 P5S I . 12.23 -10.75 14.63
C38 P5S I . 11.57 -9.63 13.97
C39 P5S I . 11.83 -8.25 14.50
C40 P5S I . 12.92 -8.38 15.56
C41 P5S I . 12.99 -7.16 16.46
C42 P5S I . 13.86 -7.49 17.65
C43 P5S I . 13.72 -6.43 18.73
C44 P5S I . 14.79 -6.62 19.80
C45 P5S I . 14.70 -5.57 20.89
C46 P5S I . 15.82 -5.80 21.89
O47 P5S I . 10.84 -9.83 13.02
C48 P5S I . 15.69 -4.91 23.12
C49 P5S I . 16.68 -5.34 24.19
C50 P5S I . 18.10 -5.38 23.64
OXT P5S I . 13.24 -7.56 6.20
C1 NAG J . 36.52 42.60 42.18
C2 NAG J . 35.59 43.76 41.82
C3 NAG J . 35.49 44.73 43.00
C4 NAG J . 35.12 44.00 44.28
C5 NAG J . 36.08 42.84 44.51
C6 NAG J . 35.70 41.99 45.70
C7 NAG J . 35.24 44.69 39.59
C8 NAG J . 35.87 45.42 38.43
N2 NAG J . 36.04 44.44 40.63
O3 NAG J . 34.50 45.72 42.71
O4 NAG J . 35.20 44.89 45.39
O5 NAG J . 36.08 41.97 43.38
O6 NAG J . 35.78 40.62 45.39
O7 NAG J . 34.05 44.34 39.56
#